data_2Y7H
#
_entry.id   2Y7H
#
_cell.length_a   1.000
_cell.length_b   1.000
_cell.length_c   1.000
_cell.angle_alpha   90.00
_cell.angle_beta   90.00
_cell.angle_gamma   90.00
#
_symmetry.space_group_name_H-M   'P 1'
#
loop_
_entity.id
_entity.type
_entity.pdbx_description
1 polymer 'TYPE-1 RESTRICTION ENZYME ECOKI SPECIFICITY PROTEIN'
2 polymer 'TYPE I RESTRICTION ENZYME ECOKI M PROTEIN'
3 polymer "5'-D(*GP*TP*TP*CP*AP*AP*CP*GP*TP*CP*GP*AP*CP*GP *TP*GP*CP*AP*AP*C)-3'"
4 polymer "5'-D(*GP*TP*TP*GP*CP*AP*CP*GP*TP*CP*GP*AP*CP*GP *TP*TP*GP*AP*AP*C)-3'"
5 non-polymer S-ADENOSYLMETHIONINE
#
loop_
_entity_poly.entity_id
_entity_poly.type
_entity_poly.pdbx_seq_one_letter_code
_entity_poly.pdbx_strand_id
1 'polypeptide(L)'
;MSAGKLPEGWVIAPVSTVTTLIRGVTYKKEQAINYLKDDYLPLIRANNIQNGKFDTTDLVFVPKNLVKESQKISPEDIVI
AMSSGSKSVVGKSAHQHLPFECSFGAFCGVLRPEKLIFSGFIAHFTKSSLYRNKISSLSAGANINNIKPASFDLINIPIP
PLAEQKIIAEKLDTLLAQVDSTKARFEQIPQILKRFRQAVLGGAVNGKLTEKWRNFEPQHSVFKKLNFESILTELRNGLS
SKPNESGVGHPILRISSVRAGHVDQNDIRFLECSESELNRHKLQDGDLLFTRYNGSLEFVGVCGLLKKLQHQNLLYPDKL
IRARLTKDALPEYIEIFFSSPSARNAMMNCVKTTSGQKGISGKDIKSQVVLLPPVKEQAEIVRRVEQLFAYADTIEKQVN
NALARVNNLTQSILAKAFRGELTAQWRAENPDLISGENSAAALLEKIKAERAASGGKKASRKKS
;
A
2 'polypeptide(L)'
;MNNNDLVAKLWKLCDNLRDGGVSYQNYVNELASLLFLKMCKETGQEAEYLPEGYRWDDLKSRIGQEQLQFYRKMLVHLGE
DDKKLVQAVFHNVSTTITEPKQITALVSNMDSLDWYNGAHGKSRDDFGDMYEGLLQKNANETKSGAGQYFTPRPLIKTII
HLLKPQPREVVQDPAAGTAGFLIEADRYVKSQTNDLDDLDGDTQDFQIHRAFIGLELVPGTRRLALMNCLLHDIEGNLDH
GGAIRLGNTLGSDGENLPKAHIVATNPPFGSAAGTNITRTFVHPTSNKQLCFMQHIIETLHPGGRAAVVVPDNVLFEGGK
GTDIRRDLMDKCHLHTILRLPTGIFYAQGVKTNVLFFTKGTVANPNQDKNCTDDVWVYDLRTNMPSFGKRTPFTDEHLQP
FERVYGEDPHGLSPRTEGEWSFNAEETEVADSEENKNTDQHLATSRWRKFSREWIRTAKSDSLDISWLKDKDSIDADSLP
EPDVLAAEAMGELVQALSELDALMRELGASDEADLQRQLLEEAFGGVKE
;
B,C
3 'polydeoxyribonucleotide' (DG)(DT)(DT)(DC)(DA)(DA)(DC)(DG)(DT)(DC)(DG)(DA)(DC)(DG)(DT)(DG)(DC)(DA)(DA)(DC) D
4 'polydeoxyribonucleotide' (DG)(DT)(DT)(DG)(DC)(DA)(DC)(DG)(DT)(DC)(DG)(DA)(DC)(DG)(DT)(DT)(DG)(DA)(DA)(DC) E
#
# COMPACT_ATOMS: atom_id res chain seq x y z
N MET A 1 10.11 -47.74 -2.46
CA MET A 1 10.15 -46.58 -1.54
C MET A 1 11.07 -45.55 -2.09
N SER A 2 10.57 -44.31 -2.22
CA SER A 2 11.34 -43.24 -2.79
C SER A 2 10.67 -41.99 -2.33
N ALA A 3 10.20 -41.17 -3.29
CA ALA A 3 9.53 -39.97 -2.92
C ALA A 3 8.37 -40.40 -2.09
N GLY A 4 7.71 -41.49 -2.51
CA GLY A 4 6.60 -42.02 -1.76
C GLY A 4 6.52 -43.46 -2.12
N LYS A 5 5.54 -44.18 -1.55
CA LYS A 5 5.43 -45.57 -1.89
C LYS A 5 5.16 -45.59 -3.35
N LEU A 6 5.94 -46.39 -4.12
CA LEU A 6 5.72 -46.37 -5.53
C LEU A 6 5.65 -47.80 -5.97
N PRO A 7 4.79 -48.01 -6.92
CA PRO A 7 4.57 -49.34 -7.44
C PRO A 7 5.67 -49.90 -8.29
N GLU A 8 5.59 -51.22 -8.55
CA GLU A 8 6.54 -52.00 -9.29
C GLU A 8 6.71 -51.45 -10.67
N GLY A 9 5.60 -51.15 -11.35
CA GLY A 9 5.67 -50.75 -12.71
C GLY A 9 6.43 -49.47 -12.86
N TRP A 10 6.25 -48.53 -11.92
CA TRP A 10 6.69 -47.22 -12.23
C TRP A 10 8.10 -46.98 -11.84
N VAL A 11 8.63 -45.91 -12.46
CA VAL A 11 9.95 -45.47 -12.22
C VAL A 11 9.83 -44.04 -11.83
N ILE A 12 10.85 -43.51 -11.12
CA ILE A 12 10.80 -42.14 -10.71
C ILE A 12 11.75 -41.41 -11.60
N ALA A 13 11.27 -40.37 -12.30
CA ALA A 13 12.14 -39.65 -13.18
C ALA A 13 11.87 -38.19 -12.97
N PRO A 14 12.90 -37.42 -13.25
CA PRO A 14 12.78 -35.99 -13.14
C PRO A 14 12.04 -35.47 -14.33
N VAL A 15 11.42 -34.29 -14.20
CA VAL A 15 10.69 -33.69 -15.28
C VAL A 15 11.67 -33.30 -16.35
N SER A 16 12.87 -32.86 -15.96
CA SER A 16 13.80 -32.39 -16.96
C SER A 16 14.07 -33.50 -17.93
N THR A 17 14.36 -34.71 -17.43
CA THR A 17 14.69 -35.78 -18.34
C THR A 17 13.52 -36.05 -19.21
N VAL A 18 12.31 -36.10 -18.64
CA VAL A 18 11.15 -36.44 -19.40
C VAL A 18 10.83 -35.35 -20.38
N THR A 19 11.07 -34.07 -20.03
CA THR A 19 10.66 -32.95 -20.85
C THR A 19 11.74 -32.56 -21.81
N THR A 20 11.32 -32.29 -23.06
CA THR A 20 12.22 -31.89 -24.12
C THR A 20 12.80 -30.53 -23.86
N LEU A 21 11.95 -29.52 -23.54
CA LEU A 21 12.51 -28.21 -23.39
C LEU A 21 11.79 -27.48 -22.30
N ILE A 22 12.55 -26.76 -21.46
CA ILE A 22 11.97 -25.94 -20.45
C ILE A 22 12.69 -24.63 -20.52
N ARG A 23 11.95 -23.51 -20.66
CA ARG A 23 12.64 -22.24 -20.73
C ARG A 23 11.68 -21.16 -20.34
N GLY A 24 12.22 -19.99 -19.98
CA GLY A 24 11.42 -18.86 -19.60
C GLY A 24 11.26 -17.98 -20.80
N VAL A 25 10.80 -16.74 -20.57
CA VAL A 25 10.62 -15.81 -21.64
C VAL A 25 11.01 -14.48 -21.06
N THR A 26 10.93 -13.37 -21.82
CA THR A 26 11.35 -12.13 -21.23
C THR A 26 10.42 -11.02 -21.64
N TYR A 27 10.80 -9.77 -21.31
CA TYR A 27 9.99 -8.61 -21.59
C TYR A 27 10.79 -7.71 -22.49
N LYS A 28 10.09 -7.06 -23.44
CA LYS A 28 10.64 -6.20 -24.47
C LYS A 28 10.64 -4.78 -24.02
N LYS A 29 11.32 -3.91 -24.79
CA LYS A 29 11.35 -2.52 -24.45
C LYS A 29 10.00 -1.97 -24.74
N GLU A 30 9.32 -1.53 -23.67
CA GLU A 30 7.98 -1.00 -23.75
C GLU A 30 8.00 0.30 -24.47
N GLN A 31 9.07 1.09 -24.28
CA GLN A 31 9.11 2.42 -24.80
C GLN A 31 8.96 2.43 -26.29
N ALA A 32 9.64 1.52 -27.00
CA ALA A 32 9.54 1.60 -28.44
C ALA A 32 8.16 1.23 -28.86
N ILE A 33 7.58 2.07 -29.76
CA ILE A 33 6.28 1.92 -30.32
C ILE A 33 6.24 0.78 -31.30
N ASN A 34 7.30 0.64 -32.12
CA ASN A 34 7.32 -0.28 -33.22
C ASN A 34 7.11 -1.67 -32.75
N TYR A 35 7.66 -2.02 -31.57
CA TYR A 35 7.56 -3.40 -31.16
C TYR A 35 6.12 -3.81 -31.05
N LEU A 36 5.29 -3.02 -30.35
CA LEU A 36 3.90 -3.35 -30.17
C LEU A 36 3.10 -3.16 -31.42
N LYS A 37 3.41 -2.10 -32.19
CA LYS A 37 2.59 -1.67 -33.29
C LYS A 37 2.29 -2.76 -34.27
N ASP A 38 1.01 -2.79 -34.72
CA ASP A 38 0.50 -3.68 -35.73
C ASP A 38 1.07 -5.04 -35.61
N ASP A 39 0.64 -5.82 -34.61
CA ASP A 39 1.27 -7.10 -34.47
C ASP A 39 0.31 -8.26 -34.57
N TYR A 40 0.78 -9.30 -35.31
CA TYR A 40 0.17 -10.58 -35.56
C TYR A 40 0.24 -11.54 -34.39
N LEU A 41 1.39 -11.64 -33.67
CA LEU A 41 1.62 -12.73 -32.75
C LEU A 41 1.15 -12.39 -31.36
N PRO A 42 0.54 -13.33 -30.68
CA PRO A 42 0.03 -13.08 -29.36
C PRO A 42 1.08 -13.01 -28.27
N LEU A 43 0.80 -12.23 -27.20
CA LEU A 43 1.71 -12.08 -26.10
C LEU A 43 0.97 -12.46 -24.85
N ILE A 44 1.64 -13.15 -23.90
CA ILE A 44 0.91 -13.55 -22.74
C ILE A 44 1.57 -13.03 -21.50
N ARG A 45 0.74 -12.79 -20.47
CA ARG A 45 1.20 -12.33 -19.20
C ARG A 45 0.59 -13.25 -18.18
N ALA A 46 0.93 -13.02 -16.90
CA ALA A 46 0.55 -13.87 -15.80
C ALA A 46 -0.95 -13.95 -15.71
N ASN A 47 -1.63 -12.82 -15.94
CA ASN A 47 -3.06 -12.77 -15.79
C ASN A 47 -3.70 -13.75 -16.72
N ASN A 48 -3.10 -13.95 -17.91
CA ASN A 48 -3.70 -14.77 -18.91
C ASN A 48 -3.99 -16.15 -18.39
N ILE A 49 -3.01 -16.80 -17.72
CA ILE A 49 -3.24 -18.15 -17.27
C ILE A 49 -4.37 -18.17 -16.29
N GLN A 50 -4.39 -17.19 -15.39
CA GLN A 50 -5.36 -17.23 -14.32
C GLN A 50 -6.73 -17.27 -14.90
N ASN A 51 -6.99 -16.49 -15.97
CA ASN A 51 -8.35 -16.48 -16.44
C ASN A 51 -8.59 -17.62 -17.37
N GLY A 52 -9.11 -18.74 -16.81
CA GLY A 52 -9.53 -19.87 -17.57
C GLY A 52 -8.38 -20.48 -18.31
N LYS A 53 -8.72 -21.26 -19.35
CA LYS A 53 -7.75 -21.93 -20.18
C LYS A 53 -7.23 -20.86 -21.09
N PHE A 54 -6.03 -21.05 -21.68
CA PHE A 54 -5.51 -19.95 -22.42
C PHE A 54 -5.98 -19.99 -23.84
N ASP A 55 -7.23 -19.53 -24.09
CA ASP A 55 -7.65 -19.39 -25.45
C ASP A 55 -7.20 -18.07 -26.00
N THR A 56 -7.26 -16.98 -25.20
CA THR A 56 -7.08 -15.68 -25.78
C THR A 56 -5.87 -14.99 -25.24
N THR A 57 -5.41 -13.95 -25.98
CA THR A 57 -4.25 -13.17 -25.66
C THR A 57 -4.65 -11.73 -25.49
N ASP A 58 -4.30 -11.14 -24.33
CA ASP A 58 -4.61 -9.76 -24.06
C ASP A 58 -3.79 -8.81 -24.88
N LEU A 59 -2.46 -9.03 -24.96
CA LEU A 59 -1.60 -8.08 -25.62
C LEU A 59 -1.09 -8.65 -26.90
N VAL A 60 -0.43 -7.80 -27.71
CA VAL A 60 0.06 -8.26 -28.97
C VAL A 60 1.53 -7.94 -29.03
N PHE A 61 2.35 -8.85 -29.62
CA PHE A 61 3.78 -8.70 -29.60
C PHE A 61 4.37 -8.97 -30.96
N VAL A 62 5.00 -7.94 -31.59
CA VAL A 62 5.53 -8.04 -32.93
C VAL A 62 6.76 -8.89 -32.96
N PRO A 63 6.94 -9.57 -34.08
CA PRO A 63 8.08 -10.40 -34.29
C PRO A 63 9.34 -9.59 -34.34
N LYS A 64 9.28 -8.33 -34.79
CA LYS A 64 10.47 -7.54 -34.81
C LYS A 64 10.90 -7.45 -33.40
N ASN A 65 9.91 -7.23 -32.53
CA ASN A 65 10.12 -7.12 -31.12
C ASN A 65 10.64 -8.45 -30.67
N LEU A 66 10.11 -9.53 -31.27
CA LEU A 66 10.45 -10.86 -30.89
C LEU A 66 11.91 -11.08 -31.12
N VAL A 67 12.44 -10.62 -32.26
CA VAL A 67 13.81 -10.88 -32.55
C VAL A 67 14.64 -10.27 -31.47
N LYS A 68 14.35 -9.00 -31.15
CA LYS A 68 15.11 -8.27 -30.17
C LYS A 68 14.91 -8.86 -28.81
N GLU A 69 13.70 -9.39 -28.53
CA GLU A 69 13.41 -9.87 -27.21
C GLU A 69 13.74 -11.33 -27.08
N SER A 70 13.96 -11.76 -25.82
CA SER A 70 14.28 -13.13 -25.47
C SER A 70 13.06 -13.96 -25.65
N GLN A 71 11.88 -13.31 -25.65
CA GLN A 71 10.63 -13.99 -25.74
C GLN A 71 10.67 -14.89 -26.94
N LYS A 72 10.10 -16.10 -26.81
CA LYS A 72 10.16 -17.01 -27.90
C LYS A 72 8.78 -17.52 -28.20
N ILE A 73 8.66 -18.21 -29.34
CA ILE A 73 7.42 -18.76 -29.80
C ILE A 73 7.30 -20.13 -29.19
N SER A 74 6.10 -20.44 -28.65
CA SER A 74 5.90 -21.70 -28.00
C SER A 74 5.00 -22.52 -28.86
N PRO A 75 5.18 -23.80 -28.77
CA PRO A 75 4.38 -24.75 -29.52
C PRO A 75 3.03 -24.92 -28.91
N GLU A 76 2.09 -25.46 -29.70
CA GLU A 76 0.74 -25.69 -29.27
C GLU A 76 0.73 -26.88 -28.38
N ASP A 77 -0.37 -27.05 -27.61
CA ASP A 77 -0.50 -28.16 -26.72
C ASP A 77 0.72 -28.19 -25.84
N ILE A 78 1.04 -27.04 -25.23
CA ILE A 78 2.19 -26.95 -24.39
C ILE A 78 1.75 -26.55 -23.01
N VAL A 79 2.41 -27.12 -21.99
CA VAL A 79 2.11 -26.81 -20.62
C VAL A 79 2.87 -25.57 -20.26
N ILE A 80 2.30 -24.75 -19.36
CA ILE A 80 2.97 -23.53 -18.98
C ILE A 80 2.85 -23.37 -17.50
N ALA A 81 3.77 -22.60 -16.88
CA ALA A 81 3.71 -22.42 -15.45
C ALA A 81 3.99 -20.98 -15.15
N MET A 82 3.60 -20.53 -13.94
CA MET A 82 3.82 -19.17 -13.55
C MET A 82 4.76 -19.16 -12.37
N SER A 83 5.85 -18.40 -12.47
CA SER A 83 6.82 -18.30 -11.42
C SER A 83 6.25 -17.58 -10.24
N SER A 84 5.71 -16.36 -10.47
CA SER A 84 5.26 -15.52 -9.39
C SER A 84 3.82 -15.80 -9.09
N GLY A 85 3.29 -15.08 -8.08
CA GLY A 85 1.89 -15.12 -7.73
C GLY A 85 1.48 -16.40 -7.08
N SER A 86 1.94 -16.67 -5.84
CA SER A 86 1.47 -17.89 -5.25
C SER A 86 1.47 -17.76 -3.77
N LYS A 87 1.02 -18.82 -3.05
CA LYS A 87 1.06 -18.83 -1.61
C LYS A 87 2.47 -19.15 -1.29
N SER A 88 3.35 -18.24 -1.72
CA SER A 88 4.77 -18.19 -1.62
C SER A 88 5.37 -19.14 -2.62
N VAL A 89 5.00 -20.44 -2.56
CA VAL A 89 5.63 -21.36 -3.46
C VAL A 89 4.86 -22.04 -4.58
N VAL A 90 3.52 -22.10 -4.54
CA VAL A 90 2.78 -23.09 -5.31
C VAL A 90 3.02 -23.17 -6.81
N GLY A 91 2.75 -22.12 -7.61
CA GLY A 91 2.94 -22.32 -9.03
C GLY A 91 1.60 -22.52 -9.67
N LYS A 92 1.50 -22.20 -10.98
CA LYS A 92 0.28 -22.32 -11.72
C LYS A 92 0.58 -23.04 -12.99
N SER A 93 -0.46 -23.53 -13.71
CA SER A 93 -0.23 -24.23 -14.94
C SER A 93 -1.33 -23.89 -15.89
N ALA A 94 -1.11 -24.14 -17.20
CA ALA A 94 -2.13 -23.87 -18.18
C ALA A 94 -1.76 -24.59 -19.46
N HIS A 95 -2.72 -24.61 -20.42
CA HIS A 95 -2.50 -25.25 -21.68
C HIS A 95 -2.87 -24.27 -22.74
N GLN A 96 -2.23 -24.32 -23.93
CA GLN A 96 -2.56 -23.35 -24.94
C GLN A 96 -3.01 -24.03 -26.20
N HIS A 97 -4.32 -23.91 -26.52
CA HIS A 97 -4.87 -24.45 -27.72
C HIS A 97 -4.46 -23.63 -28.92
N LEU A 98 -4.46 -22.29 -28.77
CA LEU A 98 -4.23 -21.41 -29.89
C LEU A 98 -2.81 -21.52 -30.37
N PRO A 99 -2.57 -21.14 -31.61
CA PRO A 99 -1.29 -21.29 -32.25
C PRO A 99 -0.20 -20.72 -31.42
N PHE A 100 1.04 -21.07 -31.80
CA PHE A 100 2.27 -20.74 -31.13
C PHE A 100 2.19 -19.32 -30.65
N GLU A 101 2.64 -19.11 -29.40
CA GLU A 101 2.54 -17.80 -28.81
C GLU A 101 3.77 -17.55 -27.99
N CYS A 102 3.88 -16.33 -27.44
CA CYS A 102 5.04 -15.98 -26.67
C CYS A 102 4.58 -15.56 -25.30
N SER A 103 5.54 -15.28 -24.38
CA SER A 103 5.18 -14.94 -23.04
C SER A 103 6.24 -14.03 -22.48
N PHE A 104 6.40 -14.02 -21.14
CA PHE A 104 7.40 -13.21 -20.52
C PHE A 104 8.14 -14.05 -19.52
N GLY A 105 8.92 -13.39 -18.65
CA GLY A 105 9.82 -14.05 -17.74
C GLY A 105 9.12 -14.97 -16.78
N ALA A 106 7.97 -14.56 -16.22
CA ALA A 106 7.37 -15.38 -15.22
C ALA A 106 6.99 -16.70 -15.79
N PHE A 107 6.45 -16.71 -17.02
CA PHE A 107 5.98 -17.93 -17.62
C PHE A 107 7.13 -18.78 -18.03
N CYS A 108 6.94 -20.12 -17.93
CA CYS A 108 7.94 -21.05 -18.35
C CYS A 108 7.25 -22.09 -19.17
N GLY A 109 7.67 -22.26 -20.44
CA GLY A 109 7.06 -23.24 -21.27
C GLY A 109 7.71 -24.55 -20.99
N VAL A 110 6.97 -25.66 -21.21
CA VAL A 110 7.54 -26.96 -21.06
C VAL A 110 6.96 -27.82 -22.14
N LEU A 111 7.82 -28.61 -22.83
CA LEU A 111 7.30 -29.44 -23.88
C LEU A 111 7.57 -30.86 -23.54
N ARG A 112 6.54 -31.72 -23.71
CA ARG A 112 6.73 -33.11 -23.44
C ARG A 112 7.06 -33.78 -24.73
N PRO A 113 7.88 -34.78 -24.61
CA PRO A 113 8.26 -35.55 -25.76
C PRO A 113 7.11 -36.36 -26.23
N GLU A 114 7.12 -36.76 -27.52
CA GLU A 114 6.02 -37.49 -28.06
C GLU A 114 5.94 -38.84 -27.44
N LYS A 115 4.73 -39.16 -26.94
CA LYS A 115 4.38 -40.43 -26.38
C LYS A 115 5.16 -40.67 -25.12
N LEU A 116 6.16 -39.83 -24.81
CA LEU A 116 6.87 -40.08 -23.58
C LEU A 116 5.97 -39.78 -22.43
N ILE A 117 5.37 -38.56 -22.46
CA ILE A 117 4.51 -38.15 -21.39
C ILE A 117 3.40 -37.34 -21.96
N PHE A 118 2.20 -37.42 -21.36
CA PHE A 118 1.08 -36.67 -21.83
C PHE A 118 1.05 -35.34 -21.13
N SER A 119 0.55 -34.31 -21.84
CA SER A 119 0.43 -33.00 -21.29
C SER A 119 -0.61 -33.03 -20.22
N GLY A 120 -1.73 -33.75 -20.48
CA GLY A 120 -2.82 -33.78 -19.55
C GLY A 120 -2.39 -34.43 -18.28
N PHE A 121 -1.60 -35.50 -18.38
CA PHE A 121 -1.21 -36.25 -17.22
C PHE A 121 -0.42 -35.35 -16.31
N ILE A 122 0.55 -34.62 -16.88
CA ILE A 122 1.41 -33.80 -16.08
C ILE A 122 0.61 -32.71 -15.42
N ALA A 123 -0.36 -32.13 -16.15
CA ALA A 123 -1.07 -31.01 -15.61
C ALA A 123 -1.74 -31.39 -14.33
N HIS A 124 -2.42 -32.55 -14.30
CA HIS A 124 -3.09 -32.96 -13.09
C HIS A 124 -2.07 -33.25 -12.04
N PHE A 125 -0.93 -33.84 -12.45
CA PHE A 125 0.05 -34.29 -11.51
C PHE A 125 0.54 -33.11 -10.71
N THR A 126 0.84 -32.00 -11.39
CA THR A 126 1.35 -30.82 -10.73
C THR A 126 0.30 -30.30 -9.80
N LYS A 127 -0.97 -30.39 -10.20
CA LYS A 127 -2.06 -29.85 -9.44
C LYS A 127 -2.13 -30.50 -8.10
N SER A 128 -1.76 -31.80 -8.02
CA SER A 128 -1.90 -32.55 -6.79
C SER A 128 -1.23 -31.83 -5.67
N SER A 129 -1.80 -31.99 -4.46
CA SER A 129 -1.34 -31.38 -3.26
C SER A 129 -0.02 -31.97 -2.90
N LEU A 130 0.21 -33.24 -3.26
CA LEU A 130 1.44 -33.89 -2.92
C LEU A 130 2.49 -33.08 -3.59
N TYR A 131 2.19 -32.61 -4.82
CA TYR A 131 3.09 -31.81 -5.58
C TYR A 131 3.36 -30.57 -4.79
N ARG A 132 2.31 -29.97 -4.21
CA ARG A 132 2.45 -28.75 -3.48
C ARG A 132 3.31 -29.00 -2.27
N ASN A 133 3.08 -30.13 -1.58
CA ASN A 133 3.77 -30.42 -0.36
C ASN A 133 5.23 -30.54 -0.65
N LYS A 134 5.57 -31.16 -1.79
CA LYS A 134 6.94 -31.37 -2.13
C LYS A 134 7.62 -30.05 -2.21
N ILE A 135 6.97 -29.09 -2.90
CA ILE A 135 7.51 -27.79 -3.13
C ILE A 135 7.61 -27.00 -1.85
N SER A 136 6.60 -27.14 -0.96
CA SER A 136 6.53 -26.37 0.26
C SER A 136 7.77 -26.59 1.05
N SER A 137 8.48 -27.68 0.75
CA SER A 137 9.67 -28.01 1.45
C SER A 137 10.68 -26.91 1.27
N LEU A 138 10.72 -26.25 0.10
CA LEU A 138 11.73 -25.25 -0.05
C LEU A 138 11.51 -24.19 0.98
N SER A 139 10.23 -23.78 1.16
CA SER A 139 9.76 -22.86 2.15
C SER A 139 9.27 -21.66 1.41
N ALA A 140 9.01 -20.56 2.14
CA ALA A 140 8.59 -19.34 1.52
C ALA A 140 9.72 -18.97 0.63
N GLY A 141 10.95 -19.24 1.09
CA GLY A 141 12.12 -18.98 0.31
C GLY A 141 12.78 -17.78 0.87
N ALA A 142 14.12 -17.75 0.75
CA ALA A 142 14.84 -16.62 1.26
C ALA A 142 15.39 -15.89 0.07
N ASN A 143 14.84 -14.70 -0.23
CA ASN A 143 15.15 -13.88 -1.38
C ASN A 143 14.34 -14.31 -2.56
N ILE A 144 13.57 -15.41 -2.47
CA ILE A 144 12.76 -15.68 -3.62
C ILE A 144 11.33 -15.81 -3.24
N ASN A 145 10.48 -15.00 -3.90
CA ASN A 145 9.07 -15.12 -3.73
C ASN A 145 8.54 -15.53 -5.07
N ASN A 146 9.17 -16.56 -5.66
CA ASN A 146 8.78 -17.03 -6.96
C ASN A 146 9.26 -18.44 -7.06
N ILE A 147 9.05 -19.06 -8.24
CA ILE A 147 9.54 -20.39 -8.43
C ILE A 147 10.62 -20.32 -9.47
N LYS A 148 11.83 -20.80 -9.12
CA LYS A 148 12.91 -20.73 -10.05
C LYS A 148 12.79 -21.88 -11.00
N PRO A 149 12.91 -21.59 -12.26
CA PRO A 149 12.80 -22.58 -13.29
C PRO A 149 13.79 -23.67 -13.05
N ALA A 150 14.97 -23.33 -12.51
CA ALA A 150 15.97 -24.34 -12.28
C ALA A 150 15.42 -25.32 -11.31
N SER A 151 14.76 -24.81 -10.26
CA SER A 151 14.23 -25.65 -9.23
C SER A 151 13.16 -26.50 -9.83
N PHE A 152 12.44 -25.96 -10.84
CA PHE A 152 11.35 -26.65 -11.44
C PHE A 152 11.86 -27.90 -12.08
N ASP A 153 13.01 -27.80 -12.78
CA ASP A 153 13.55 -28.93 -13.51
C ASP A 153 13.90 -30.03 -12.56
N LEU A 154 14.34 -29.67 -11.34
CA LEU A 154 14.84 -30.62 -10.40
C LEU A 154 13.75 -31.61 -10.06
N ILE A 155 12.49 -31.13 -9.95
CA ILE A 155 11.34 -31.90 -9.54
C ILE A 155 11.36 -33.30 -10.08
N ASN A 156 10.99 -34.27 -9.23
CA ASN A 156 10.97 -35.65 -9.60
C ASN A 156 9.53 -36.10 -9.59
N ILE A 157 9.12 -36.82 -10.65
CA ILE A 157 7.78 -37.32 -10.72
C ILE A 157 7.80 -38.73 -11.20
N PRO A 158 6.84 -39.51 -10.76
CA PRO A 158 6.73 -40.87 -11.18
C PRO A 158 6.16 -40.95 -12.56
N ILE A 159 6.42 -42.05 -13.31
CA ILE A 159 5.91 -42.11 -14.64
C ILE A 159 5.16 -43.39 -14.87
N PRO A 160 3.96 -43.20 -15.33
CA PRO A 160 3.12 -44.31 -15.71
C PRO A 160 3.36 -44.70 -17.12
N PRO A 161 2.87 -45.85 -17.46
CA PRO A 161 2.91 -46.27 -18.81
C PRO A 161 2.01 -45.38 -19.60
N LEU A 162 2.24 -45.30 -20.91
CA LEU A 162 1.57 -44.39 -21.77
C LEU A 162 0.10 -44.67 -21.73
N ALA A 163 -0.30 -45.96 -21.76
CA ALA A 163 -1.70 -46.28 -21.83
C ALA A 163 -2.42 -45.78 -20.62
N GLU A 164 -1.87 -46.02 -19.41
CA GLU A 164 -2.56 -45.63 -18.21
C GLU A 164 -2.64 -44.15 -18.07
N GLN A 165 -1.62 -43.43 -18.55
CA GLN A 165 -1.64 -42.03 -18.34
C GLN A 165 -2.86 -41.47 -18.99
N LYS A 166 -3.23 -41.97 -20.18
CA LYS A 166 -4.40 -41.48 -20.83
C LYS A 166 -5.61 -41.80 -20.01
N ILE A 167 -5.71 -43.05 -19.52
CA ILE A 167 -6.90 -43.47 -18.82
C ILE A 167 -7.05 -42.69 -17.54
N ILE A 168 -5.93 -42.49 -16.81
CA ILE A 168 -5.95 -41.85 -15.52
C ILE A 168 -6.45 -40.45 -15.66
N ALA A 169 -5.92 -39.71 -16.65
CA ALA A 169 -6.24 -38.33 -16.82
C ALA A 169 -7.70 -38.20 -17.10
N GLU A 170 -8.24 -39.14 -17.88
CA GLU A 170 -9.60 -39.06 -18.31
C GLU A 170 -10.48 -39.04 -17.10
N LYS A 171 -10.18 -39.90 -16.09
CA LYS A 171 -11.03 -40.02 -14.94
C LYS A 171 -11.12 -38.71 -14.21
N LEU A 172 -9.98 -38.02 -14.03
CA LEU A 172 -9.91 -36.81 -13.26
C LEU A 172 -10.72 -35.71 -13.89
N ASP A 173 -10.69 -35.63 -15.24
CA ASP A 173 -11.30 -34.55 -15.95
C ASP A 173 -12.77 -34.50 -15.61
N THR A 174 -13.38 -35.69 -15.53
CA THR A 174 -14.79 -35.88 -15.35
C THR A 174 -15.23 -35.30 -14.05
N LEU A 175 -14.41 -35.46 -12.99
CA LEU A 175 -14.83 -34.94 -11.72
C LEU A 175 -15.00 -33.49 -11.87
N LEU A 176 -14.05 -32.84 -12.56
CA LEU A 176 -13.99 -31.42 -12.58
C LEU A 176 -15.28 -30.90 -13.11
N ALA A 177 -15.85 -31.60 -14.10
CA ALA A 177 -17.08 -31.17 -14.70
C ALA A 177 -18.18 -31.16 -13.67
N GLN A 178 -18.22 -32.16 -12.78
CA GLN A 178 -19.32 -32.32 -11.88
C GLN A 178 -19.44 -31.13 -10.97
N VAL A 179 -18.30 -30.62 -10.46
CA VAL A 179 -18.34 -29.55 -9.51
C VAL A 179 -18.98 -28.35 -10.13
N ASP A 180 -18.70 -28.12 -11.42
CA ASP A 180 -19.19 -26.95 -12.10
C ASP A 180 -20.69 -26.98 -12.09
N SER A 181 -21.28 -28.18 -12.28
CA SER A 181 -22.71 -28.30 -12.38
C SER A 181 -23.38 -27.77 -11.14
N THR A 182 -22.86 -28.15 -9.96
CA THR A 182 -23.50 -27.76 -8.73
C THR A 182 -23.45 -26.27 -8.62
N LYS A 183 -22.35 -25.66 -9.10
CA LYS A 183 -22.14 -24.26 -8.99
C LYS A 183 -23.26 -23.53 -9.67
N ALA A 184 -23.72 -24.04 -10.83
CA ALA A 184 -24.72 -23.34 -11.59
C ALA A 184 -25.97 -23.18 -10.80
N ARG A 185 -26.44 -24.24 -10.11
CA ARG A 185 -27.68 -24.16 -9.40
C ARG A 185 -27.54 -23.15 -8.31
N PHE A 186 -26.36 -23.10 -7.68
CA PHE A 186 -26.13 -22.23 -6.56
C PHE A 186 -26.36 -20.81 -6.96
N GLU A 187 -25.84 -20.42 -8.13
CA GLU A 187 -25.93 -19.04 -8.54
C GLU A 187 -27.37 -18.67 -8.71
N GLN A 188 -28.19 -19.58 -9.28
CA GLN A 188 -29.54 -19.26 -9.62
C GLN A 188 -30.34 -18.91 -8.39
N ILE A 189 -30.14 -19.63 -7.27
CA ILE A 189 -31.01 -19.42 -6.14
C ILE A 189 -30.97 -18.00 -5.63
N PRO A 190 -29.86 -17.29 -5.56
CA PRO A 190 -29.95 -15.94 -5.07
C PRO A 190 -30.74 -15.10 -6.02
N GLN A 191 -30.76 -15.45 -7.31
CA GLN A 191 -31.48 -14.65 -8.25
C GLN A 191 -32.93 -14.72 -7.90
N ILE A 192 -33.41 -15.92 -7.53
CA ILE A 192 -34.79 -16.10 -7.19
C ILE A 192 -35.07 -15.32 -5.95
N LEU A 193 -34.14 -15.37 -4.98
CA LEU A 193 -34.34 -14.72 -3.72
C LEU A 193 -34.48 -13.26 -3.99
N LYS A 194 -33.70 -12.75 -4.96
CA LYS A 194 -33.67 -11.34 -5.23
C LYS A 194 -35.04 -10.89 -5.64
N ARG A 195 -35.74 -11.69 -6.48
CA ARG A 195 -37.03 -11.30 -6.99
C ARG A 195 -37.99 -11.14 -5.86
N PHE A 196 -37.94 -12.08 -4.90
CA PHE A 196 -38.84 -12.09 -3.78
C PHE A 196 -38.66 -10.82 -3.01
N ARG A 197 -37.39 -10.39 -2.86
CA ARG A 197 -37.09 -9.25 -2.07
C ARG A 197 -37.84 -8.07 -2.61
N GLN A 198 -37.76 -7.85 -3.94
CA GLN A 198 -38.42 -6.71 -4.52
C GLN A 198 -39.91 -6.83 -4.44
N ALA A 199 -40.45 -7.99 -4.87
CA ALA A 199 -41.86 -8.13 -4.99
C ALA A 199 -42.55 -8.04 -3.67
N VAL A 200 -42.03 -8.75 -2.66
CA VAL A 200 -42.68 -8.87 -1.40
C VAL A 200 -42.78 -7.54 -0.71
N LEU A 201 -41.66 -6.81 -0.63
CA LEU A 201 -41.70 -5.61 0.15
C LEU A 201 -42.68 -4.66 -0.46
N GLY A 202 -42.52 -4.36 -1.76
CA GLY A 202 -43.41 -3.40 -2.36
C GLY A 202 -44.79 -3.94 -2.51
N GLY A 203 -44.93 -5.14 -3.09
CA GLY A 203 -46.23 -5.67 -3.39
C GLY A 203 -47.01 -5.97 -2.17
N ALA A 204 -46.43 -6.73 -1.22
CA ALA A 204 -47.18 -7.10 -0.05
C ALA A 204 -48.30 -8.00 -0.48
N VAL A 205 -48.97 -8.65 0.49
CA VAL A 205 -50.08 -9.46 0.09
C VAL A 205 -51.31 -8.63 0.26
N ASN A 206 -52.01 -8.38 -0.86
CA ASN A 206 -53.18 -7.53 -0.83
C ASN A 206 -53.99 -7.85 -2.04
N GLY A 207 -53.76 -7.07 -3.12
CA GLY A 207 -54.50 -7.23 -4.33
C GLY A 207 -55.09 -5.92 -4.71
N LYS A 208 -55.47 -5.08 -3.72
CA LYS A 208 -55.94 -3.78 -4.10
C LYS A 208 -54.83 -2.83 -3.77
N LEU A 209 -54.40 -2.04 -4.77
CA LEU A 209 -53.31 -1.15 -4.52
C LEU A 209 -53.65 0.19 -5.10
N THR A 210 -52.92 1.23 -4.64
CA THR A 210 -53.14 2.56 -5.13
C THR A 210 -51.80 3.18 -5.38
N GLU A 211 -51.81 4.38 -5.99
CA GLU A 211 -50.58 5.07 -6.27
C GLU A 211 -50.08 5.60 -4.95
N LYS A 212 -48.75 5.70 -4.81
CA LYS A 212 -48.22 6.18 -3.56
C LYS A 212 -47.06 7.07 -3.86
N TRP A 213 -46.62 7.83 -2.83
CA TRP A 213 -45.50 8.70 -2.99
C TRP A 213 -44.34 7.82 -3.32
N ARG A 214 -44.20 6.71 -2.56
CA ARG A 214 -43.12 5.81 -2.80
C ARG A 214 -43.65 4.67 -3.60
N ASN A 215 -43.66 4.84 -4.94
CA ASN A 215 -44.07 3.83 -5.86
C ASN A 215 -45.44 3.33 -5.53
N PHE A 216 -45.97 2.45 -6.41
CA PHE A 216 -47.27 1.86 -6.30
C PHE A 216 -47.23 0.96 -5.12
N GLU A 217 -48.29 0.95 -4.29
CA GLU A 217 -48.27 0.15 -3.10
C GLU A 217 -49.66 -0.29 -2.80
N PRO A 218 -49.82 -1.19 -1.87
CA PRO A 218 -51.13 -1.64 -1.51
C PRO A 218 -51.90 -0.58 -0.78
N GLN A 219 -53.24 -0.67 -0.84
CA GLN A 219 -54.14 0.30 -0.28
C GLN A 219 -54.05 0.32 1.21
N HIS A 220 -53.97 -0.85 1.85
CA HIS A 220 -53.99 -0.94 3.29
C HIS A 220 -52.78 -0.29 3.89
N SER A 221 -51.59 -0.47 3.29
CA SER A 221 -50.39 0.02 3.90
C SER A 221 -50.45 1.52 4.05
N VAL A 222 -49.60 2.05 4.95
CA VAL A 222 -49.52 3.45 5.24
C VAL A 222 -48.09 3.84 5.11
N PHE A 223 -47.81 5.15 4.98
CA PHE A 223 -46.46 5.61 4.80
C PHE A 223 -46.03 6.46 5.96
N LYS A 224 -44.73 6.35 6.32
CA LYS A 224 -44.19 7.16 7.38
C LYS A 224 -42.71 7.22 7.20
N LYS A 225 -42.05 8.20 7.86
CA LYS A 225 -40.63 8.35 7.79
C LYS A 225 -40.01 7.60 8.92
N LEU A 226 -38.69 7.38 8.85
CA LEU A 226 -37.94 6.65 9.82
C LEU A 226 -37.95 7.38 11.13
N ASN A 227 -37.81 8.72 11.10
CA ASN A 227 -37.70 9.46 12.31
C ASN A 227 -38.93 9.27 13.13
N PHE A 228 -40.10 9.23 12.46
CA PHE A 228 -41.32 9.11 13.21
C PHE A 228 -41.28 7.86 14.02
N GLU A 229 -41.01 6.72 13.36
CA GLU A 229 -41.04 5.44 14.00
C GLU A 229 -39.91 5.24 14.97
N SER A 230 -38.68 5.66 14.60
CA SER A 230 -37.58 5.30 15.45
C SER A 230 -36.81 6.53 15.85
N ILE A 231 -35.85 6.34 16.78
CA ILE A 231 -35.03 7.42 17.29
C ILE A 231 -33.61 7.09 16.95
N LEU A 232 -32.80 8.13 16.67
CA LEU A 232 -31.43 7.94 16.29
C LEU A 232 -30.57 8.48 17.37
N THR A 233 -29.42 7.80 17.64
CA THR A 233 -28.50 8.26 18.64
C THR A 233 -27.12 8.23 18.06
N GLU A 234 -26.21 9.04 18.61
CA GLU A 234 -24.84 9.13 18.14
C GLU A 234 -24.00 8.73 19.32
N LEU A 235 -22.71 8.38 19.12
CA LEU A 235 -22.02 7.94 20.29
C LEU A 235 -20.56 8.30 20.18
N ARG A 236 -19.80 8.28 21.30
CA ARG A 236 -18.42 8.71 21.30
C ARG A 236 -17.53 7.64 21.87
N ASN A 237 -16.20 7.78 21.67
CA ASN A 237 -15.23 6.82 22.12
C ASN A 237 -14.47 7.42 23.26
N GLY A 238 -13.90 6.54 24.12
CA GLY A 238 -13.17 6.97 25.28
C GLY A 238 -11.75 7.23 24.90
N LEU A 239 -10.91 7.58 25.91
CA LEU A 239 -9.53 7.86 25.67
C LEU A 239 -8.80 6.62 26.04
N SER A 240 -7.89 6.15 25.16
CA SER A 240 -7.17 4.93 25.34
C SER A 240 -6.19 5.04 26.47
N SER A 241 -5.68 6.25 26.72
CA SER A 241 -4.62 6.43 27.68
C SER A 241 -5.03 5.92 29.02
N LYS A 242 -6.22 6.30 29.52
CA LYS A 242 -6.58 5.90 30.85
C LYS A 242 -6.87 4.43 30.87
N PRO A 243 -6.16 3.75 31.73
CA PRO A 243 -6.32 2.33 31.94
C PRO A 243 -7.57 2.04 32.71
N ASN A 244 -8.11 3.03 33.43
CA ASN A 244 -9.25 2.79 34.26
C ASN A 244 -10.37 2.37 33.38
N GLU A 245 -10.46 3.01 32.19
CA GLU A 245 -11.48 2.71 31.24
C GLU A 245 -11.28 1.30 30.79
N SER A 246 -10.01 0.86 30.76
CA SER A 246 -9.65 -0.44 30.26
C SER A 246 -10.36 -1.52 31.01
N GLY A 247 -10.60 -1.36 32.32
CA GLY A 247 -11.30 -2.41 33.02
C GLY A 247 -12.65 -2.43 32.35
N VAL A 248 -13.40 -3.56 32.43
CA VAL A 248 -14.62 -3.50 31.68
C VAL A 248 -15.68 -4.33 32.37
N GLY A 249 -16.42 -5.18 31.60
CA GLY A 249 -17.55 -5.92 32.04
C GLY A 249 -18.75 -5.51 31.20
N HIS A 250 -18.64 -4.45 30.37
CA HIS A 250 -19.78 -4.04 29.57
C HIS A 250 -19.36 -3.97 28.13
N PRO A 251 -20.16 -4.52 27.25
CA PRO A 251 -19.82 -4.59 25.85
C PRO A 251 -19.85 -3.31 25.08
N ILE A 252 -19.00 -3.20 24.03
CA ILE A 252 -18.98 -2.08 23.13
C ILE A 252 -18.95 -2.67 21.75
N LEU A 253 -19.82 -2.25 20.80
CA LEU A 253 -19.81 -2.97 19.55
C LEU A 253 -19.39 -2.07 18.43
N ARG A 254 -18.23 -2.37 17.83
CA ARG A 254 -17.68 -1.61 16.75
C ARG A 254 -18.20 -2.16 15.45
N ILE A 255 -17.92 -1.43 14.35
CA ILE A 255 -18.36 -1.76 13.03
C ILE A 255 -17.82 -3.10 12.64
N SER A 256 -16.57 -3.39 13.03
CA SER A 256 -15.96 -4.63 12.65
C SER A 256 -16.84 -5.73 13.12
N SER A 257 -17.42 -5.58 14.33
CA SER A 257 -18.28 -6.59 14.86
C SER A 257 -19.46 -6.69 13.95
N VAL A 258 -19.91 -5.55 13.42
CA VAL A 258 -21.05 -5.50 12.56
C VAL A 258 -20.76 -6.34 11.36
N ARG A 259 -19.51 -6.27 10.87
CA ARG A 259 -19.15 -7.02 9.71
C ARG A 259 -19.34 -8.47 10.00
N ALA A 260 -19.04 -8.88 11.25
CA ALA A 260 -19.14 -10.27 11.58
C ALA A 260 -20.55 -10.74 11.39
N GLY A 261 -21.56 -9.96 11.85
CA GLY A 261 -22.89 -10.44 11.65
C GLY A 261 -23.70 -10.12 12.88
N HIS A 262 -24.62 -11.03 13.24
CA HIS A 262 -25.47 -10.83 14.38
C HIS A 262 -24.55 -10.67 15.55
N VAL A 263 -24.89 -9.76 16.50
CA VAL A 263 -23.92 -9.50 17.51
C VAL A 263 -24.47 -9.56 18.89
N ASP A 264 -24.20 -10.66 19.62
CA ASP A 264 -24.53 -10.72 21.01
C ASP A 264 -23.46 -10.03 21.81
N GLN A 265 -22.18 -10.25 21.42
CA GLN A 265 -21.05 -9.78 22.20
C GLN A 265 -20.07 -9.11 21.29
N ASN A 266 -19.06 -8.43 21.87
CA ASN A 266 -18.06 -7.76 21.09
C ASN A 266 -16.71 -8.11 21.64
N ASP A 267 -15.67 -7.92 20.79
CA ASP A 267 -14.30 -8.20 21.12
C ASP A 267 -13.85 -7.30 22.22
N ILE A 268 -14.20 -6.00 22.15
CA ILE A 268 -13.74 -5.09 23.16
C ILE A 268 -14.92 -4.57 23.89
N ARG A 269 -14.69 -4.11 25.14
CA ARG A 269 -15.77 -3.66 25.96
C ARG A 269 -15.29 -2.48 26.77
N PHE A 270 -16.22 -1.71 27.40
CA PHE A 270 -15.78 -0.57 28.19
C PHE A 270 -16.37 -0.68 29.57
N LEU A 271 -15.74 0.02 30.55
CA LEU A 271 -16.08 -0.05 31.96
C LEU A 271 -17.23 0.88 32.24
N GLU A 272 -17.99 0.60 33.32
CA GLU A 272 -19.11 1.38 33.77
C GLU A 272 -18.63 2.76 34.10
N CYS A 273 -17.43 2.86 34.68
CA CYS A 273 -16.93 4.16 35.03
C CYS A 273 -16.86 4.94 33.75
N SER A 274 -16.45 4.27 32.66
CA SER A 274 -16.35 4.92 31.40
C SER A 274 -17.70 5.40 30.99
N GLU A 275 -18.75 4.57 31.15
CA GLU A 275 -20.05 4.99 30.69
C GLU A 275 -20.49 6.18 31.47
N SER A 276 -20.24 6.20 32.79
CA SER A 276 -20.71 7.31 33.58
C SER A 276 -20.04 8.57 33.12
N GLU A 277 -18.70 8.61 33.18
CA GLU A 277 -17.97 9.80 32.88
C GLU A 277 -18.13 10.15 31.43
N LEU A 278 -17.96 9.16 30.55
CA LEU A 278 -18.03 9.35 29.13
C LEU A 278 -19.43 9.68 28.72
N ASN A 279 -20.42 9.16 29.46
CA ASN A 279 -21.81 9.39 29.14
C ASN A 279 -22.13 8.75 27.82
N ARG A 280 -21.80 7.45 27.69
CA ARG A 280 -22.08 6.69 26.49
C ARG A 280 -23.52 6.29 26.54
N HIS A 281 -24.08 5.90 25.37
CA HIS A 281 -25.46 5.50 25.31
C HIS A 281 -25.52 4.02 25.49
N LYS A 282 -26.47 3.55 26.33
CA LYS A 282 -26.62 2.15 26.59
C LYS A 282 -27.72 1.68 25.69
N LEU A 283 -27.70 0.38 25.31
CA LEU A 283 -28.71 -0.06 24.40
C LEU A 283 -29.41 -1.26 24.97
N GLN A 284 -30.73 -1.37 24.71
CA GLN A 284 -31.48 -2.52 25.12
C GLN A 284 -31.52 -3.46 23.96
N ASP A 285 -31.96 -4.71 24.19
CA ASP A 285 -31.98 -5.69 23.16
C ASP A 285 -33.11 -5.43 22.22
N GLY A 286 -33.05 -6.09 21.05
CA GLY A 286 -34.07 -6.00 20.05
C GLY A 286 -33.89 -4.70 19.35
N ASP A 287 -32.79 -4.00 19.66
CA ASP A 287 -32.57 -2.72 19.05
C ASP A 287 -31.96 -2.93 17.69
N LEU A 288 -32.09 -1.90 16.83
CA LEU A 288 -31.60 -1.95 15.48
C LEU A 288 -30.16 -1.53 15.49
N LEU A 289 -29.41 -1.87 14.43
CA LEU A 289 -28.02 -1.48 14.42
C LEU A 289 -27.74 -0.94 13.05
N PHE A 290 -26.84 0.06 12.93
CA PHE A 290 -26.53 0.59 11.63
C PHE A 290 -25.08 0.98 11.62
N THR A 291 -24.48 1.16 10.43
CA THR A 291 -23.08 1.50 10.37
C THR A 291 -22.89 2.89 9.83
N ARG A 292 -22.38 3.79 10.71
CA ARG A 292 -22.10 5.15 10.38
C ARG A 292 -20.87 5.28 9.51
N TYR A 293 -19.34 4.68 9.82
CA TYR A 293 -18.12 4.82 9.03
C TYR A 293 -17.88 3.63 8.16
N ASN A 294 -16.72 3.66 7.46
CA ASN A 294 -16.45 2.62 6.47
C ASN A 294 -17.26 2.91 5.24
N GLY A 295 -18.57 3.18 5.44
CA GLY A 295 -19.47 3.27 4.32
C GLY A 295 -19.79 1.84 3.95
N SER A 296 -19.30 1.38 2.99
CA SER A 296 -19.39 0.06 2.46
C SER A 296 -18.91 0.25 1.07
N LEU A 297 -19.56 -0.39 0.08
CA LEU A 297 -19.16 -0.01 -1.24
C LEU A 297 -19.72 1.36 -1.38
N GLU A 298 -18.88 2.38 -1.11
CA GLU A 298 -19.31 3.74 -1.15
C GLU A 298 -20.57 3.90 -0.34
N PHE A 299 -21.30 5.00 -0.62
CA PHE A 299 -22.48 5.39 0.08
C PHE A 299 -23.49 4.28 -0.01
N VAL A 300 -23.67 3.52 1.11
CA VAL A 300 -24.60 2.42 1.22
C VAL A 300 -24.79 2.23 2.70
N GLY A 301 -25.70 1.34 3.14
CA GLY A 301 -25.92 1.17 4.56
C GLY A 301 -25.85 -0.29 4.92
N VAL A 302 -25.67 -0.57 6.23
CA VAL A 302 -25.60 -1.91 6.75
C VAL A 302 -26.46 -1.94 7.99
N CYS A 303 -26.94 -3.13 8.39
CA CYS A 303 -27.82 -3.18 9.52
C CYS A 303 -27.48 -4.37 10.37
N GLY A 304 -28.09 -4.46 11.59
CA GLY A 304 -27.87 -5.56 12.49
C GLY A 304 -28.88 -5.45 13.60
N LEU A 305 -29.03 -6.51 14.41
CA LEU A 305 -30.02 -6.45 15.47
C LEU A 305 -29.36 -7.03 16.71
N LEU A 306 -29.59 -6.40 17.88
CA LEU A 306 -29.00 -6.83 19.13
C LEU A 306 -29.80 -7.92 19.76
N LYS A 307 -29.17 -8.70 20.66
CA LYS A 307 -29.85 -9.76 21.35
C LYS A 307 -29.53 -9.65 22.81
N LYS A 308 -30.49 -10.02 23.68
CA LYS A 308 -30.16 -10.03 25.07
C LYS A 308 -31.24 -10.76 25.80
N LEU A 309 -30.86 -11.33 26.96
CA LEU A 309 -31.81 -11.91 27.85
C LEU A 309 -31.84 -10.83 28.89
N GLN A 310 -32.50 -11.03 30.04
CA GLN A 310 -32.57 -9.99 31.01
C GLN A 310 -31.16 -9.67 31.44
N HIS A 311 -30.28 -10.68 31.36
CA HIS A 311 -28.93 -10.61 31.85
C HIS A 311 -28.07 -9.56 31.19
N GLN A 312 -28.06 -9.40 29.85
CA GLN A 312 -27.04 -8.51 29.33
C GLN A 312 -27.60 -7.43 28.44
N ASN A 313 -26.74 -6.43 28.12
CA ASN A 313 -27.04 -5.30 27.27
C ASN A 313 -25.78 -4.88 26.57
N LEU A 314 -25.88 -3.99 25.54
CA LEU A 314 -24.73 -3.64 24.77
C LEU A 314 -24.65 -2.15 24.53
N LEU A 315 -23.40 -1.64 24.36
CA LEU A 315 -23.11 -0.25 24.08
C LEU A 315 -22.18 -0.28 22.90
N TYR A 316 -22.06 0.81 22.10
CA TYR A 316 -21.19 0.78 20.96
C TYR A 316 -20.41 2.07 20.81
N PRO A 317 -19.53 2.08 19.84
CA PRO A 317 -18.71 3.24 19.52
C PRO A 317 -19.38 4.25 18.63
N ASP A 318 -18.65 5.33 18.29
CA ASP A 318 -19.12 6.42 17.48
C ASP A 318 -19.49 5.90 16.12
N LYS A 319 -18.69 4.96 15.61
CA LYS A 319 -18.81 4.48 14.27
C LYS A 319 -20.16 3.90 14.04
N LEU A 320 -20.78 3.32 15.08
CA LEU A 320 -22.04 2.66 14.88
C LEU A 320 -23.14 3.61 15.27
N ILE A 321 -24.35 3.42 14.70
CA ILE A 321 -25.48 4.25 15.01
C ILE A 321 -26.61 3.37 15.43
N ARG A 322 -27.50 3.88 16.32
CA ARG A 322 -28.54 3.07 16.88
C ARG A 322 -29.87 3.69 16.62
N ALA A 323 -30.94 2.86 16.63
CA ALA A 323 -32.27 3.36 16.46
C ALA A 323 -33.18 2.54 17.35
N ARG A 324 -34.22 3.19 17.93
CA ARG A 324 -35.12 2.48 18.79
C ARG A 324 -36.50 2.62 18.23
N LEU A 325 -37.29 1.53 18.28
CA LEU A 325 -38.64 1.52 17.76
C LEU A 325 -39.53 1.88 18.91
N THR A 326 -40.43 2.87 18.74
CA THR A 326 -41.21 3.20 19.88
C THR A 326 -42.09 2.07 20.37
N LYS A 327 -43.38 2.03 19.96
CA LYS A 327 -44.24 0.96 20.38
C LYS A 327 -44.38 -0.18 19.43
N ASP A 328 -44.68 0.14 18.15
CA ASP A 328 -45.12 -0.89 17.25
C ASP A 328 -44.16 -1.06 16.14
N ALA A 329 -43.55 -2.25 16.05
CA ALA A 329 -42.69 -2.52 14.94
C ALA A 329 -42.10 -3.87 15.13
N LEU A 330 -41.64 -4.50 14.04
CA LEU A 330 -41.00 -5.78 14.14
C LEU A 330 -39.61 -5.54 13.64
N PRO A 331 -38.67 -5.63 14.53
CA PRO A 331 -37.29 -5.33 14.25
C PRO A 331 -36.74 -6.10 13.09
N GLU A 332 -37.07 -7.40 12.97
CA GLU A 332 -36.50 -8.18 11.92
C GLU A 332 -36.97 -7.67 10.60
N TYR A 333 -38.25 -7.29 10.51
CA TYR A 333 -38.81 -6.85 9.26
C TYR A 333 -38.11 -5.61 8.80
N ILE A 334 -37.88 -4.67 9.72
CA ILE A 334 -37.28 -3.41 9.35
C ILE A 334 -35.88 -3.64 8.86
N GLU A 335 -35.14 -4.53 9.54
CA GLU A 335 -33.75 -4.74 9.23
C GLU A 335 -33.61 -5.20 7.81
N ILE A 336 -34.46 -6.13 7.36
CA ILE A 336 -34.34 -6.64 6.02
C ILE A 336 -34.60 -5.53 5.06
N PHE A 337 -35.56 -4.65 5.39
CA PHE A 337 -35.96 -3.58 4.52
C PHE A 337 -34.78 -2.71 4.25
N PHE A 338 -33.98 -2.40 5.28
CA PHE A 338 -32.87 -1.50 5.08
C PHE A 338 -31.93 -2.10 4.09
N SER A 339 -31.61 -3.39 4.25
CA SER A 339 -30.61 -4.03 3.43
C SER A 339 -31.08 -4.11 2.01
N SER A 340 -32.39 -3.99 1.77
CA SER A 340 -32.89 -4.15 0.42
C SER A 340 -32.21 -3.17 -0.48
N PRO A 341 -32.01 -3.62 -1.68
CA PRO A 341 -31.37 -2.82 -2.69
C PRO A 341 -32.22 -1.65 -3.07
N SER A 342 -33.54 -1.73 -2.86
CA SER A 342 -34.38 -0.63 -3.24
C SER A 342 -33.91 0.55 -2.46
N ALA A 343 -33.62 0.33 -1.17
CA ALA A 343 -33.17 1.38 -0.31
C ALA A 343 -31.87 1.87 -0.86
N ARG A 344 -31.03 0.93 -1.34
CA ARG A 344 -29.74 1.30 -1.81
C ARG A 344 -29.91 2.26 -2.95
N ASN A 345 -30.83 1.97 -3.90
CA ASN A 345 -31.04 2.80 -5.05
C ASN A 345 -31.54 4.15 -4.62
N ALA A 346 -32.45 4.18 -3.64
CA ALA A 346 -32.94 5.47 -3.27
C ALA A 346 -31.81 6.28 -2.70
N MET A 347 -31.01 5.65 -1.83
CA MET A 347 -29.97 6.31 -1.10
C MET A 347 -28.90 6.83 -2.01
N MET A 348 -28.44 5.99 -2.96
CA MET A 348 -27.36 6.36 -3.82
C MET A 348 -27.77 7.48 -4.70
N ASN A 349 -29.02 7.47 -5.19
CA ASN A 349 -29.40 8.54 -6.07
C ASN A 349 -29.39 9.81 -5.29
N CYS A 350 -29.91 9.77 -4.06
CA CYS A 350 -30.01 10.99 -3.32
C CYS A 350 -28.63 11.52 -3.15
N VAL A 351 -27.67 10.63 -2.80
CA VAL A 351 -26.34 11.13 -2.67
C VAL A 351 -25.42 10.24 -3.45
N LYS A 352 -24.70 10.84 -4.42
CA LYS A 352 -23.72 10.07 -5.13
C LYS A 352 -22.50 10.10 -4.28
N THR A 353 -21.47 9.35 -4.69
CA THR A 353 -20.26 9.38 -3.93
C THR A 353 -19.80 10.79 -3.98
N THR A 354 -19.50 11.36 -2.81
CA THR A 354 -19.06 12.71 -2.70
C THR A 354 -18.01 12.69 -1.65
N SER A 355 -17.52 13.86 -1.22
CA SER A 355 -16.52 13.85 -0.20
C SER A 355 -17.11 13.17 0.98
N GLY A 356 -18.30 13.61 1.43
CA GLY A 356 -18.89 12.88 2.50
C GLY A 356 -19.15 11.54 1.90
N GLN A 357 -18.36 10.53 2.31
CA GLN A 357 -18.51 9.25 1.69
C GLN A 357 -18.00 8.23 2.64
N LYS A 358 -18.30 6.94 2.36
CA LYS A 358 -17.91 5.91 3.27
C LYS A 358 -18.50 6.22 4.60
N GLY A 359 -19.74 6.74 4.60
CA GLY A 359 -20.39 7.05 5.84
C GLY A 359 -21.76 7.58 5.52
N ILE A 360 -22.66 7.58 6.51
CA ILE A 360 -23.99 8.06 6.31
C ILE A 360 -24.26 9.10 7.35
N SER A 361 -24.94 10.18 6.95
CA SER A 361 -25.26 11.22 7.88
C SER A 361 -26.50 10.83 8.61
N GLY A 362 -26.68 11.40 9.82
CA GLY A 362 -27.84 11.14 10.62
C GLY A 362 -29.04 11.67 9.91
N LYS A 363 -28.87 12.83 9.24
CA LYS A 363 -29.96 13.46 8.57
C LYS A 363 -30.48 12.55 7.51
N ASP A 364 -29.56 11.90 6.77
CA ASP A 364 -29.97 11.07 5.67
C ASP A 364 -30.81 9.94 6.18
N ILE A 365 -30.39 9.29 7.28
CA ILE A 365 -31.11 8.14 7.75
C ILE A 365 -32.49 8.51 8.20
N LYS A 366 -32.61 9.62 8.95
CA LYS A 366 -33.90 9.98 9.49
C LYS A 366 -34.87 10.28 8.40
N SER A 367 -34.42 10.99 7.35
CA SER A 367 -35.29 11.41 6.29
C SER A 367 -35.71 10.23 5.48
N GLN A 368 -35.10 9.05 5.71
CA GLN A 368 -35.37 7.91 4.89
C GLN A 368 -36.82 7.56 4.88
N VAL A 369 -37.29 7.11 3.70
CA VAL A 369 -38.64 6.71 3.39
C VAL A 369 -38.86 5.30 3.83
N VAL A 370 -40.07 5.00 4.37
CA VAL A 370 -40.34 3.65 4.76
C VAL A 370 -41.83 3.44 4.76
N LEU A 371 -42.26 2.18 4.56
CA LEU A 371 -43.65 1.83 4.54
C LEU A 371 -43.99 1.26 5.89
N LEU A 372 -45.30 1.27 6.26
CA LEU A 372 -45.66 0.72 7.54
C LEU A 372 -46.76 -0.28 7.31
N PRO A 373 -46.41 -1.53 7.40
CA PRO A 373 -47.38 -2.59 7.29
C PRO A 373 -47.95 -2.88 8.63
N PRO A 374 -48.93 -3.74 8.69
CA PRO A 374 -49.49 -4.14 9.95
C PRO A 374 -48.54 -5.06 10.65
N VAL A 375 -48.69 -5.22 11.98
CA VAL A 375 -47.79 -6.01 12.76
C VAL A 375 -47.83 -7.43 12.31
N LYS A 376 -49.02 -8.01 12.14
CA LYS A 376 -49.12 -9.40 11.81
C LYS A 376 -48.49 -9.65 10.48
N GLU A 377 -48.76 -8.76 9.50
CA GLU A 377 -48.23 -8.95 8.18
C GLU A 377 -46.74 -8.89 8.22
N GLN A 378 -46.20 -7.98 9.04
CA GLN A 378 -44.78 -7.80 9.09
C GLN A 378 -44.13 -9.07 9.53
N ALA A 379 -44.70 -9.73 10.55
CA ALA A 379 -44.12 -10.93 11.08
C ALA A 379 -44.09 -11.96 10.01
N GLU A 380 -45.18 -12.07 9.24
CA GLU A 380 -45.29 -13.10 8.25
C GLU A 380 -44.21 -12.93 7.22
N ILE A 381 -43.97 -11.68 6.79
CA ILE A 381 -43.01 -11.44 5.75
C ILE A 381 -41.64 -11.81 6.23
N VAL A 382 -41.31 -11.44 7.47
CA VAL A 382 -39.98 -11.63 7.98
C VAL A 382 -39.64 -13.09 8.01
N ARG A 383 -40.58 -13.94 8.43
CA ARG A 383 -40.29 -15.34 8.59
C ARG A 383 -39.90 -15.92 7.26
N ARG A 384 -40.60 -15.51 6.19
CA ARG A 384 -40.38 -16.08 4.89
C ARG A 384 -38.97 -15.82 4.43
N VAL A 385 -38.50 -14.56 4.59
CA VAL A 385 -37.21 -14.18 4.06
C VAL A 385 -36.11 -14.95 4.72
N GLU A 386 -36.16 -15.08 6.06
CA GLU A 386 -35.08 -15.68 6.79
C GLU A 386 -34.93 -17.10 6.35
N GLN A 387 -36.05 -17.78 6.07
CA GLN A 387 -36.05 -19.17 5.74
C GLN A 387 -35.29 -19.42 4.46
N LEU A 388 -35.41 -18.53 3.46
CA LEU A 388 -34.80 -18.75 2.17
C LEU A 388 -33.31 -18.82 2.32
N PHE A 389 -32.74 -17.97 3.19
CA PHE A 389 -31.31 -17.89 3.30
C PHE A 389 -30.74 -19.22 3.73
N ALA A 390 -31.45 -19.95 4.59
CA ALA A 390 -30.93 -21.19 5.11
C ALA A 390 -30.63 -22.12 3.98
N TYR A 391 -31.48 -22.15 2.93
CA TYR A 391 -31.31 -23.07 1.85
C TYR A 391 -29.99 -22.85 1.19
N ALA A 392 -29.60 -21.59 1.00
CA ALA A 392 -28.39 -21.30 0.27
C ALA A 392 -27.24 -21.94 0.97
N ASP A 393 -27.24 -21.93 2.32
CA ASP A 393 -26.13 -22.44 3.06
C ASP A 393 -25.95 -23.91 2.81
N THR A 394 -27.04 -24.68 2.74
CA THR A 394 -26.92 -26.11 2.61
C THR A 394 -26.23 -26.49 1.35
N ILE A 395 -26.54 -25.83 0.23
CA ILE A 395 -25.97 -26.20 -1.04
C ILE A 395 -24.48 -26.04 -0.98
N GLU A 396 -24.00 -24.98 -0.31
CA GLU A 396 -22.60 -24.71 -0.30
C GLU A 396 -21.90 -25.89 0.28
N LYS A 397 -22.46 -26.48 1.34
CA LYS A 397 -21.84 -27.59 2.01
C LYS A 397 -21.69 -28.74 1.05
N GLN A 398 -22.70 -28.99 0.22
CA GLN A 398 -22.64 -30.13 -0.65
C GLN A 398 -21.44 -30.03 -1.54
N VAL A 399 -21.14 -28.83 -2.03
CA VAL A 399 -20.04 -28.67 -2.94
C VAL A 399 -18.76 -29.06 -2.26
N ASN A 400 -18.62 -28.67 -0.98
CA ASN A 400 -17.37 -28.88 -0.28
C ASN A 400 -17.02 -30.33 -0.21
N ASN A 401 -17.98 -31.20 0.13
CA ASN A 401 -17.62 -32.58 0.28
C ASN A 401 -17.17 -33.11 -1.04
N ALA A 402 -17.82 -32.67 -2.14
CA ALA A 402 -17.51 -33.21 -3.43
C ALA A 402 -16.06 -32.97 -3.70
N LEU A 403 -15.56 -31.78 -3.32
CA LEU A 403 -14.18 -31.44 -3.57
C LEU A 403 -13.32 -32.40 -2.81
N ALA A 404 -13.75 -32.76 -1.58
CA ALA A 404 -13.00 -33.63 -0.73
C ALA A 404 -12.86 -34.97 -1.39
N ARG A 405 -13.94 -35.42 -2.05
CA ARG A 405 -14.00 -36.70 -2.68
C ARG A 405 -12.90 -36.80 -3.70
N VAL A 406 -12.70 -35.72 -4.46
CA VAL A 406 -11.71 -35.69 -5.52
C VAL A 406 -10.38 -35.90 -4.88
N ASN A 407 -10.15 -35.25 -3.74
CA ASN A 407 -8.88 -35.29 -3.09
C ASN A 407 -8.57 -36.72 -2.78
N ASN A 408 -9.55 -37.45 -2.25
CA ASN A 408 -9.34 -38.82 -1.87
C ASN A 408 -9.04 -39.64 -3.08
N LEU A 409 -9.81 -39.46 -4.18
CA LEU A 409 -9.62 -40.26 -5.35
C LEU A 409 -8.25 -40.02 -5.87
N THR A 410 -7.84 -38.74 -5.96
CA THR A 410 -6.60 -38.44 -6.60
C THR A 410 -5.50 -39.13 -5.87
N GLN A 411 -5.59 -39.17 -4.53
CA GLN A 411 -4.52 -39.76 -3.77
C GLN A 411 -4.39 -41.20 -4.12
N SER A 412 -5.52 -41.93 -4.17
CA SER A 412 -5.46 -43.34 -4.44
C SER A 412 -4.96 -43.57 -5.82
N ILE A 413 -5.47 -42.77 -6.78
CA ILE A 413 -5.09 -42.95 -8.15
C ILE A 413 -3.64 -42.67 -8.27
N LEU A 414 -3.07 -41.75 -7.47
CA LEU A 414 -1.68 -41.52 -7.65
C LEU A 414 -0.94 -42.80 -7.39
N ALA A 415 -1.18 -43.48 -6.25
CA ALA A 415 -0.42 -44.68 -6.01
C ALA A 415 -0.77 -45.76 -6.99
N LYS A 416 -2.08 -46.04 -7.17
CA LYS A 416 -2.57 -47.13 -7.97
C LYS A 416 -2.43 -46.92 -9.45
N ALA A 417 -2.63 -45.69 -9.94
CA ALA A 417 -2.53 -45.45 -11.34
C ALA A 417 -1.14 -45.80 -11.71
N PHE A 418 -0.24 -45.62 -10.73
CA PHE A 418 1.17 -45.92 -10.77
C PHE A 418 1.41 -47.41 -10.77
N ARG A 419 0.42 -48.26 -10.49
CA ARG A 419 0.81 -49.63 -10.60
C ARG A 419 0.35 -50.15 -11.94
N GLY A 420 1.09 -51.14 -12.49
CA GLY A 420 0.86 -51.68 -13.80
C GLY A 420 -0.52 -52.23 -13.84
N GLU A 421 -1.02 -52.66 -12.67
CA GLU A 421 -2.31 -53.27 -12.60
C GLU A 421 -3.31 -52.32 -13.19
N LEU A 422 -3.12 -51.00 -13.00
CA LEU A 422 -4.05 -50.04 -13.52
C LEU A 422 -4.13 -50.06 -15.02
N THR A 423 -3.00 -50.19 -15.75
CA THR A 423 -3.15 -50.23 -17.19
C THR A 423 -4.01 -51.40 -17.53
N ALA A 424 -3.62 -52.58 -17.02
CA ALA A 424 -4.29 -53.79 -17.39
C ALA A 424 -5.66 -53.79 -16.79
N GLN A 425 -6.62 -54.39 -17.53
CA GLN A 425 -7.95 -54.52 -17.04
C GLN A 425 -7.98 -55.78 -16.25
N TRP A 426 -9.02 -55.95 -15.41
CA TRP A 426 -9.08 -57.14 -14.62
C TRP A 426 -9.39 -58.28 -15.53
N ARG A 427 -8.79 -59.44 -15.24
CA ARG A 427 -8.99 -60.60 -16.06
C ARG A 427 -10.41 -61.01 -15.93
N ALA A 428 -11.14 -61.09 -17.07
CA ALA A 428 -12.48 -61.54 -17.00
C ALA A 428 -12.90 -61.97 -18.36
N GLU A 429 -13.58 -63.12 -18.45
CA GLU A 429 -14.07 -63.59 -19.72
C GLU A 429 -15.22 -62.73 -20.13
N ASN A 430 -16.09 -62.35 -19.17
CA ASN A 430 -17.26 -61.61 -19.52
C ASN A 430 -17.21 -60.27 -18.86
N PRO A 431 -17.75 -59.31 -19.55
CA PRO A 431 -17.83 -57.96 -19.04
C PRO A 431 -18.80 -57.89 -17.90
N ASP A 432 -19.65 -58.92 -17.75
CA ASP A 432 -20.67 -58.95 -16.75
C ASP A 432 -20.02 -58.98 -15.41
N LEU A 433 -18.79 -59.52 -15.32
CA LEU A 433 -18.17 -59.66 -14.04
C LEU A 433 -18.10 -58.31 -13.38
N ILE A 434 -17.64 -57.29 -14.12
CA ILE A 434 -17.53 -55.95 -13.63
C ILE A 434 -18.87 -55.32 -13.43
N SER A 435 -19.84 -55.63 -14.30
CA SER A 435 -21.10 -54.93 -14.35
C SER A 435 -21.74 -54.85 -12.99
N GLY A 436 -21.84 -55.97 -12.25
CA GLY A 436 -22.49 -55.88 -10.97
C GLY A 436 -21.65 -55.04 -10.08
N GLU A 437 -22.29 -54.31 -9.14
CA GLU A 437 -21.53 -53.46 -8.26
C GLU A 437 -20.66 -54.34 -7.43
N ASN A 438 -21.26 -55.37 -6.79
CA ASN A 438 -20.55 -56.28 -5.94
C ASN A 438 -19.67 -57.16 -6.77
N SER A 439 -20.20 -57.63 -7.91
CA SER A 439 -19.51 -58.60 -8.72
C SER A 439 -18.20 -58.06 -9.18
N ALA A 440 -18.16 -56.76 -9.56
CA ALA A 440 -16.94 -56.21 -10.08
C ALA A 440 -15.90 -56.28 -9.02
N ALA A 441 -16.27 -55.93 -7.77
CA ALA A 441 -15.32 -55.91 -6.70
C ALA A 441 -14.77 -57.29 -6.50
N ALA A 442 -15.67 -58.30 -6.55
CA ALA A 442 -15.26 -59.65 -6.32
C ALA A 442 -14.27 -60.06 -7.35
N LEU A 443 -14.51 -59.67 -8.62
CA LEU A 443 -13.65 -60.08 -9.68
C LEU A 443 -12.29 -59.52 -9.44
N LEU A 444 -12.23 -58.26 -8.96
CA LEU A 444 -10.98 -57.59 -8.75
C LEU A 444 -10.21 -58.38 -7.73
N GLU A 445 -10.89 -58.82 -6.66
CA GLU A 445 -10.21 -59.50 -5.59
C GLU A 445 -9.62 -60.78 -6.11
N LYS A 446 -10.38 -61.53 -6.93
CA LYS A 446 -9.91 -62.79 -7.39
C LYS A 446 -8.69 -62.57 -8.25
N ILE A 447 -8.73 -61.54 -9.11
CA ILE A 447 -7.63 -61.31 -10.00
C ILE A 447 -6.42 -61.01 -9.20
N LYS A 448 -6.56 -60.18 -8.15
CA LYS A 448 -5.44 -59.77 -7.37
C LYS A 448 -4.78 -60.97 -6.77
N ALA A 449 -5.58 -61.87 -6.18
CA ALA A 449 -5.01 -63.00 -5.51
C ALA A 449 -4.28 -63.87 -6.49
N GLU A 450 -4.91 -64.10 -7.66
CA GLU A 450 -4.32 -65.00 -8.63
C GLU A 450 -3.05 -64.40 -9.14
N ARG A 451 -3.05 -63.09 -9.42
CA ARG A 451 -1.90 -62.45 -9.99
C ARG A 451 -0.76 -62.56 -9.02
N ALA A 452 -1.04 -62.31 -7.73
CA ALA A 452 0.00 -62.33 -6.74
C ALA A 452 0.59 -63.71 -6.69
N ALA A 453 -0.27 -64.74 -6.76
CA ALA A 453 0.21 -66.09 -6.66
C ALA A 453 1.15 -66.36 -7.78
N SER A 454 0.78 -65.93 -9.00
CA SER A 454 1.59 -66.19 -10.16
C SER A 454 2.88 -65.45 -10.01
N GLY A 455 2.81 -64.24 -9.43
CA GLY A 455 3.96 -63.40 -9.24
C GLY A 455 4.91 -64.10 -8.33
N GLY A 456 4.38 -64.91 -7.42
CA GLY A 456 5.14 -65.58 -6.40
C GLY A 456 6.21 -66.40 -7.06
N LYS A 457 5.97 -66.84 -8.30
CA LYS A 457 6.91 -67.69 -8.98
C LYS A 457 8.25 -67.03 -8.96
N LYS A 458 8.32 -65.73 -9.31
CA LYS A 458 9.62 -65.11 -9.25
C LYS A 458 9.54 -63.91 -8.38
N ALA A 459 10.60 -63.69 -7.58
CA ALA A 459 10.67 -62.59 -6.67
C ALA A 459 10.67 -61.33 -7.47
N SER A 460 11.32 -61.39 -8.65
CA SER A 460 11.50 -60.24 -9.47
C SER A 460 10.18 -59.65 -9.83
N ARG A 461 9.13 -60.48 -9.97
CA ARG A 461 7.86 -59.92 -10.37
C ARG A 461 7.45 -58.90 -9.35
N LYS A 462 7.44 -59.29 -8.07
CA LYS A 462 7.06 -58.40 -7.01
C LYS A 462 8.12 -57.38 -6.79
N LYS A 463 9.39 -57.82 -6.82
CA LYS A 463 10.52 -57.00 -6.47
C LYS A 463 10.71 -55.81 -7.36
N SER A 464 10.63 -56.02 -8.69
CA SER A 464 11.04 -54.97 -9.57
C SER A 464 10.29 -53.63 -9.40
N MET B 1 16.26 1.53 26.27
CA MET B 1 15.55 2.82 26.12
C MET B 1 14.12 2.85 26.52
N ASN B 2 13.62 4.05 26.88
CA ASN B 2 12.23 4.18 27.20
C ASN B 2 11.83 5.61 26.95
N ASN B 3 10.54 5.84 26.67
CA ASN B 3 10.03 7.17 26.44
C ASN B 3 8.58 7.19 26.78
N ASN B 4 8.02 8.40 27.05
CA ASN B 4 6.64 8.47 27.44
C ASN B 4 6.14 9.86 27.19
N ASP B 5 5.99 10.64 28.27
CA ASP B 5 5.49 11.98 28.18
C ASP B 5 6.47 12.81 27.41
N LEU B 6 7.77 12.62 27.66
CA LEU B 6 8.77 13.43 27.02
C LEU B 6 8.74 13.19 25.54
N VAL B 7 8.62 11.91 25.12
CA VAL B 7 8.64 11.65 23.72
C VAL B 7 7.48 12.33 23.06
N ALA B 8 6.31 12.33 23.72
CA ALA B 8 5.17 12.98 23.13
C ALA B 8 5.51 14.43 22.99
N LYS B 9 6.17 15.00 24.01
CA LYS B 9 6.52 16.38 24.01
C LYS B 9 7.44 16.66 22.86
N LEU B 10 8.42 15.76 22.66
CA LEU B 10 9.39 15.91 21.61
C LEU B 10 8.68 15.82 20.29
N TRP B 11 7.68 14.94 20.20
CA TRP B 11 6.98 14.68 18.99
C TRP B 11 6.35 15.94 18.50
N LYS B 12 5.77 16.73 19.41
CA LYS B 12 5.08 17.93 19.02
C LYS B 12 6.03 18.86 18.34
N LEU B 13 7.29 18.92 18.82
CA LEU B 13 8.27 19.81 18.26
C LEU B 13 8.54 19.44 16.84
N CYS B 14 8.49 18.13 16.53
CA CYS B 14 8.81 17.64 15.22
C CYS B 14 7.88 18.24 14.23
N ASP B 15 6.67 18.64 14.67
CA ASP B 15 5.69 19.16 13.77
C ASP B 15 6.31 20.34 13.06
N ASN B 16 7.07 21.18 13.78
CA ASN B 16 7.69 22.32 13.16
C ASN B 16 8.63 21.82 12.11
N LEU B 17 9.39 20.75 12.43
CA LEU B 17 10.35 20.22 11.51
C LEU B 17 9.62 19.74 10.29
N ARG B 18 8.46 19.09 10.50
CA ARG B 18 7.73 18.54 9.39
C ARG B 18 7.35 19.66 8.47
N ASP B 19 6.76 20.73 9.04
CA ASP B 19 6.29 21.84 8.26
C ASP B 19 7.45 22.59 7.69
N GLY B 20 8.62 22.50 8.37
CA GLY B 20 9.84 23.16 8.02
C GLY B 20 10.44 22.65 6.75
N GLY B 21 10.23 21.36 6.40
CA GLY B 21 10.85 20.84 5.23
C GLY B 21 11.75 19.71 5.65
N VAL B 22 11.93 19.55 6.98
CA VAL B 22 12.74 18.48 7.47
C VAL B 22 11.98 17.20 7.26
N SER B 23 12.70 16.11 6.94
CA SER B 23 12.08 14.84 6.73
C SER B 23 11.81 14.22 8.05
N TYR B 24 10.96 13.17 8.05
CA TYR B 24 10.62 12.46 9.24
C TYR B 24 11.86 11.82 9.74
N GLN B 25 12.66 11.32 8.79
CA GLN B 25 13.86 10.62 9.10
C GLN B 25 14.78 11.55 9.83
N ASN B 26 14.81 12.83 9.45
CA ASN B 26 15.77 13.70 10.07
C ASN B 26 15.17 14.49 11.20
N TYR B 27 14.05 14.03 11.81
CA TYR B 27 13.55 14.84 12.88
C TYR B 27 14.48 14.82 14.03
N VAL B 28 14.96 13.61 14.40
CA VAL B 28 15.77 13.45 15.57
C VAL B 28 17.03 14.23 15.43
N ASN B 29 17.67 14.16 14.26
CA ASN B 29 18.93 14.82 14.08
C ASN B 29 18.74 16.28 14.34
N GLU B 30 17.65 16.85 13.82
CA GLU B 30 17.44 18.27 13.97
C GLU B 30 17.28 18.60 15.41
N LEU B 31 16.44 17.82 16.12
CA LEU B 31 16.13 18.08 17.50
C LEU B 31 17.36 17.92 18.35
N ALA B 32 18.16 16.89 18.06
CA ALA B 32 19.27 16.55 18.90
C ALA B 32 20.24 17.69 18.97
N SER B 33 20.53 18.34 17.83
CA SER B 33 21.50 19.39 17.84
C SER B 33 21.04 20.51 18.72
N LEU B 34 19.77 20.93 18.55
CA LEU B 34 19.27 22.06 19.28
C LEU B 34 19.27 21.76 20.74
N LEU B 35 18.84 20.55 21.12
CA LEU B 35 18.73 20.19 22.50
C LEU B 35 20.10 20.25 23.12
N PHE B 36 21.12 19.81 22.37
CA PHE B 36 22.45 19.75 22.90
C PHE B 36 22.88 21.13 23.29
N LEU B 37 22.66 22.12 22.40
CA LEU B 37 23.08 23.46 22.68
C LEU B 37 22.33 23.97 23.87
N LYS B 38 21.02 23.68 23.92
CA LYS B 38 20.17 24.16 24.98
C LYS B 38 20.67 23.61 26.28
N MET B 39 20.99 22.30 26.30
CA MET B 39 21.39 21.65 27.52
C MET B 39 22.68 22.25 27.99
N CYS B 40 23.59 22.58 27.05
CA CYS B 40 24.87 23.09 27.44
C CYS B 40 24.64 24.33 28.23
N LYS B 41 23.72 25.19 27.77
CA LYS B 41 23.43 26.41 28.46
C LYS B 41 22.90 26.09 29.82
N GLU B 42 22.03 25.07 29.90
CA GLU B 42 21.38 24.73 31.13
C GLU B 42 22.44 24.35 32.11
N THR B 43 23.52 23.72 31.63
CA THR B 43 24.58 23.31 32.50
C THR B 43 25.09 24.54 33.20
N GLY B 44 25.32 25.63 32.44
CA GLY B 44 25.81 26.86 33.00
C GLY B 44 27.28 26.93 32.72
N GLN B 45 27.85 25.76 32.42
CA GLN B 45 29.20 25.43 32.07
C GLN B 45 29.51 25.63 30.61
N GLU B 46 28.49 25.98 29.80
CA GLU B 46 28.56 26.03 28.36
C GLU B 46 29.78 26.73 27.87
N ALA B 47 30.32 27.72 28.61
CA ALA B 47 31.49 28.40 28.14
C ALA B 47 32.56 27.38 27.92
N GLU B 48 32.64 26.39 28.82
CA GLU B 48 33.62 25.35 28.68
C GLU B 48 33.34 24.56 27.43
N TYR B 49 32.09 24.10 27.25
CA TYR B 49 31.74 23.24 26.14
C TYR B 49 31.78 23.93 24.81
N LEU B 50 31.07 25.07 24.69
CA LEU B 50 30.92 25.73 23.42
C LEU B 50 31.81 26.92 23.37
N PRO B 51 32.10 27.32 22.17
CA PRO B 51 32.91 28.47 21.92
C PRO B 51 32.10 29.70 22.11
N GLU B 52 32.75 30.86 22.34
CA GLU B 52 32.02 32.07 22.53
C GLU B 52 31.54 32.53 21.19
N GLY B 53 30.37 33.17 21.17
CA GLY B 53 29.82 33.71 19.97
C GLY B 53 28.91 32.68 19.38
N TYR B 54 29.14 31.40 19.70
CA TYR B 54 28.26 30.41 19.18
C TYR B 54 27.68 29.71 20.37
N ARG B 55 26.48 30.12 20.80
CA ARG B 55 25.91 29.47 21.94
C ARG B 55 24.43 29.49 21.79
N TRP B 56 23.73 28.99 22.82
CA TRP B 56 22.30 28.88 22.80
C TRP B 56 21.69 30.23 22.67
N ASP B 57 22.15 31.21 23.46
CA ASP B 57 21.56 32.52 23.42
C ASP B 57 21.76 33.11 22.06
N ASP B 58 22.94 32.89 21.45
CA ASP B 58 23.20 33.51 20.19
C ASP B 58 22.16 33.05 19.21
N LEU B 59 21.90 31.73 19.16
CA LEU B 59 20.93 31.19 18.25
C LEU B 59 19.55 31.60 18.65
N LYS B 60 19.25 31.51 19.96
CA LYS B 60 17.94 31.74 20.49
C LYS B 60 17.47 33.12 20.16
N SER B 61 18.34 34.13 20.35
CA SER B 61 17.95 35.49 20.18
C SER B 61 17.56 35.77 18.77
N ARG B 62 18.22 35.13 17.79
CA ARG B 62 17.98 35.44 16.41
C ARG B 62 16.65 34.94 15.98
N ILE B 63 16.13 35.54 14.88
CA ILE B 63 14.84 35.17 14.36
C ILE B 63 14.85 35.24 12.87
N GLY B 64 13.93 34.49 12.22
CA GLY B 64 13.73 34.54 10.80
C GLY B 64 14.88 33.92 10.08
N GLN B 65 15.09 34.38 8.83
CA GLN B 65 16.14 33.92 7.98
C GLN B 65 17.44 34.28 8.61
N GLU B 66 17.47 35.44 9.29
CA GLU B 66 18.68 35.87 9.90
C GLU B 66 19.06 34.80 10.86
N GLN B 67 18.06 34.25 11.59
CA GLN B 67 18.30 33.21 12.54
C GLN B 67 18.72 31.95 11.85
N LEU B 68 18.04 31.61 10.73
CA LEU B 68 18.28 30.36 10.05
C LEU B 68 19.68 30.34 9.54
N GLN B 69 20.13 31.47 8.95
CA GLN B 69 21.44 31.56 8.38
C GLN B 69 22.44 31.41 9.47
N PHE B 70 22.15 32.02 10.64
CA PHE B 70 23.03 31.96 11.77
C PHE B 70 23.18 30.52 12.16
N TYR B 71 22.06 29.78 12.15
CA TYR B 71 22.08 28.40 12.55
C TYR B 71 23.00 27.66 11.65
N ARG B 72 22.92 27.90 10.33
CA ARG B 72 23.77 27.18 9.44
C ARG B 72 25.19 27.50 9.78
N LYS B 73 25.49 28.79 9.98
CA LYS B 73 26.83 29.23 10.23
C LYS B 73 27.34 28.57 11.46
N MET B 74 26.49 28.49 12.50
CA MET B 74 26.90 27.94 13.75
C MET B 74 27.28 26.50 13.55
N LEU B 75 26.50 25.77 12.74
CA LEU B 75 26.75 24.37 12.55
C LEU B 75 28.11 24.19 11.97
N VAL B 76 28.47 24.99 10.95
CA VAL B 76 29.73 24.83 10.31
C VAL B 76 30.83 25.12 11.27
N HIS B 77 30.68 26.18 12.08
CA HIS B 77 31.74 26.59 12.96
C HIS B 77 32.03 25.48 13.92
N LEU B 78 30.98 24.87 14.51
CA LEU B 78 31.15 23.85 15.51
C LEU B 78 31.82 22.65 14.94
N GLY B 79 31.42 22.22 13.73
CA GLY B 79 31.91 21.01 13.16
C GLY B 79 33.39 21.06 12.95
N GLU B 80 33.95 22.25 12.62
CA GLU B 80 35.35 22.26 12.33
C GLU B 80 36.10 23.01 13.40
N ASP B 81 36.98 22.29 14.13
CA ASP B 81 37.77 22.90 15.14
C ASP B 81 38.61 21.85 15.80
N ASP B 82 39.67 22.29 16.50
CA ASP B 82 40.58 21.39 17.15
C ASP B 82 39.83 20.64 18.19
N LYS B 83 38.81 21.29 18.81
CA LYS B 83 38.06 20.64 19.85
C LYS B 83 37.24 19.57 19.21
N LYS B 84 37.86 18.39 19.04
CA LYS B 84 37.27 17.29 18.36
C LYS B 84 36.12 16.75 19.14
N LEU B 85 36.14 16.89 20.48
CA LEU B 85 35.07 16.33 21.27
C LEU B 85 33.77 16.89 20.79
N VAL B 86 33.64 18.23 20.78
CA VAL B 86 32.43 18.82 20.34
C VAL B 86 32.33 18.69 18.86
N GLN B 87 33.47 18.80 18.17
CA GLN B 87 33.45 18.88 16.74
C GLN B 87 32.91 17.60 16.19
N ALA B 88 33.13 16.46 16.85
CA ALA B 88 32.65 15.20 16.33
C ALA B 88 31.16 15.24 16.22
N VAL B 89 30.48 15.77 17.25
CA VAL B 89 29.05 15.77 17.22
C VAL B 89 28.60 16.55 16.03
N PHE B 90 29.23 17.72 15.84
CA PHE B 90 28.93 18.66 14.80
C PHE B 90 29.49 18.27 13.46
N HIS B 91 30.39 17.28 13.41
CA HIS B 91 30.99 16.89 12.16
C HIS B 91 29.95 16.53 11.16
N ASN B 92 30.11 17.08 9.94
CA ASN B 92 29.21 16.81 8.84
C ASN B 92 27.80 16.98 9.31
N VAL B 93 27.51 18.13 9.96
CA VAL B 93 26.18 18.36 10.44
C VAL B 93 25.60 19.46 9.61
N SER B 94 24.28 19.36 9.33
CA SER B 94 23.64 20.43 8.61
C SER B 94 22.17 20.29 8.83
N THR B 95 21.44 21.43 8.78
CA THR B 95 20.03 21.39 9.02
C THR B 95 19.30 21.35 7.70
N THR B 96 18.26 20.50 7.67
CA THR B 96 17.37 20.26 6.57
C THR B 96 16.32 21.34 6.47
N ILE B 97 16.15 22.18 7.52
CA ILE B 97 15.08 23.13 7.59
C ILE B 97 15.20 24.26 6.61
N THR B 98 14.25 24.29 5.65
CA THR B 98 14.12 25.32 4.65
C THR B 98 13.36 26.52 5.14
N GLU B 99 12.24 26.31 5.86
CA GLU B 99 11.36 27.38 6.19
C GLU B 99 11.82 28.08 7.42
N PRO B 100 12.16 29.32 7.21
CA PRO B 100 12.64 30.20 8.24
C PRO B 100 11.63 30.38 9.34
N LYS B 101 10.33 30.39 9.01
CA LYS B 101 9.35 30.61 10.05
C LYS B 101 9.38 29.44 10.98
N GLN B 102 9.60 28.23 10.44
CA GLN B 102 9.57 27.05 11.27
C GLN B 102 10.68 27.09 12.27
N ILE B 103 11.89 27.52 11.87
CA ILE B 103 13.01 27.47 12.76
C ILE B 103 12.76 28.33 13.96
N THR B 104 12.23 29.55 13.75
CA THR B 104 12.03 30.45 14.84
C THR B 104 11.07 29.81 15.79
N ALA B 105 9.99 29.21 15.27
CA ALA B 105 9.00 28.62 16.12
C ALA B 105 9.61 27.51 16.90
N LEU B 106 10.43 26.68 16.24
CA LEU B 106 10.96 25.50 16.87
C LEU B 106 11.88 25.87 17.99
N VAL B 107 12.80 26.84 17.77
CA VAL B 107 13.77 27.17 18.78
C VAL B 107 13.05 27.64 20.00
N SER B 108 12.07 28.54 19.80
CA SER B 108 11.37 29.11 20.91
C SER B 108 10.62 28.03 21.63
N ASN B 109 10.02 27.08 20.89
CA ASN B 109 9.21 26.08 21.53
C ASN B 109 10.03 25.29 22.50
N MET B 110 11.16 24.72 22.04
CA MET B 110 11.95 23.89 22.90
C MET B 110 12.56 24.72 23.96
N ASP B 111 12.86 25.99 23.66
CA ASP B 111 13.52 26.84 24.61
C ASP B 111 12.69 26.87 25.86
N SER B 112 11.37 27.01 25.71
CA SER B 112 10.47 27.07 26.83
C SER B 112 10.28 25.73 27.46
N LEU B 113 10.84 24.65 26.86
CA LEU B 113 10.54 23.32 27.35
C LEU B 113 11.18 23.08 28.68
N ASP B 114 10.55 22.17 29.46
CA ASP B 114 11.00 21.80 30.76
C ASP B 114 11.86 20.57 30.68
N TRP B 115 12.44 20.22 31.84
CA TRP B 115 13.20 19.07 32.21
C TRP B 115 12.22 17.97 32.39
N TYR B 116 10.98 18.20 31.91
CA TYR B 116 9.77 17.47 32.18
C TYR B 116 10.07 16.01 32.26
N ASN B 117 10.76 15.41 31.28
CA ASN B 117 11.14 14.07 31.62
C ASN B 117 12.53 14.18 32.17
N GLY B 118 12.64 14.05 33.50
CA GLY B 118 13.90 14.22 34.15
C GLY B 118 13.82 13.48 35.45
N ALA B 119 14.77 13.78 36.35
CA ALA B 119 14.83 13.10 37.61
C ALA B 119 15.65 13.96 38.51
N HIS B 120 15.97 13.47 39.72
CA HIS B 120 16.81 14.27 40.55
C HIS B 120 18.09 14.41 39.80
N GLY B 121 18.59 15.65 39.67
CA GLY B 121 19.78 15.88 38.92
C GLY B 121 19.34 16.05 37.50
N LYS B 122 20.25 16.52 36.62
CA LYS B 122 19.85 16.72 35.26
C LYS B 122 19.66 15.37 34.65
N SER B 123 18.58 15.17 33.90
CA SER B 123 18.42 13.90 33.28
C SER B 123 18.76 14.05 31.85
N ARG B 124 20.07 14.16 31.58
CA ARG B 124 20.56 14.30 30.24
C ARG B 124 20.27 13.02 29.56
N ASP B 125 20.41 11.91 30.31
CA ASP B 125 20.21 10.59 29.80
C ASP B 125 18.79 10.46 29.35
N ASP B 126 17.84 11.05 30.11
CA ASP B 126 16.46 10.88 29.77
C ASP B 126 16.22 11.44 28.40
N PHE B 127 16.81 12.61 28.11
CA PHE B 127 16.57 13.22 26.84
C PHE B 127 17.08 12.32 25.77
N GLY B 128 18.29 11.77 25.94
CA GLY B 128 18.87 10.92 24.94
C GLY B 128 18.01 9.70 24.77
N ASP B 129 17.51 9.15 25.89
CA ASP B 129 16.73 7.95 25.85
C ASP B 129 15.47 8.21 25.10
N MET B 130 14.81 9.33 25.42
CA MET B 130 13.56 9.72 24.83
C MET B 130 13.83 9.93 23.38
N TYR B 131 15.00 10.50 23.08
CA TYR B 131 15.41 10.82 21.75
C TYR B 131 15.46 9.55 20.95
N GLU B 132 16.08 8.50 21.52
CA GLU B 132 16.19 7.26 20.79
C GLU B 132 14.83 6.68 20.59
N GLY B 133 13.98 6.77 21.62
CA GLY B 133 12.67 6.19 21.54
C GLY B 133 11.90 6.85 20.44
N LEU B 134 12.00 8.18 20.35
CA LEU B 134 11.27 8.91 19.35
C LEU B 134 11.79 8.47 18.03
N LEU B 135 13.12 8.27 17.95
CA LEU B 135 13.77 7.87 16.74
C LEU B 135 13.20 6.54 16.36
N GLN B 136 12.95 5.69 17.38
CA GLN B 136 12.44 4.37 17.13
C GLN B 136 11.12 4.49 16.45
N LYS B 137 10.27 5.44 16.89
CA LYS B 137 8.98 5.56 16.30
C LYS B 137 9.14 5.85 14.84
N ASN B 138 10.07 6.77 14.51
CA ASN B 138 10.28 7.13 13.14
C ASN B 138 10.77 5.92 12.42
N ALA B 139 11.66 5.15 13.06
CA ALA B 139 12.20 3.98 12.43
C ALA B 139 11.05 3.07 12.14
N ASN B 140 10.09 2.98 13.07
CA ASN B 140 8.98 2.11 12.85
C ASN B 140 8.16 2.62 11.70
N GLU B 141 7.99 3.95 11.58
CA GLU B 141 7.13 4.48 10.56
C GLU B 141 7.62 4.10 9.20
N THR B 142 6.68 3.65 8.35
CA THR B 142 6.94 3.26 6.99
C THR B 142 7.25 4.45 6.14
N LYS B 143 6.50 5.55 6.32
CA LYS B 143 6.63 6.71 5.48
C LYS B 143 8.01 7.27 5.57
N SER B 144 8.55 7.33 6.80
CA SER B 144 9.83 7.97 7.01
C SER B 144 10.89 7.29 6.19
N GLY B 145 10.96 5.95 6.26
CA GLY B 145 11.99 5.27 5.52
C GLY B 145 13.18 5.15 6.41
N ALA B 146 13.05 5.69 7.63
CA ALA B 146 14.06 5.68 8.67
C ALA B 146 14.27 4.27 9.09
N GLY B 147 13.22 3.44 8.93
CA GLY B 147 13.09 2.09 9.36
C GLY B 147 14.21 1.24 8.86
N GLN B 148 14.89 1.68 7.78
CA GLN B 148 15.96 0.89 7.24
C GLN B 148 16.92 0.63 8.35
N TYR B 149 17.22 1.66 9.17
CA TYR B 149 18.11 1.52 10.27
C TYR B 149 17.52 0.63 11.34
N PHE B 150 16.19 0.71 11.53
CA PHE B 150 15.43 0.08 12.58
C PHE B 150 15.69 -1.39 12.73
N THR B 151 15.79 -1.84 14.01
CA THR B 151 15.99 -3.22 14.35
C THR B 151 15.17 -3.49 15.58
N PRO B 152 14.69 -4.70 15.74
CA PRO B 152 13.90 -4.99 16.90
C PRO B 152 14.74 -4.93 18.14
N ARG B 153 14.20 -4.35 19.22
CA ARG B 153 14.94 -4.20 20.43
C ARG B 153 15.23 -5.54 21.05
N PRO B 154 14.26 -6.41 21.11
CA PRO B 154 14.50 -7.70 21.70
C PRO B 154 15.47 -8.48 20.89
N LEU B 155 15.52 -8.20 19.56
CA LEU B 155 16.40 -8.92 18.70
C LEU B 155 17.80 -8.59 19.09
N ILE B 156 18.08 -7.30 19.32
CA ILE B 156 19.41 -6.87 19.65
C ILE B 156 19.79 -7.47 20.96
N LYS B 157 18.87 -7.46 21.94
CA LYS B 157 19.17 -7.94 23.25
C LYS B 157 19.61 -9.36 23.15
N THR B 158 18.86 -10.16 22.38
CA THR B 158 19.15 -11.56 22.27
C THR B 158 20.49 -11.76 21.63
N ILE B 159 20.80 -10.97 20.59
CA ILE B 159 22.01 -11.19 19.85
C ILE B 159 23.19 -10.98 20.76
N ILE B 160 23.20 -9.87 21.51
CA ILE B 160 24.31 -9.60 22.38
C ILE B 160 24.35 -10.67 23.42
N HIS B 161 23.17 -11.10 23.90
CA HIS B 161 23.12 -12.07 24.96
C HIS B 161 23.84 -13.31 24.53
N LEU B 162 23.56 -13.80 23.31
CA LEU B 162 24.18 -15.01 22.86
C LEU B 162 25.67 -14.80 22.71
N LEU B 163 26.07 -13.64 22.17
CA LEU B 163 27.46 -13.38 21.93
C LEU B 163 28.22 -13.34 23.22
N LYS B 164 27.64 -12.70 24.26
CA LYS B 164 28.27 -12.61 25.54
C LYS B 164 29.61 -11.93 25.45
N PRO B 165 29.63 -10.74 24.91
CA PRO B 165 30.85 -9.99 24.78
C PRO B 165 31.50 -9.86 26.12
N GLN B 166 32.85 -9.94 26.15
CA GLN B 166 33.57 -9.83 27.37
C GLN B 166 34.38 -8.58 27.28
N PRO B 167 35.00 -8.21 28.37
CA PRO B 167 35.80 -7.02 28.40
C PRO B 167 37.08 -7.27 27.66
N ARG B 168 37.74 -6.18 27.23
CA ARG B 168 38.98 -6.27 26.51
C ARG B 168 38.69 -6.79 25.14
N GLU B 169 37.44 -7.17 24.86
CA GLU B 169 37.17 -7.63 23.54
C GLU B 169 36.75 -6.46 22.74
N VAL B 170 37.03 -6.48 21.42
CA VAL B 170 36.67 -5.36 20.61
C VAL B 170 35.43 -5.73 19.87
N VAL B 171 34.39 -4.87 19.95
CA VAL B 171 33.17 -5.17 19.27
C VAL B 171 33.09 -4.19 18.14
N GLN B 172 32.68 -4.65 16.95
CA GLN B 172 32.63 -3.78 15.81
C GLN B 172 31.27 -3.81 15.21
N ASP B 173 30.88 -2.71 14.55
CA ASP B 173 29.60 -2.66 13.89
C ASP B 173 29.82 -1.92 12.60
N PRO B 174 29.94 -2.63 11.51
CA PRO B 174 30.17 -2.00 10.24
C PRO B 174 29.04 -1.09 9.91
N ALA B 175 27.79 -1.51 10.18
CA ALA B 175 26.71 -0.60 9.95
C ALA B 175 26.27 -0.22 11.32
N ALA B 176 26.93 0.81 11.90
CA ALA B 176 26.63 1.21 13.24
C ALA B 176 25.26 1.80 13.30
N GLY B 177 24.94 2.71 12.35
CA GLY B 177 23.67 3.36 12.42
C GLY B 177 23.66 4.18 13.67
N THR B 178 22.62 4.00 14.50
CA THR B 178 22.45 4.68 15.75
C THR B 178 23.38 4.10 16.77
N ALA B 179 24.04 2.97 16.45
CA ALA B 179 24.88 2.30 17.40
C ALA B 179 24.03 1.60 18.41
N GLY B 180 22.94 0.96 17.95
CA GLY B 180 22.09 0.21 18.82
C GLY B 180 22.83 -0.97 19.40
N PHE B 181 23.55 -1.74 18.56
CA PHE B 181 24.23 -2.92 19.03
C PHE B 181 25.31 -2.55 19.99
N LEU B 182 26.10 -1.51 19.68
CA LEU B 182 27.23 -1.16 20.50
C LEU B 182 26.76 -0.81 21.87
N ILE B 183 25.70 0.00 21.98
CA ILE B 183 25.24 0.37 23.29
C ILE B 183 24.80 -0.86 24.03
N GLU B 184 24.08 -1.77 23.37
CA GLU B 184 23.62 -2.94 24.07
C GLU B 184 24.80 -3.73 24.54
N ALA B 185 25.84 -3.86 23.70
CA ALA B 185 26.97 -4.66 24.07
C ALA B 185 27.60 -4.06 25.28
N ASP B 186 27.73 -2.72 25.31
CA ASP B 186 28.37 -2.05 26.40
C ASP B 186 27.58 -2.33 27.64
N ARG B 187 26.24 -2.29 27.52
CA ARG B 187 25.39 -2.48 28.66
C ARG B 187 25.62 -3.86 29.21
N TYR B 188 25.77 -4.85 28.31
CA TYR B 188 25.95 -6.21 28.72
C TYR B 188 27.21 -6.32 29.52
N VAL B 189 28.30 -5.71 29.03
CA VAL B 189 29.56 -5.82 29.69
C VAL B 189 29.46 -5.23 31.06
N LYS B 190 28.86 -4.04 31.18
CA LYS B 190 28.79 -3.36 32.44
C LYS B 190 27.98 -4.16 33.41
N SER B 191 26.89 -4.79 32.94
CA SER B 191 26.06 -5.51 33.86
C SER B 191 26.87 -6.56 34.54
N GLN B 192 27.82 -7.17 33.80
CA GLN B 192 28.65 -8.20 34.37
C GLN B 192 29.65 -7.64 35.34
N THR B 193 30.28 -6.52 34.95
CA THR B 193 31.37 -5.82 35.59
C THR B 193 31.03 -4.99 36.79
N ASN B 194 29.73 -4.75 37.10
CA ASN B 194 29.42 -3.82 38.15
C ASN B 194 29.84 -2.47 37.67
N ASP B 195 29.45 -2.18 36.40
CA ASP B 195 29.73 -0.94 35.77
C ASP B 195 31.20 -0.72 35.70
N LEU B 196 31.94 -1.80 35.36
CA LEU B 196 33.35 -1.67 35.13
C LEU B 196 34.05 -1.47 36.43
N ASP B 197 33.29 -1.44 37.54
CA ASP B 197 33.91 -1.22 38.81
C ASP B 197 34.81 -2.38 39.10
N ASP B 198 34.38 -3.59 38.68
CA ASP B 198 35.12 -4.78 38.93
C ASP B 198 36.44 -4.69 38.24
N LEU B 199 36.47 -4.05 37.06
CA LEU B 199 37.66 -4.00 36.26
C LEU B 199 38.60 -2.96 36.77
N ASP B 200 39.89 -3.10 36.42
CA ASP B 200 40.88 -2.14 36.81
C ASP B 200 40.72 -0.93 35.94
N GLY B 201 41.40 0.16 36.31
CA GLY B 201 41.26 1.41 35.62
C GLY B 201 41.70 1.28 34.20
N ASP B 202 42.80 0.55 33.96
CA ASP B 202 43.32 0.44 32.63
C ASP B 202 42.28 -0.21 31.76
N THR B 203 41.68 -1.30 32.26
CA THR B 203 40.70 -2.01 31.50
C THR B 203 39.53 -1.12 31.30
N GLN B 204 39.19 -0.33 32.32
CA GLN B 204 38.05 0.53 32.27
C GLN B 204 38.24 1.51 31.15
N ASP B 205 39.46 2.07 31.01
CA ASP B 205 39.69 3.02 29.96
C ASP B 205 39.52 2.32 28.66
N PHE B 206 39.97 1.06 28.59
CA PHE B 206 39.91 0.31 27.36
C PHE B 206 38.48 0.22 26.93
N GLN B 207 37.59 -0.13 27.87
CA GLN B 207 36.22 -0.32 27.51
C GLN B 207 35.66 0.98 27.05
N ILE B 208 35.99 2.09 27.76
CA ILE B 208 35.36 3.32 27.39
C ILE B 208 35.79 3.75 26.02
N HIS B 209 37.12 3.86 25.80
CA HIS B 209 37.56 4.34 24.52
C HIS B 209 37.62 3.31 23.42
N ARG B 210 38.39 2.23 23.66
CA ARG B 210 38.74 1.20 22.72
C ARG B 210 37.73 0.11 22.48
N ALA B 211 36.94 -0.28 23.50
CA ALA B 211 36.16 -1.48 23.44
C ALA B 211 35.20 -1.49 22.28
N PHE B 212 34.48 -0.39 21.99
CA PHE B 212 33.51 -0.50 20.96
C PHE B 212 33.88 0.42 19.83
N ILE B 213 33.57 0.00 18.58
CA ILE B 213 33.84 0.81 17.43
C ILE B 213 32.70 0.66 16.47
N GLY B 214 32.45 1.69 15.63
CA GLY B 214 31.37 1.60 14.69
C GLY B 214 31.69 2.49 13.52
N LEU B 215 30.99 2.28 12.39
CA LEU B 215 31.22 3.11 11.24
C LEU B 215 29.90 3.47 10.64
N GLU B 216 29.70 4.75 10.26
CA GLU B 216 28.46 5.14 9.66
C GLU B 216 28.72 5.97 8.45
N LEU B 217 28.05 5.61 7.32
CA LEU B 217 28.19 6.33 6.09
C LEU B 217 27.57 7.69 6.19
N VAL B 218 26.31 7.75 6.67
CA VAL B 218 25.63 9.02 6.69
C VAL B 218 26.12 9.80 7.85
N PRO B 219 26.46 11.02 7.57
CA PRO B 219 26.94 11.91 8.59
C PRO B 219 25.82 12.22 9.53
N GLY B 220 24.59 12.31 9.01
CA GLY B 220 23.48 12.67 9.83
C GLY B 220 23.29 11.59 10.84
N THR B 221 23.33 10.32 10.38
CA THR B 221 23.09 9.21 11.25
C THR B 221 24.19 9.15 12.26
N ARG B 222 25.44 9.43 11.83
CA ARG B 222 26.57 9.32 12.69
C ARG B 222 26.41 10.25 13.85
N ARG B 223 25.86 11.45 13.61
CA ARG B 223 25.70 12.42 14.65
C ARG B 223 24.83 11.84 15.71
N LEU B 224 23.72 11.22 15.30
CA LEU B 224 22.77 10.68 16.23
C LEU B 224 23.44 9.61 17.04
N ALA B 225 24.22 8.75 16.37
CA ALA B 225 24.86 7.67 17.05
C ALA B 225 25.82 8.21 18.05
N LEU B 226 26.56 9.28 17.67
CA LEU B 226 27.56 9.82 18.54
C LEU B 226 26.91 10.30 19.79
N MET B 227 25.78 11.01 19.65
CA MET B 227 25.11 11.55 20.79
C MET B 227 24.66 10.42 21.65
N ASN B 228 24.19 9.33 21.01
CA ASN B 228 23.68 8.21 21.75
C ASN B 228 24.75 7.69 22.64
N CYS B 229 25.95 7.45 22.08
CA CYS B 229 27.03 6.90 22.84
C CYS B 229 27.43 7.86 23.91
N LEU B 230 27.39 9.17 23.60
CA LEU B 230 27.87 10.16 24.53
C LEU B 230 27.06 10.06 25.79
N LEU B 231 25.73 10.01 25.67
CA LEU B 231 24.91 9.95 26.84
C LEU B 231 25.19 8.65 27.53
N HIS B 232 25.49 7.61 26.73
CA HIS B 232 25.79 6.28 27.19
C HIS B 232 27.14 6.22 27.83
N ASP B 233 27.94 7.31 27.73
CA ASP B 233 29.25 7.35 28.32
C ASP B 233 30.20 6.51 27.52
N ILE B 234 29.98 6.43 26.20
CA ILE B 234 30.94 5.73 25.39
C ILE B 234 31.69 6.77 24.62
N GLU B 235 32.88 7.16 25.13
CA GLU B 235 33.67 8.20 24.52
C GLU B 235 34.30 7.78 23.23
N GLY B 236 34.98 6.62 23.21
CA GLY B 236 35.60 6.17 22.00
C GLY B 236 36.86 6.95 21.75
N ASN B 237 37.25 7.09 20.46
CA ASN B 237 38.47 7.75 20.09
C ASN B 237 38.18 9.15 19.69
N LEU B 238 38.87 10.11 20.33
CA LEU B 238 38.71 11.52 20.10
C LEU B 238 39.14 11.86 18.71
N ASP B 239 40.21 11.21 18.21
CA ASP B 239 40.73 11.57 16.92
C ASP B 239 39.63 11.39 15.93
N HIS B 240 38.94 10.24 16.00
CA HIS B 240 37.86 9.91 15.12
C HIS B 240 36.65 10.70 15.46
N GLY B 241 36.58 11.26 16.68
CA GLY B 241 35.45 12.03 17.05
C GLY B 241 34.72 11.26 18.11
N GLY B 242 34.90 9.93 18.10
CA GLY B 242 34.27 9.18 19.14
C GLY B 242 34.21 7.75 18.73
N ALA B 243 33.23 7.02 19.29
CA ALA B 243 33.07 5.61 19.05
C ALA B 243 32.71 5.39 17.62
N ILE B 244 31.75 6.16 17.07
CA ILE B 244 31.33 5.88 15.72
C ILE B 244 32.12 6.74 14.79
N ARG B 245 32.78 6.10 13.81
CA ARG B 245 33.56 6.79 12.85
C ARG B 245 32.70 7.09 11.67
N LEU B 246 33.07 8.11 10.89
CA LEU B 246 32.30 8.45 9.73
C LEU B 246 33.05 7.94 8.55
N GLY B 247 32.42 7.09 7.71
CA GLY B 247 33.13 6.59 6.58
C GLY B 247 32.32 5.53 5.91
N ASN B 248 32.85 4.99 4.79
CA ASN B 248 32.19 3.97 4.03
C ASN B 248 32.83 2.67 4.36
N THR B 249 32.00 1.67 4.72
CA THR B 249 32.49 0.35 5.03
C THR B 249 33.04 -0.26 3.78
N LEU B 250 32.28 -0.13 2.68
CA LEU B 250 32.60 -0.71 1.41
C LEU B 250 33.79 -0.05 0.81
N GLY B 251 34.12 1.18 1.25
CA GLY B 251 35.25 1.89 0.71
C GLY B 251 36.49 1.62 1.50
N SER B 252 37.45 2.55 1.38
CA SER B 252 38.75 2.48 1.99
C SER B 252 38.60 2.48 3.48
N ASP B 253 37.59 3.21 3.99
CA ASP B 253 37.42 3.33 5.41
C ASP B 253 37.23 1.95 5.96
N GLY B 254 36.44 1.12 5.28
CA GLY B 254 36.10 -0.17 5.82
C GLY B 254 37.34 -0.98 6.04
N GLU B 255 38.26 -1.00 5.05
CA GLU B 255 39.45 -1.79 5.20
C GLU B 255 40.31 -1.21 6.27
N ASN B 256 40.34 0.13 6.37
CA ASN B 256 41.17 0.80 7.34
C ASN B 256 40.73 0.40 8.71
N LEU B 257 39.43 0.07 8.86
CA LEU B 257 38.87 -0.21 10.16
C LEU B 257 39.64 -1.35 10.77
N PRO B 258 39.72 -1.32 12.08
CA PRO B 258 40.47 -2.29 12.83
C PRO B 258 39.77 -3.61 12.90
N LYS B 259 40.55 -4.68 13.22
CA LYS B 259 40.03 -6.01 13.33
C LYS B 259 39.27 -6.09 14.61
N ALA B 260 38.30 -7.03 14.70
CA ALA B 260 37.54 -7.10 15.92
C ALA B 260 37.30 -8.52 16.31
N HIS B 261 37.21 -8.74 17.64
CA HIS B 261 36.95 -10.04 18.20
C HIS B 261 35.52 -10.42 17.93
N ILE B 262 34.58 -9.47 18.13
CA ILE B 262 33.19 -9.82 17.97
C ILE B 262 32.55 -8.84 17.03
N VAL B 263 31.56 -9.30 16.25
CA VAL B 263 30.89 -8.40 15.36
C VAL B 263 29.42 -8.67 15.42
N ALA B 264 28.62 -7.60 15.65
CA ALA B 264 27.19 -7.76 15.64
C ALA B 264 26.66 -6.63 14.82
N THR B 265 25.95 -6.93 13.72
CA THR B 265 25.47 -5.83 12.93
C THR B 265 24.30 -6.24 12.13
N ASN B 266 23.50 -5.23 11.70
CA ASN B 266 22.40 -5.43 10.82
C ASN B 266 22.67 -4.52 9.67
N PRO B 267 23.12 -5.07 8.58
CA PRO B 267 23.44 -4.25 7.44
C PRO B 267 22.18 -3.85 6.75
N PRO B 268 22.25 -2.87 5.90
CA PRO B 268 21.09 -2.41 5.20
C PRO B 268 20.69 -3.39 4.15
N PHE B 269 19.38 -3.43 3.85
CA PHE B 269 18.79 -4.31 2.88
C PHE B 269 18.64 -3.54 1.63
N GLY B 270 18.46 -4.24 0.49
CA GLY B 270 18.24 -3.57 -0.75
C GLY B 270 19.55 -3.11 -1.28
N SER B 271 19.49 -2.19 -2.26
CA SER B 271 20.67 -1.68 -2.90
C SER B 271 21.46 -0.91 -1.89
N ALA B 272 20.77 -0.29 -0.91
CA ALA B 272 21.40 0.47 0.13
C ALA B 272 21.51 1.89 -0.29
N ALA B 273 22.04 2.74 0.62
CA ALA B 273 22.23 4.14 0.38
C ALA B 273 23.41 4.28 -0.52
N GLY B 274 23.70 5.53 -0.95
CA GLY B 274 24.80 5.74 -1.85
C GLY B 274 26.05 5.24 -1.19
N THR B 275 26.46 4.01 -1.55
CA THR B 275 27.68 3.46 -1.07
C THR B 275 28.30 2.75 -2.21
N ASN B 276 29.37 3.34 -2.77
CA ASN B 276 30.06 2.73 -3.87
C ASN B 276 30.98 1.71 -3.32
N ILE B 277 31.13 0.57 -4.03
CA ILE B 277 31.95 -0.49 -3.53
C ILE B 277 33.29 -0.33 -4.18
N THR B 278 34.09 0.58 -3.62
CA THR B 278 35.42 0.87 -4.10
C THR B 278 36.36 -0.21 -3.69
N ARG B 279 35.97 -1.06 -2.74
CA ARG B 279 36.89 -2.04 -2.23
C ARG B 279 36.73 -3.35 -2.92
N THR B 280 37.87 -4.05 -3.09
CA THR B 280 37.90 -5.33 -3.73
C THR B 280 37.60 -6.36 -2.69
N PHE B 281 37.05 -7.51 -3.13
CA PHE B 281 36.74 -8.57 -2.21
C PHE B 281 37.16 -9.86 -2.83
N VAL B 282 37.06 -10.95 -2.05
CA VAL B 282 37.45 -12.24 -2.54
C VAL B 282 36.58 -12.53 -3.72
N HIS B 283 35.26 -12.30 -3.56
CA HIS B 283 34.39 -12.50 -4.67
C HIS B 283 33.66 -11.20 -4.85
N PRO B 284 34.00 -10.51 -5.90
CA PRO B 284 33.38 -9.24 -6.12
C PRO B 284 31.95 -9.44 -6.44
N THR B 285 31.06 -8.61 -5.87
CA THR B 285 29.67 -8.79 -6.15
C THR B 285 28.99 -7.47 -6.06
N SER B 286 27.88 -7.32 -6.81
CA SER B 286 27.09 -6.14 -6.79
C SER B 286 26.30 -6.13 -5.52
N ASN B 287 26.07 -7.33 -4.93
CA ASN B 287 25.25 -7.45 -3.77
C ASN B 287 25.90 -6.73 -2.63
N LYS B 288 25.21 -5.69 -2.13
CA LYS B 288 25.72 -4.89 -1.04
C LYS B 288 25.81 -5.73 0.18
N GLN B 289 24.75 -6.52 0.46
CA GLN B 289 24.70 -7.31 1.65
C GLN B 289 25.79 -8.33 1.60
N LEU B 290 26.01 -8.95 0.43
CA LEU B 290 27.01 -9.96 0.32
C LEU B 290 28.34 -9.32 0.59
N CYS B 291 28.51 -8.07 0.15
CA CYS B 291 29.77 -7.39 0.33
C CYS B 291 30.04 -7.26 1.79
N PHE B 292 29.02 -6.92 2.60
CA PHE B 292 29.23 -6.75 4.01
C PHE B 292 29.71 -8.03 4.59
N MET B 293 29.13 -9.17 4.16
CA MET B 293 29.45 -10.43 4.74
C MET B 293 30.92 -10.68 4.55
N GLN B 294 31.47 -10.38 3.37
CA GLN B 294 32.85 -10.65 3.12
C GLN B 294 33.67 -9.80 4.05
N HIS B 295 33.23 -8.55 4.29
CA HIS B 295 33.95 -7.65 5.15
C HIS B 295 34.01 -8.22 6.53
N ILE B 296 32.87 -8.74 7.03
CA ILE B 296 32.80 -9.22 8.37
C ILE B 296 33.77 -10.34 8.53
N ILE B 297 33.84 -11.23 7.52
CA ILE B 297 34.71 -12.37 7.62
C ILE B 297 36.12 -11.87 7.74
N GLU B 298 36.48 -10.85 6.95
CA GLU B 298 37.83 -10.34 6.91
C GLU B 298 38.25 -9.76 8.23
N THR B 299 37.42 -8.87 8.82
CA THR B 299 37.80 -8.16 10.00
C THR B 299 37.98 -9.07 11.15
N LEU B 300 37.17 -10.14 11.25
CA LEU B 300 37.22 -10.98 12.41
C LEU B 300 38.58 -11.57 12.58
N HIS B 301 39.03 -11.63 13.84
CA HIS B 301 40.28 -12.24 14.18
C HIS B 301 40.04 -13.71 14.13
N PRO B 302 41.09 -14.49 14.08
CA PRO B 302 40.96 -15.91 14.01
C PRO B 302 40.23 -16.35 15.23
N GLY B 303 39.23 -17.23 15.07
CA GLY B 303 38.51 -17.69 16.23
C GLY B 303 37.56 -16.63 16.67
N GLY B 304 37.28 -15.64 15.79
CA GLY B 304 36.37 -14.58 16.18
C GLY B 304 34.99 -15.11 16.01
N ARG B 305 33.98 -14.32 16.45
CA ARG B 305 32.62 -14.77 16.32
C ARG B 305 31.78 -13.59 15.94
N ALA B 306 30.60 -13.85 15.35
CA ALA B 306 29.74 -12.75 15.00
C ALA B 306 28.38 -13.25 14.70
N ALA B 307 27.38 -12.34 14.79
CA ALA B 307 26.03 -12.66 14.44
C ALA B 307 25.64 -11.61 13.46
N VAL B 308 25.01 -11.99 12.34
CA VAL B 308 24.67 -10.96 11.41
C VAL B 308 23.24 -11.09 11.03
N VAL B 309 22.50 -9.97 11.07
CA VAL B 309 21.15 -10.01 10.62
C VAL B 309 21.23 -9.86 9.14
N VAL B 310 20.60 -10.78 8.40
CA VAL B 310 20.69 -10.68 6.97
C VAL B 310 19.33 -10.91 6.44
N PRO B 311 19.12 -10.43 5.25
CA PRO B 311 17.87 -10.65 4.60
C PRO B 311 17.90 -12.08 4.20
N ASP B 312 16.73 -12.65 3.89
CA ASP B 312 16.66 -14.01 3.46
C ASP B 312 17.44 -14.11 2.19
N ASN B 313 17.62 -12.95 1.53
CA ASN B 313 18.22 -12.85 0.24
C ASN B 313 19.51 -13.61 0.18
N VAL B 314 20.38 -13.45 1.19
CA VAL B 314 21.69 -14.02 1.14
C VAL B 314 21.65 -15.52 1.08
N LEU B 315 20.65 -16.16 1.70
CA LEU B 315 20.72 -17.58 1.88
C LEU B 315 20.87 -18.35 0.59
N PHE B 316 19.94 -18.24 -0.39
CA PHE B 316 20.13 -19.02 -1.58
C PHE B 316 20.83 -18.41 -2.76
N GLU B 317 20.84 -17.06 -2.92
CA GLU B 317 21.20 -16.38 -4.15
C GLU B 317 22.33 -17.02 -4.89
N GLY B 318 22.05 -17.34 -6.18
CA GLY B 318 22.95 -18.06 -7.03
C GLY B 318 23.98 -17.12 -7.56
N GLY B 319 24.78 -17.62 -8.52
CA GLY B 319 25.83 -16.81 -9.08
C GLY B 319 26.89 -16.70 -8.04
N LYS B 320 27.36 -15.46 -7.81
CA LYS B 320 28.40 -15.19 -6.88
C LYS B 320 27.93 -15.53 -5.51
N GLY B 321 26.61 -15.40 -5.25
CA GLY B 321 26.09 -15.65 -3.93
C GLY B 321 26.45 -17.03 -3.53
N THR B 322 26.41 -17.98 -4.47
CA THR B 322 26.74 -19.34 -4.16
C THR B 322 28.18 -19.40 -3.76
N ASP B 323 29.05 -18.72 -4.52
CA ASP B 323 30.47 -18.77 -4.29
C ASP B 323 30.77 -18.22 -2.93
N ILE B 324 30.18 -17.06 -2.61
CA ILE B 324 30.46 -16.41 -1.36
C ILE B 324 30.00 -17.30 -0.24
N ARG B 325 28.82 -17.93 -0.40
CA ARG B 325 28.31 -18.75 0.65
C ARG B 325 29.27 -19.87 0.89
N ARG B 326 29.78 -20.49 -0.19
CA ARG B 326 30.66 -21.59 -0.03
C ARG B 326 31.87 -21.10 0.69
N ASP B 327 32.31 -19.88 0.36
CA ASP B 327 33.48 -19.31 0.95
C ASP B 327 33.23 -19.19 2.43
N LEU B 328 32.01 -18.78 2.82
CA LEU B 328 31.70 -18.56 4.20
C LEU B 328 31.83 -19.85 4.95
N MET B 329 31.25 -20.94 4.42
CA MET B 329 31.30 -22.18 5.14
C MET B 329 32.71 -22.65 5.23
N ASP B 330 33.51 -22.45 4.17
CA ASP B 330 34.88 -22.90 4.25
C ASP B 330 35.64 -22.16 5.30
N LYS B 331 35.66 -20.81 5.20
CA LYS B 331 36.44 -20.02 6.10
C LYS B 331 35.87 -20.02 7.49
N CYS B 332 34.53 -19.93 7.59
CA CYS B 332 33.96 -19.82 8.90
C CYS B 332 33.19 -21.05 9.23
N HIS B 333 32.88 -21.21 10.53
CA HIS B 333 32.12 -22.33 10.99
C HIS B 333 30.74 -21.82 11.27
N LEU B 334 29.81 -22.02 10.31
CA LEU B 334 28.48 -21.52 10.50
C LEU B 334 27.69 -22.58 11.20
N HIS B 335 27.51 -22.42 12.52
CA HIS B 335 26.73 -23.32 13.33
C HIS B 335 25.25 -23.10 13.31
N THR B 336 24.76 -21.85 13.43
CA THR B 336 23.34 -21.71 13.63
C THR B 336 22.74 -20.68 12.72
N ILE B 337 21.45 -20.87 12.40
CA ILE B 337 20.72 -19.93 11.59
C ILE B 337 19.39 -19.72 12.23
N LEU B 338 18.94 -18.46 12.35
CA LEU B 338 17.67 -18.22 12.97
C LEU B 338 16.77 -17.62 11.93
N ARG B 339 15.56 -18.20 11.78
CA ARG B 339 14.66 -17.68 10.79
C ARG B 339 13.69 -16.83 11.54
N LEU B 340 13.68 -15.52 11.22
CA LEU B 340 12.83 -14.58 11.89
C LEU B 340 11.47 -14.60 11.28
N PRO B 341 10.53 -14.21 12.09
CA PRO B 341 9.15 -14.07 11.70
C PRO B 341 9.02 -12.77 10.96
N THR B 342 7.83 -12.47 10.43
CA THR B 342 7.67 -11.26 9.67
C THR B 342 6.81 -10.29 10.42
N GLY B 343 6.89 -9.00 10.04
CA GLY B 343 6.10 -7.96 10.62
C GLY B 343 6.86 -7.29 11.72
N ILE B 344 8.02 -7.87 12.10
CA ILE B 344 8.84 -7.34 13.15
C ILE B 344 9.49 -6.05 12.74
N PHE B 345 10.02 -5.97 11.50
CA PHE B 345 10.74 -4.82 11.03
C PHE B 345 9.80 -3.77 10.54
N TYR B 346 10.35 -2.56 10.28
CA TYR B 346 9.54 -1.46 9.87
C TYR B 346 8.95 -1.85 8.53
N ALA B 347 9.76 -2.50 7.66
CA ALA B 347 9.28 -2.95 6.37
C ALA B 347 8.54 -4.24 6.58
N GLN B 348 7.37 -4.39 5.91
CA GLN B 348 6.50 -5.54 6.06
C GLN B 348 6.96 -6.78 5.34
N GLY B 349 7.30 -6.66 4.04
CA GLY B 349 7.54 -7.76 3.15
C GLY B 349 8.75 -8.58 3.50
N VAL B 350 9.80 -7.93 4.01
CA VAL B 350 11.09 -8.53 4.15
C VAL B 350 11.14 -9.73 5.05
N LYS B 351 11.80 -10.79 4.56
CA LYS B 351 12.07 -11.99 5.31
C LYS B 351 13.47 -11.83 5.80
N THR B 352 13.72 -12.19 7.08
CA THR B 352 15.05 -11.96 7.58
C THR B 352 15.52 -13.17 8.34
N ASN B 353 16.85 -13.24 8.59
CA ASN B 353 17.42 -14.36 9.28
C ASN B 353 18.58 -13.85 10.08
N VAL B 354 19.11 -14.69 10.99
CA VAL B 354 20.27 -14.29 11.75
C VAL B 354 21.26 -15.39 11.63
N LEU B 355 22.53 -15.06 11.26
CA LEU B 355 23.51 -16.08 11.07
C LEU B 355 24.42 -16.08 12.24
N PHE B 356 24.87 -17.28 12.66
CA PHE B 356 25.79 -17.37 13.76
C PHE B 356 26.93 -18.21 13.28
N PHE B 357 28.17 -17.70 13.40
CA PHE B 357 29.29 -18.49 12.95
C PHE B 357 30.53 -18.01 13.61
N THR B 358 31.63 -18.76 13.44
CA THR B 358 32.88 -18.41 14.05
C THR B 358 33.91 -18.32 12.99
N LYS B 359 34.97 -17.52 13.25
CA LYS B 359 36.02 -17.39 12.29
C LYS B 359 36.87 -18.61 12.43
N GLY B 360 36.87 -19.46 11.40
CA GLY B 360 37.63 -20.67 11.47
C GLY B 360 36.97 -21.54 12.49
N THR B 361 37.77 -22.27 13.29
CA THR B 361 37.20 -23.13 14.27
C THR B 361 37.88 -22.89 15.58
N VAL B 362 37.22 -23.30 16.68
CA VAL B 362 37.78 -23.11 17.99
C VAL B 362 39.04 -23.92 18.06
N ALA B 363 38.97 -25.19 17.61
CA ALA B 363 40.14 -26.02 17.67
C ALA B 363 41.19 -25.43 16.79
N ASN B 364 40.80 -25.04 15.57
CA ASN B 364 41.78 -24.46 14.68
C ASN B 364 41.25 -23.12 14.28
N PRO B 365 41.75 -22.10 14.92
CA PRO B 365 41.30 -20.78 14.61
C PRO B 365 41.73 -20.36 13.25
N ASN B 366 42.81 -20.96 12.72
CA ASN B 366 43.24 -20.57 11.42
C ASN B 366 42.93 -21.70 10.50
N GLN B 367 41.64 -22.09 10.39
CA GLN B 367 41.33 -23.16 9.49
C GLN B 367 40.70 -22.55 8.30
N ASP B 368 41.34 -22.69 7.13
CA ASP B 368 40.86 -22.12 5.91
C ASP B 368 39.62 -22.80 5.41
N LYS B 369 39.55 -24.15 5.41
CA LYS B 369 38.39 -24.71 4.78
C LYS B 369 37.77 -25.80 5.61
N ASN B 370 36.56 -26.22 5.17
CA ASN B 370 35.80 -27.28 5.76
C ASN B 370 35.51 -26.96 7.19
N CYS B 371 35.33 -25.67 7.50
CA CYS B 371 35.03 -25.28 8.84
C CYS B 371 33.64 -25.69 9.25
N THR B 372 32.62 -25.48 8.37
CA THR B 372 31.25 -25.72 8.77
C THR B 372 30.81 -27.12 8.48
N ASP B 373 30.73 -27.97 9.53
CA ASP B 373 30.22 -29.31 9.43
C ASP B 373 28.72 -29.43 9.46
N ASP B 374 28.07 -28.91 10.53
CA ASP B 374 26.64 -29.08 10.69
C ASP B 374 26.03 -27.74 10.91
N VAL B 375 24.76 -27.60 10.50
CA VAL B 375 24.11 -26.34 10.71
C VAL B 375 22.81 -26.60 11.39
N TRP B 376 22.45 -25.75 12.37
CA TRP B 376 21.20 -25.90 13.07
C TRP B 376 20.32 -24.79 12.60
N VAL B 377 19.00 -25.05 12.51
CA VAL B 377 18.12 -24.02 12.05
C VAL B 377 16.96 -23.96 12.99
N TYR B 378 16.40 -22.74 13.19
CA TYR B 378 15.27 -22.58 14.05
C TYR B 378 14.22 -21.89 13.24
N ASP B 379 13.02 -22.49 13.16
CA ASP B 379 11.98 -21.91 12.36
C ASP B 379 11.09 -21.10 13.25
N LEU B 380 11.46 -19.82 13.46
CA LEU B 380 10.66 -18.94 14.25
C LEU B 380 9.56 -18.36 13.38
N ARG B 381 9.76 -18.33 12.05
CA ARG B 381 8.84 -17.68 11.15
C ARG B 381 7.49 -18.33 10.92
N THR B 382 7.44 -19.63 10.58
CA THR B 382 6.18 -20.17 10.14
C THR B 382 5.23 -20.35 11.28
N ASN B 383 3.93 -20.32 10.95
CA ASN B 383 2.86 -20.54 11.88
C ASN B 383 3.06 -19.67 13.08
N MET B 384 3.16 -18.34 12.87
CA MET B 384 3.37 -17.46 13.99
C MET B 384 2.32 -16.40 13.98
N PRO B 385 2.05 -15.89 15.15
CA PRO B 385 1.09 -14.85 15.35
C PRO B 385 1.49 -13.66 14.55
N SER B 386 0.51 -12.98 13.91
CA SER B 386 0.89 -11.84 13.14
C SER B 386 1.28 -10.78 14.11
N PHE B 387 2.47 -10.18 13.90
CA PHE B 387 2.91 -9.16 14.79
C PHE B 387 2.47 -7.85 14.22
N GLY B 388 2.43 -6.83 15.08
CA GLY B 388 2.02 -5.52 14.69
C GLY B 388 1.94 -4.71 15.93
N LYS B 389 1.35 -3.51 15.82
CA LYS B 389 1.24 -2.68 16.98
C LYS B 389 0.42 -3.44 17.96
N ARG B 390 -0.67 -4.07 17.47
CA ARG B 390 -1.54 -4.81 18.32
C ARG B 390 -0.81 -5.98 18.89
N THR B 391 -0.05 -6.72 18.04
CA THR B 391 0.63 -7.88 18.54
C THR B 391 2.09 -7.56 18.55
N PRO B 392 2.61 -7.21 19.68
CA PRO B 392 4.00 -6.85 19.73
C PRO B 392 4.91 -8.02 19.70
N PHE B 393 6.16 -7.81 19.28
CA PHE B 393 7.14 -8.85 19.25
C PHE B 393 7.95 -8.64 20.48
N THR B 394 8.06 -9.67 21.34
CA THR B 394 8.72 -9.45 22.59
C THR B 394 9.80 -10.45 22.79
N ASP B 395 10.51 -10.31 23.93
CA ASP B 395 11.63 -11.10 24.32
C ASP B 395 11.18 -12.52 24.51
N GLU B 396 9.94 -12.71 25.00
CA GLU B 396 9.45 -14.03 25.28
C GLU B 396 9.49 -14.88 24.06
N HIS B 397 9.19 -14.29 22.89
CA HIS B 397 9.15 -15.10 21.70
C HIS B 397 10.48 -15.73 21.47
N LEU B 398 11.56 -14.97 21.71
CA LEU B 398 12.93 -15.36 21.49
C LEU B 398 13.43 -16.39 22.46
N GLN B 399 12.87 -16.44 23.69
CA GLN B 399 13.43 -17.24 24.75
C GLN B 399 13.59 -18.68 24.38
N PRO B 400 12.66 -19.32 23.74
CA PRO B 400 12.83 -20.71 23.44
C PRO B 400 14.01 -20.99 22.56
N PHE B 401 14.29 -20.09 21.61
CA PHE B 401 15.37 -20.23 20.68
C PHE B 401 16.66 -20.19 21.43
N GLU B 402 16.80 -19.21 22.34
CA GLU B 402 18.03 -19.04 23.05
C GLU B 402 18.31 -20.25 23.88
N ARG B 403 17.26 -20.86 24.45
CA ARG B 403 17.46 -22.00 25.30
C ARG B 403 18.12 -23.11 24.54
N VAL B 404 17.57 -23.45 23.36
CA VAL B 404 18.10 -24.53 22.57
C VAL B 404 19.46 -24.16 22.09
N TYR B 405 19.69 -22.85 21.90
CA TYR B 405 20.91 -22.36 21.33
C TYR B 405 22.07 -22.83 22.16
N GLY B 406 21.98 -22.73 23.49
CA GLY B 406 23.07 -23.18 24.29
C GLY B 406 23.79 -21.99 24.79
N GLU B 407 24.40 -22.13 25.98
CA GLU B 407 25.09 -21.06 26.64
C GLU B 407 26.35 -20.71 25.91
N ASP B 408 27.04 -21.72 25.34
CA ASP B 408 28.29 -21.47 24.66
C ASP B 408 28.07 -20.49 23.55
N PRO B 409 28.85 -19.45 23.56
CA PRO B 409 28.80 -18.42 22.55
C PRO B 409 29.21 -18.97 21.22
N HIS B 410 30.15 -19.93 21.20
CA HIS B 410 30.59 -20.53 19.98
C HIS B 410 29.49 -21.39 19.44
N GLY B 411 28.58 -21.86 20.31
CA GLY B 411 27.50 -22.64 19.81
C GLY B 411 27.88 -24.08 19.93
N LEU B 412 28.98 -24.32 20.66
CA LEU B 412 29.54 -25.62 20.88
C LEU B 412 28.69 -26.46 21.78
N SER B 413 27.89 -25.83 22.67
CA SER B 413 27.10 -26.53 23.66
C SER B 413 26.35 -27.65 23.01
N PRO B 414 25.95 -28.59 23.83
CA PRO B 414 25.28 -29.76 23.36
C PRO B 414 23.95 -29.38 22.77
N ARG B 415 23.52 -30.09 21.72
CA ARG B 415 22.27 -29.73 21.12
C ARG B 415 21.57 -30.95 20.67
N THR B 416 20.23 -30.91 20.71
CA THR B 416 19.43 -31.97 20.21
C THR B 416 18.26 -31.33 19.54
N GLU B 417 17.68 -32.03 18.55
CA GLU B 417 16.56 -31.50 17.83
C GLU B 417 15.38 -31.68 18.74
N GLY B 418 14.18 -31.21 18.34
CA GLY B 418 13.07 -31.41 19.23
C GLY B 418 12.63 -30.17 19.96
N GLU B 419 12.08 -29.19 19.21
CA GLU B 419 11.49 -28.00 19.77
C GLU B 419 10.12 -27.84 19.17
N TRP B 420 9.05 -27.78 20.02
CA TRP B 420 7.74 -27.61 19.46
C TRP B 420 7.06 -26.46 20.14
N SER B 421 7.54 -25.23 19.93
CA SER B 421 6.88 -24.12 20.55
C SER B 421 5.96 -23.51 19.55
N PHE B 422 5.14 -22.54 20.03
CA PHE B 422 4.24 -21.80 19.18
C PHE B 422 3.40 -22.73 18.37
N ASN B 423 2.82 -23.75 19.03
CA ASN B 423 1.94 -24.67 18.36
C ASN B 423 2.64 -25.29 17.19
N ALA B 424 3.88 -25.76 17.42
CA ALA B 424 4.65 -26.37 16.36
C ALA B 424 3.95 -27.61 15.92
N GLU B 425 3.40 -28.39 16.88
CA GLU B 425 2.81 -29.66 16.56
C GLU B 425 1.68 -29.47 15.61
N GLU B 426 0.87 -28.43 15.85
CA GLU B 426 -0.32 -28.18 15.10
C GLU B 426 0.00 -27.83 13.67
N THR B 427 1.18 -27.22 13.41
CA THR B 427 1.51 -26.74 12.10
C THR B 427 1.64 -27.88 11.12
N GLU B 428 1.39 -27.57 9.82
CA GLU B 428 1.51 -28.52 8.75
C GLU B 428 2.95 -28.70 8.40
N VAL B 429 3.26 -29.90 7.85
CA VAL B 429 4.61 -30.23 7.49
C VAL B 429 4.69 -30.34 6.00
N ALA B 430 5.87 -30.00 5.45
CA ALA B 430 6.11 -30.04 4.03
C ALA B 430 6.64 -31.40 3.65
N ASP B 431 6.60 -31.69 2.33
CA ASP B 431 7.07 -32.95 1.80
C ASP B 431 8.37 -32.71 1.09
N SER B 432 9.41 -33.51 1.39
CA SER B 432 10.64 -33.34 0.67
C SER B 432 11.76 -34.11 1.27
N GLU B 433 12.97 -33.73 0.81
CA GLU B 433 14.23 -34.19 1.27
C GLU B 433 14.40 -33.69 2.67
N GLU B 434 13.92 -32.46 2.91
CA GLU B 434 14.10 -31.84 4.19
C GLU B 434 13.45 -32.75 5.19
N ASN B 435 12.16 -33.07 4.96
CA ASN B 435 11.50 -33.94 5.87
C ASN B 435 11.50 -35.30 5.26
N LYS B 436 12.57 -35.64 4.53
CA LYS B 436 12.58 -36.94 3.92
C LYS B 436 13.09 -37.90 4.94
N ASN B 437 12.46 -39.08 5.01
CA ASN B 437 12.89 -40.08 5.95
C ASN B 437 12.86 -39.46 7.31
N THR B 438 11.85 -38.60 7.58
CA THR B 438 11.78 -37.96 8.85
C THR B 438 10.55 -38.47 9.53
N ASP B 439 10.64 -38.67 10.86
CA ASP B 439 9.52 -39.16 11.60
C ASP B 439 8.54 -38.04 11.79
N GLN B 440 7.32 -38.40 12.23
CA GLN B 440 6.23 -37.48 12.34
C GLN B 440 6.55 -36.43 13.36
N HIS B 441 7.07 -36.84 14.53
CA HIS B 441 7.29 -35.91 15.60
C HIS B 441 8.37 -34.94 15.21
N LEU B 442 9.45 -35.45 14.60
CA LEU B 442 10.59 -34.63 14.28
C LEU B 442 10.21 -33.60 13.25
N ALA B 443 9.35 -33.97 12.28
CA ALA B 443 9.02 -33.10 11.19
C ALA B 443 8.43 -31.83 11.72
N THR B 444 7.62 -31.92 12.78
CA THR B 444 6.94 -30.79 13.36
C THR B 444 7.88 -29.85 14.08
N SER B 445 8.99 -30.37 14.65
CA SER B 445 9.90 -29.58 15.45
C SER B 445 10.50 -28.45 14.69
N ARG B 446 10.54 -27.26 15.33
CA ARG B 446 11.12 -26.05 14.81
C ARG B 446 12.62 -26.15 14.79
N TRP B 447 13.20 -26.90 15.76
CA TRP B 447 14.63 -26.98 15.88
C TRP B 447 15.10 -28.24 15.22
N ARG B 448 15.95 -28.08 14.18
CA ARG B 448 16.44 -29.23 13.45
C ARG B 448 17.82 -28.91 12.98
N LYS B 449 18.59 -29.95 12.61
CA LYS B 449 19.95 -29.74 12.17
C LYS B 449 20.10 -30.34 10.82
N PHE B 450 21.10 -29.86 10.05
CA PHE B 450 21.30 -30.39 8.72
C PHE B 450 22.77 -30.56 8.52
N SER B 451 23.16 -31.56 7.70
CA SER B 451 24.55 -31.82 7.44
C SER B 451 25.02 -30.95 6.33
N ARG B 452 26.35 -30.74 6.27
CA ARG B 452 26.97 -29.94 5.25
C ARG B 452 26.81 -30.63 3.94
N GLU B 453 27.01 -31.95 3.93
CA GLU B 453 26.98 -32.71 2.71
C GLU B 453 25.58 -32.63 2.17
N TRP B 454 24.57 -32.70 3.06
CA TRP B 454 23.19 -32.66 2.67
C TRP B 454 22.91 -31.36 2.02
N ILE B 455 23.37 -30.26 2.64
CA ILE B 455 23.10 -28.97 2.10
C ILE B 455 23.71 -28.92 0.75
N ARG B 456 24.94 -29.44 0.63
CA ARG B 456 25.61 -29.39 -0.62
C ARG B 456 24.83 -30.17 -1.64
N THR B 457 24.49 -31.45 -1.33
CA THR B 457 23.81 -32.24 -2.31
C THR B 457 22.40 -31.79 -2.56
N ALA B 458 21.52 -31.90 -1.53
CA ALA B 458 20.13 -31.64 -1.75
C ALA B 458 19.91 -30.17 -2.02
N LYS B 459 20.42 -29.33 -1.12
CA LYS B 459 20.26 -27.91 -1.20
C LYS B 459 21.09 -27.35 -2.31
N SER B 460 22.16 -28.06 -2.70
CA SER B 460 23.02 -27.49 -3.69
C SER B 460 23.56 -26.22 -3.11
N ASP B 461 24.06 -26.32 -1.86
CA ASP B 461 24.66 -25.23 -1.16
C ASP B 461 23.71 -24.08 -1.07
N SER B 462 22.45 -24.34 -0.66
CA SER B 462 21.53 -23.27 -0.47
C SER B 462 21.13 -23.28 0.96
N LEU B 463 21.28 -22.12 1.62
CA LEU B 463 20.96 -21.95 3.01
C LEU B 463 19.48 -21.92 3.23
N ASP B 464 18.69 -21.52 2.22
CA ASP B 464 17.26 -21.44 2.37
C ASP B 464 16.72 -22.80 2.69
N ILE B 465 16.60 -23.13 3.99
CA ILE B 465 16.12 -24.44 4.38
C ILE B 465 14.90 -24.27 5.21
N SER B 466 13.88 -25.13 5.00
CA SER B 466 12.72 -25.09 5.84
C SER B 466 11.94 -26.36 5.65
N TRP B 467 11.34 -26.89 6.72
CA TRP B 467 10.43 -28.00 6.63
C TRP B 467 8.96 -27.68 6.58
N LEU B 468 8.51 -26.57 7.21
CA LEU B 468 7.10 -26.41 7.50
C LEU B 468 6.32 -25.67 6.46
N LYS B 469 4.98 -25.84 6.54
CA LYS B 469 4.04 -25.24 5.62
C LYS B 469 3.10 -24.39 6.42
N ASP B 470 2.76 -23.20 5.89
CA ASP B 470 1.89 -22.28 6.59
C ASP B 470 0.48 -22.64 6.25
N LYS B 471 -0.47 -23.16 7.09
CA LYS B 471 -1.82 -23.52 6.71
C LYS B 471 -2.65 -23.32 7.95
N ASP B 472 -3.70 -24.14 8.08
CA ASP B 472 -4.61 -24.25 9.18
C ASP B 472 -5.65 -25.23 8.74
N SER B 473 -5.59 -26.48 9.22
CA SER B 473 -6.58 -27.44 8.80
C SER B 473 -6.78 -28.41 9.92
N ILE B 474 -7.89 -29.17 9.87
CA ILE B 474 -8.16 -30.14 10.89
C ILE B 474 -8.42 -31.46 10.24
N ASP B 475 -7.76 -32.53 10.75
CA ASP B 475 -7.98 -33.85 10.24
C ASP B 475 -7.72 -34.78 11.38
N ALA B 476 -8.42 -35.93 11.43
CA ALA B 476 -8.19 -36.86 12.50
C ALA B 476 -6.78 -37.33 12.36
N ASP B 477 -6.11 -37.62 13.49
CA ASP B 477 -4.74 -38.01 13.41
C ASP B 477 -4.54 -39.44 13.82
N SER B 478 -4.84 -40.39 12.91
CA SER B 478 -4.56 -41.76 13.21
C SER B 478 -3.72 -42.25 12.08
N LEU B 479 -2.41 -42.50 12.31
CA LEU B 479 -1.58 -42.93 11.23
C LEU B 479 -0.51 -43.84 11.76
N PRO B 480 0.02 -44.63 10.88
CA PRO B 480 1.11 -45.49 11.23
C PRO B 480 2.36 -44.67 11.31
N GLU B 481 3.38 -45.15 12.04
CA GLU B 481 4.60 -44.41 12.18
C GLU B 481 5.29 -44.28 10.85
N PRO B 482 5.33 -45.32 10.08
CA PRO B 482 5.99 -45.17 8.81
C PRO B 482 5.26 -44.24 7.89
N ASP B 483 3.93 -44.16 8.04
CA ASP B 483 3.14 -43.32 7.19
C ASP B 483 3.51 -41.89 7.44
N VAL B 484 3.59 -41.51 8.73
CA VAL B 484 3.89 -40.16 9.12
C VAL B 484 5.27 -39.84 8.68
N LEU B 485 6.18 -40.84 8.70
CA LEU B 485 7.55 -40.60 8.37
C LEU B 485 7.59 -40.04 6.98
N ALA B 486 6.84 -40.64 6.04
CA ALA B 486 6.90 -40.11 4.71
C ALA B 486 5.78 -39.14 4.55
N ALA B 487 6.12 -37.87 4.29
CA ALA B 487 5.13 -36.84 4.13
C ALA B 487 4.35 -37.14 2.88
N GLU B 488 5.06 -37.52 1.81
CA GLU B 488 4.45 -37.79 0.53
C GLU B 488 3.55 -38.96 0.63
N ALA B 489 3.95 -39.96 1.45
CA ALA B 489 3.24 -41.20 1.60
C ALA B 489 1.87 -40.95 2.12
N MET B 490 1.69 -39.89 2.92
CA MET B 490 0.46 -39.66 3.61
C MET B 490 -0.69 -39.64 2.65
N GLY B 491 -0.53 -38.99 1.49
CA GLY B 491 -1.67 -38.89 0.61
C GLY B 491 -2.14 -40.25 0.22
N GLU B 492 -1.21 -41.16 -0.12
CA GLU B 492 -1.61 -42.46 -0.58
C GLU B 492 -2.26 -43.25 0.52
N LEU B 493 -1.66 -43.23 1.72
CA LEU B 493 -2.18 -44.02 2.81
C LEU B 493 -3.56 -43.54 3.16
N VAL B 494 -3.76 -42.22 3.15
CA VAL B 494 -5.02 -41.64 3.57
C VAL B 494 -6.12 -42.15 2.71
N GLN B 495 -5.86 -42.35 1.41
CA GLN B 495 -6.88 -42.74 0.50
C GLN B 495 -7.47 -44.05 0.95
N ALA B 496 -6.62 -44.96 1.47
CA ALA B 496 -7.05 -46.26 1.89
C ALA B 496 -8.06 -46.12 2.99
N LEU B 497 -7.84 -45.15 3.90
CA LEU B 497 -8.69 -44.99 5.05
C LEU B 497 -10.11 -44.71 4.64
N SER B 498 -10.30 -43.92 3.57
CA SER B 498 -11.64 -43.50 3.21
C SER B 498 -12.51 -44.71 3.00
N GLU B 499 -12.02 -45.73 2.27
CA GLU B 499 -12.82 -46.88 1.96
C GLU B 499 -13.13 -47.64 3.21
N LEU B 500 -12.17 -47.69 4.15
CA LEU B 500 -12.31 -48.48 5.34
C LEU B 500 -13.49 -48.01 6.12
N ASP B 501 -13.72 -46.68 6.16
CA ASP B 501 -14.79 -46.15 6.96
C ASP B 501 -16.10 -46.70 6.49
N ALA B 502 -16.30 -46.82 5.17
CA ALA B 502 -17.57 -47.27 4.66
C ALA B 502 -17.86 -48.66 5.13
N LEU B 503 -16.84 -49.54 5.11
CA LEU B 503 -17.02 -50.92 5.48
C LEU B 503 -17.40 -50.99 6.93
N MET B 504 -16.78 -50.14 7.76
CA MET B 504 -16.99 -50.18 9.17
C MET B 504 -18.44 -49.90 9.47
N ARG B 505 -19.06 -48.98 8.72
CA ARG B 505 -20.42 -48.62 9.01
C ARG B 505 -21.30 -49.82 8.88
N GLU B 506 -21.11 -50.64 7.83
CA GLU B 506 -21.96 -51.79 7.67
C GLU B 506 -21.74 -52.73 8.81
N LEU B 507 -20.47 -52.92 9.23
CA LEU B 507 -20.17 -53.83 10.29
C LEU B 507 -20.83 -53.35 11.53
N GLY B 508 -20.79 -52.02 11.78
CA GLY B 508 -21.40 -51.51 12.97
C GLY B 508 -20.41 -51.66 14.08
N ALA B 509 -19.10 -51.66 13.75
CA ALA B 509 -18.10 -51.79 14.75
C ALA B 509 -18.19 -50.58 15.62
N SER B 510 -17.83 -50.73 16.91
CA SER B 510 -17.91 -49.65 17.84
C SER B 510 -16.73 -48.75 17.60
N ASP B 511 -16.77 -47.54 18.18
CA ASP B 511 -15.70 -46.61 17.99
C ASP B 511 -14.68 -46.82 19.07
N GLU B 512 -13.65 -47.63 18.77
CA GLU B 512 -12.62 -47.86 19.74
C GLU B 512 -11.31 -47.91 19.02
N ALA B 513 -10.21 -47.55 19.73
CA ALA B 513 -8.90 -47.51 19.17
C ALA B 513 -8.47 -48.89 18.77
N ASP B 514 -8.77 -49.90 19.61
CA ASP B 514 -8.32 -51.24 19.35
C ASP B 514 -8.92 -51.72 18.07
N LEU B 515 -10.21 -51.41 17.83
CA LEU B 515 -10.85 -51.87 16.64
C LEU B 515 -10.16 -51.27 15.46
N GLN B 516 -9.79 -49.98 15.55
CA GLN B 516 -9.16 -49.32 14.43
C GLN B 516 -7.87 -50.00 14.13
N ARG B 517 -7.09 -50.35 15.17
CA ARG B 517 -5.80 -50.94 14.97
C ARG B 517 -5.94 -52.26 14.27
N GLN B 518 -6.94 -53.07 14.67
CA GLN B 518 -7.09 -54.38 14.11
C GLN B 518 -7.33 -54.26 12.63
N LEU B 519 -8.22 -53.34 12.22
CA LEU B 519 -8.56 -53.19 10.84
C LEU B 519 -7.36 -52.71 10.09
N LEU B 520 -6.61 -51.78 10.69
CA LEU B 520 -5.46 -51.18 10.05
C LEU B 520 -4.44 -52.24 9.77
N GLU B 521 -4.33 -53.23 10.65
CA GLU B 521 -3.30 -54.23 10.49
C GLU B 521 -3.45 -54.86 9.14
N GLU B 522 -4.67 -55.32 8.79
CA GLU B 522 -4.86 -55.98 7.52
C GLU B 522 -4.81 -54.98 6.39
N ALA B 523 -5.53 -53.85 6.52
CA ALA B 523 -5.65 -52.89 5.46
C ALA B 523 -4.32 -52.28 5.14
N PHE B 524 -3.54 -51.93 6.17
CA PHE B 524 -2.29 -51.26 6.01
C PHE B 524 -1.34 -52.13 5.24
N GLY B 525 -1.30 -53.43 5.58
CA GLY B 525 -0.38 -54.33 4.96
C GLY B 525 -0.67 -54.42 3.49
N GLY B 526 -1.96 -54.41 3.12
CA GLY B 526 -2.33 -54.58 1.74
C GLY B 526 -1.71 -53.51 0.90
N VAL B 527 -1.71 -52.25 1.40
CA VAL B 527 -1.19 -51.17 0.62
C VAL B 527 0.26 -51.41 0.35
N LYS B 528 1.00 -51.94 1.34
CA LYS B 528 2.40 -52.14 1.18
C LYS B 528 2.62 -53.06 0.02
N GLU B 529 1.79 -54.12 -0.08
CA GLU B 529 1.97 -55.06 -1.15
C GLU B 529 1.94 -54.32 -2.49
N MET C 1 5.52 23.40 -22.85
CA MET C 1 5.58 22.72 -21.54
C MET C 1 5.50 21.26 -21.82
N ASN C 2 6.67 20.73 -22.22
CA ASN C 2 6.85 19.37 -22.62
C ASN C 2 8.23 18.98 -22.20
N ASN C 3 8.51 17.65 -22.16
CA ASN C 3 9.81 17.18 -21.79
C ASN C 3 10.02 15.85 -22.43
N ASN C 4 11.29 15.41 -22.55
CA ASN C 4 11.56 14.16 -23.19
C ASN C 4 12.92 13.68 -22.77
N ASP C 5 13.89 13.81 -23.68
CA ASP C 5 15.23 13.37 -23.41
C ASP C 5 15.81 14.19 -22.31
N LEU C 6 15.55 15.52 -22.33
CA LEU C 6 16.13 16.38 -21.35
C LEU C 6 15.61 16.01 -19.99
N VAL C 7 14.28 15.78 -19.87
CA VAL C 7 13.74 15.49 -18.58
C VAL C 7 14.38 14.25 -18.04
N ALA C 8 14.61 13.24 -18.89
CA ALA C 8 15.23 12.04 -18.41
C ALA C 8 16.59 12.42 -17.90
N LYS C 9 17.28 13.31 -18.62
CA LYS C 9 18.60 13.72 -18.27
C LYS C 9 18.56 14.39 -16.92
N LEU C 10 17.57 15.28 -16.71
CA LEU C 10 17.44 15.98 -15.46
C LEU C 10 17.12 15.00 -14.38
N TRP C 11 16.32 13.97 -14.70
CA TRP C 11 15.89 13.01 -13.73
C TRP C 11 17.07 12.35 -13.11
N LYS C 12 18.08 12.01 -13.93
CA LYS C 12 19.23 11.30 -13.44
C LYS C 12 19.92 12.14 -12.40
N LEU C 13 19.97 13.47 -12.60
CA LEU C 13 20.64 14.34 -11.68
C LEU C 13 19.97 14.29 -10.35
N CYS C 14 18.63 14.11 -10.34
CA CYS C 14 17.86 14.13 -9.12
C CYS C 14 18.34 13.03 -8.23
N ASP C 15 18.91 11.97 -8.82
CA ASP C 15 19.36 10.84 -8.04
C ASP C 15 20.30 11.34 -6.98
N ASN C 16 21.19 12.28 -7.34
CA ASN C 16 22.12 12.80 -6.38
C ASN C 16 21.34 13.47 -5.30
N LEU C 17 20.31 14.24 -5.68
CA LEU C 17 19.52 14.95 -4.72
C LEU C 17 18.87 13.96 -3.81
N ARG C 18 18.37 12.84 -4.38
CA ARG C 18 17.69 11.87 -3.57
C ARG C 18 18.63 11.36 -2.52
N ASP C 19 19.83 10.95 -2.96
CA ASP C 19 20.81 10.37 -2.08
C ASP C 19 21.33 11.43 -1.15
N GLY C 20 21.27 12.70 -1.58
CA GLY C 20 21.74 13.85 -0.86
C GLY C 20 20.93 14.14 0.38
N GLY C 21 19.62 13.80 0.38
CA GLY C 21 18.82 14.14 1.52
C GLY C 21 17.73 15.04 1.05
N VAL C 22 17.82 15.50 -0.21
CA VAL C 22 16.79 16.35 -0.75
C VAL C 22 15.58 15.51 -0.98
N SER C 23 14.39 16.10 -0.75
CA SER C 23 13.16 15.38 -0.94
C SER C 23 12.84 15.38 -2.40
N TYR C 24 11.90 14.50 -2.79
CA TYR C 24 11.47 14.39 -4.15
C TYR C 24 10.84 15.68 -4.52
N GLN C 25 10.08 16.23 -3.56
CA GLN C 25 9.35 17.44 -3.77
C GLN C 25 10.33 18.53 -4.09
N ASN C 26 11.51 18.54 -3.44
CA ASN C 26 12.39 19.65 -3.65
C ASN C 26 13.43 19.34 -4.69
N TYR C 27 13.20 18.36 -5.58
CA TYR C 27 14.26 18.13 -6.54
C TYR C 27 14.39 19.29 -7.46
N VAL C 28 13.24 19.77 -7.98
CA VAL C 28 13.25 20.80 -8.97
C VAL C 28 13.86 22.05 -8.41
N ASN C 29 13.50 22.41 -7.17
CA ASN C 29 14.01 23.64 -6.62
C ASN C 29 15.49 23.58 -6.60
N GLU C 30 16.05 22.43 -6.19
CA GLU C 30 17.47 22.31 -6.07
C GLU C 30 18.10 22.47 -7.43
N LEU C 31 17.55 21.79 -8.43
CA LEU C 31 18.11 21.78 -9.75
C LEU C 31 18.02 23.15 -10.35
N ALA C 32 16.88 23.82 -10.14
CA ALA C 32 16.62 25.07 -10.80
C ALA C 32 17.65 26.08 -10.43
N SER C 33 18.04 26.16 -9.14
CA SER C 33 18.98 27.15 -8.74
C SER C 33 20.30 26.94 -9.42
N LEU C 34 20.78 25.69 -9.44
CA LEU C 34 22.08 25.40 -9.99
C LEU C 34 22.08 25.70 -11.45
N LEU C 35 21.00 25.30 -12.15
CA LEU C 35 20.93 25.48 -13.58
C LEU C 35 20.99 26.95 -13.89
N PHE C 36 20.32 27.77 -13.06
CA PHE C 36 20.25 29.18 -13.30
C PHE C 36 21.64 29.74 -13.30
N LEU C 37 22.45 29.38 -12.29
CA LEU C 37 23.78 29.90 -12.18
C LEU C 37 24.58 29.45 -13.36
N LYS C 38 24.42 28.18 -13.73
CA LYS C 38 25.16 27.59 -14.81
C LYS C 38 24.85 28.32 -16.07
N MET C 39 23.55 28.59 -16.31
CA MET C 39 23.13 29.21 -17.53
C MET C 39 23.68 30.60 -17.60
N CYS C 40 23.74 31.29 -16.45
CA CYS C 40 24.20 32.64 -16.46
C CYS C 40 25.60 32.66 -17.00
N LYS C 41 26.42 31.68 -16.56
CA LYS C 41 27.78 31.61 -17.02
C LYS C 41 27.78 31.37 -18.48
N GLU C 42 26.88 30.48 -18.95
CA GLU C 42 26.86 30.11 -20.33
C GLU C 42 26.58 31.33 -21.13
N THR C 43 25.77 32.25 -20.59
CA THR C 43 25.45 33.45 -21.31
C THR C 43 26.74 34.16 -21.60
N GLY C 44 27.64 34.27 -20.61
CA GLY C 44 28.92 34.93 -20.78
C GLY C 44 28.80 36.30 -20.21
N GLN C 45 27.54 36.74 -20.06
CA GLN C 45 27.04 37.97 -19.53
C GLN C 45 26.91 37.96 -18.03
N GLU C 46 27.18 36.82 -17.37
CA GLU C 46 26.94 36.57 -15.97
C GLU C 46 27.41 37.70 -15.12
N ALA C 47 28.48 38.43 -15.50
CA ALA C 47 28.94 39.50 -14.67
C ALA C 47 27.81 40.45 -14.47
N GLU C 48 27.01 40.68 -15.52
CA GLU C 48 25.88 41.56 -15.41
C GLU C 48 24.89 40.98 -14.45
N TYR C 49 24.51 39.70 -14.62
CA TYR C 49 23.49 39.08 -13.82
C TYR C 49 23.90 38.87 -12.38
N LEU C 50 25.05 38.21 -12.17
CA LEU C 50 25.44 37.82 -10.85
C LEU C 50 26.52 38.73 -10.36
N PRO C 51 26.64 38.77 -9.07
CA PRO C 51 27.65 39.56 -8.42
C PRO C 51 28.97 38.87 -8.51
N GLU C 52 30.08 39.61 -8.35
CA GLU C 52 31.36 38.98 -8.42
C GLU C 52 31.59 38.25 -7.14
N GLY C 53 32.31 37.12 -7.23
CA GLY C 53 32.64 36.37 -6.05
C GLY C 53 31.61 35.31 -5.90
N TYR C 54 30.41 35.55 -6.43
CA TYR C 54 29.41 34.53 -6.33
C TYR C 54 29.01 34.19 -7.73
N ARG C 55 29.60 33.12 -8.29
CA ARG C 55 29.25 32.78 -9.64
C ARG C 55 29.37 31.30 -9.78
N TRP C 56 29.14 30.81 -11.01
CA TRP C 56 29.16 29.41 -11.30
C TRP C 56 30.52 28.85 -11.01
N ASP C 57 31.58 29.52 -11.46
CA ASP C 57 32.90 28.99 -11.26
C ASP C 57 33.18 28.91 -9.80
N ASP C 58 32.75 29.92 -9.04
CA ASP C 58 33.08 29.95 -7.64
C ASP C 58 32.53 28.70 -7.01
N LEU C 59 31.26 28.38 -7.29
CA LEU C 59 30.63 27.21 -6.72
C LEU C 59 31.23 25.96 -7.29
N LYS C 60 31.43 25.94 -8.62
CA LYS C 60 31.88 24.79 -9.35
C LYS C 60 33.20 24.32 -8.84
N SER C 61 34.14 25.26 -8.63
CA SER C 61 35.48 24.92 -8.26
C SER C 61 35.52 24.23 -6.92
N ARG C 62 34.64 24.64 -6.00
CA ARG C 62 34.69 24.13 -4.65
C ARG C 62 34.22 22.71 -4.60
N ILE C 63 34.63 21.99 -3.53
CA ILE C 63 34.28 20.61 -3.38
C ILE C 63 34.04 20.31 -1.93
N GLY C 64 33.27 19.24 -1.65
CA GLY C 64 33.05 18.74 -0.32
C GLY C 64 32.20 19.69 0.47
N GLN C 65 32.39 19.64 1.81
CA GLN C 65 31.67 20.46 2.73
C GLN C 65 32.04 21.87 2.45
N GLU C 66 33.30 22.10 2.06
CA GLU C 66 33.74 23.43 1.80
C GLU C 66 32.85 23.97 0.73
N GLN C 67 32.55 23.13 -0.28
CA GLN C 67 31.70 23.51 -1.36
C GLN C 67 30.29 23.72 -0.88
N LEU C 68 29.79 22.82 -0.01
CA LEU C 68 28.42 22.86 0.42
C LEU C 68 28.19 24.13 1.17
N GLN C 69 29.13 24.48 2.07
CA GLN C 69 29.04 25.65 2.88
C GLN C 69 29.07 26.86 1.99
N PHE C 70 29.87 26.80 0.92
CA PHE C 70 29.96 27.91 0.03
C PHE C 70 28.60 28.10 -0.57
N TYR C 71 27.94 26.99 -0.93
CA TYR C 71 26.67 27.02 -1.59
C TYR C 71 25.67 27.71 -0.70
N ARG C 72 25.66 27.37 0.61
CA ARG C 72 24.68 27.98 1.47
C ARG C 72 24.94 29.45 1.51
N LYS C 73 26.23 29.84 1.59
CA LYS C 73 26.61 31.21 1.72
C LYS C 73 26.16 31.93 0.49
N MET C 74 26.35 31.31 -0.68
CA MET C 74 26.03 31.94 -1.93
C MET C 74 24.55 32.20 -1.97
N LEU C 75 23.75 31.23 -1.49
CA LEU C 75 22.33 31.38 -1.57
C LEU C 75 21.92 32.57 -0.77
N VAL C 76 22.48 32.73 0.44
CA VAL C 76 22.10 33.81 1.30
C VAL C 76 22.44 35.11 0.64
N HIS C 77 23.64 35.19 0.05
CA HIS C 77 24.12 36.43 -0.49
C HIS C 77 23.20 36.87 -1.60
N LEU C 78 22.82 35.94 -2.49
CA LEU C 78 22.02 36.27 -3.63
C LEU C 78 20.67 36.75 -3.22
N GLY C 79 20.05 36.08 -2.23
CA GLY C 79 18.71 36.39 -1.83
C GLY C 79 18.60 37.79 -1.32
N GLU C 80 19.63 38.31 -0.66
CA GLU C 80 19.47 39.62 -0.10
C GLU C 80 20.34 40.61 -0.81
N ASP C 81 19.71 41.59 -1.49
CA ASP C 81 20.44 42.62 -2.16
C ASP C 81 19.46 43.52 -2.84
N ASP C 82 19.94 44.73 -3.22
CA ASP C 82 19.11 45.71 -3.85
C ASP C 82 18.66 45.17 -5.16
N LYS C 83 19.50 44.33 -5.81
CA LYS C 83 19.15 43.80 -7.10
C LYS C 83 18.04 42.81 -6.88
N LYS C 84 16.81 43.32 -6.84
CA LYS C 84 15.65 42.56 -6.54
C LYS C 84 15.38 41.58 -7.63
N LEU C 85 15.78 41.88 -8.88
CA LEU C 85 15.48 40.98 -9.95
C LEU C 85 16.04 39.64 -9.64
N VAL C 86 17.36 39.58 -9.38
CA VAL C 86 17.97 38.33 -9.07
C VAL C 86 17.55 37.90 -7.71
N GLN C 87 17.42 38.88 -6.79
CA GLN C 87 17.21 38.55 -5.41
C GLN C 87 15.91 37.85 -5.27
N ALA C 88 14.90 38.16 -6.10
CA ALA C 88 13.61 37.53 -5.96
C ALA C 88 13.76 36.05 -6.14
N VAL C 89 14.55 35.62 -7.15
CA VAL C 89 14.66 34.22 -7.41
C VAL C 89 15.23 33.56 -6.19
N PHE C 90 16.27 34.18 -5.64
CA PHE C 90 17.01 33.73 -4.50
C PHE C 90 16.32 33.96 -3.19
N HIS C 91 15.26 34.78 -3.16
CA HIS C 91 14.58 35.10 -1.95
C HIS C 91 14.11 33.85 -1.27
N ASN C 92 14.40 33.76 0.04
CA ASN C 92 13.99 32.65 0.86
C ASN C 92 14.38 31.38 0.17
N VAL C 93 15.65 31.28 -0.26
CA VAL C 93 16.09 30.09 -0.94
C VAL C 93 17.05 29.40 -0.03
N SER C 94 17.02 28.05 -0.05
CA SER C 94 17.96 27.32 0.74
C SER C 94 18.01 25.92 0.20
N THR C 95 19.17 25.25 0.36
CA THR C 95 19.31 23.92 -0.16
C THR C 95 19.08 22.93 0.94
N THR C 96 18.32 21.87 0.59
CA THR C 96 17.96 20.75 1.41
C THR C 96 19.08 19.76 1.53
N ILE C 97 20.12 19.87 0.66
CA ILE C 97 21.17 18.87 0.58
C ILE C 97 22.05 18.83 1.79
N THR C 98 21.98 17.70 2.54
CA THR C 98 22.80 17.40 3.67
C THR C 98 24.14 16.82 3.31
N GLU C 99 24.15 15.87 2.35
CA GLU C 99 25.36 15.12 2.09
C GLU C 99 26.24 15.87 1.16
N PRO C 100 27.37 16.22 1.68
CA PRO C 100 28.41 16.94 0.98
C PRO C 100 28.89 16.20 -0.22
N LYS C 101 28.95 14.86 -0.17
CA LYS C 101 29.44 14.13 -1.30
C LYS C 101 28.50 14.31 -2.45
N GLN C 102 27.19 14.35 -2.15
CA GLN C 102 26.21 14.44 -3.19
C GLN C 102 26.34 15.75 -3.92
N ILE C 103 26.58 16.86 -3.20
CA ILE C 103 26.61 18.14 -3.85
C ILE C 103 27.71 18.19 -4.85
N THR C 104 28.90 17.68 -4.50
CA THR C 104 30.01 17.76 -5.40
C THR C 104 29.66 17.00 -6.64
N ALA C 105 29.07 15.81 -6.47
CA ALA C 105 28.76 15.00 -7.60
C ALA C 105 27.77 15.71 -8.47
N LEU C 106 26.75 16.34 -7.85
CA LEU C 106 25.68 16.93 -8.60
C LEU C 106 26.19 18.09 -9.41
N VAL C 107 27.00 18.97 -8.81
CA VAL C 107 27.44 20.15 -9.51
C VAL C 107 28.21 19.73 -10.72
N SER C 108 29.14 18.78 -10.54
CA SER C 108 29.97 18.36 -11.62
C SER C 108 29.13 17.72 -12.69
N ASN C 109 28.11 16.94 -12.29
CA ASN C 109 27.34 16.25 -13.29
C ASN C 109 26.68 17.21 -14.21
N MET C 110 25.93 18.19 -13.68
CA MET C 110 25.22 19.11 -14.52
C MET C 110 26.20 19.97 -15.24
N ASP C 111 27.35 20.26 -14.61
CA ASP C 111 28.31 21.14 -15.22
C ASP C 111 28.67 20.59 -16.56
N SER C 112 28.88 19.28 -16.66
CA SER C 112 29.25 18.64 -17.89
C SER C 112 28.07 18.53 -18.82
N LEU C 113 26.85 18.90 -18.37
CA LEU C 113 25.68 18.66 -19.18
C LEU C 113 25.65 19.56 -20.37
N ASP C 114 24.98 19.07 -21.43
CA ASP C 114 24.84 19.77 -22.68
C ASP C 114 23.54 20.53 -22.68
N TRP C 115 23.38 21.33 -23.74
CA TRP C 115 22.26 22.10 -24.20
C TRP C 115 21.31 21.12 -24.81
N TYR C 116 21.55 19.82 -24.54
CA TYR C 116 21.00 18.67 -25.19
C TYR C 116 19.56 18.92 -25.52
N ASN C 117 18.71 19.35 -24.57
CA ASN C 117 17.44 19.74 -25.10
C ASN C 117 17.53 21.21 -25.33
N GLY C 118 17.67 21.60 -26.62
CA GLY C 118 17.85 22.98 -26.95
C GLY C 118 17.40 23.15 -28.36
N ALA C 119 17.78 24.28 -28.98
CA ALA C 119 17.36 24.57 -30.31
C ALA C 119 18.31 25.60 -30.83
N HIS C 120 18.05 26.15 -32.02
CA HIS C 120 18.92 27.19 -32.48
C HIS C 120 18.79 28.29 -31.49
N GLY C 121 19.93 28.80 -30.99
CA GLY C 121 19.89 29.82 -29.99
C GLY C 121 19.82 29.09 -28.68
N LYS C 122 20.03 29.80 -27.56
CA LYS C 122 19.99 29.13 -26.30
C LYS C 122 18.56 28.77 -26.04
N SER C 123 18.31 27.53 -25.57
CA SER C 123 16.96 27.19 -25.29
C SER C 123 16.79 27.23 -23.81
N ARG C 124 16.74 28.45 -23.27
CA ARG C 124 16.58 28.65 -21.87
C ARG C 124 15.21 28.16 -21.54
N ASP C 125 14.28 28.42 -22.47
CA ASP C 125 12.90 28.05 -22.31
C ASP C 125 12.81 26.57 -22.20
N ASP C 126 13.61 25.83 -22.97
CA ASP C 126 13.51 24.40 -22.96
C ASP C 126 13.79 23.89 -21.59
N PHE C 127 14.83 24.45 -20.93
CA PHE C 127 15.19 23.98 -19.63
C PHE C 127 14.05 24.21 -18.70
N GLY C 128 13.43 25.41 -18.75
CA GLY C 128 12.37 25.72 -17.85
C GLY C 128 11.22 24.79 -18.09
N ASP C 129 10.90 24.52 -19.38
CA ASP C 129 9.78 23.68 -19.69
C ASP C 129 10.03 22.30 -19.19
N MET C 130 11.26 21.80 -19.42
CA MET C 130 11.64 20.47 -19.04
C MET C 130 11.54 20.42 -17.56
N TYR C 131 11.93 21.52 -16.92
CA TYR C 131 11.95 21.66 -15.49
C TYR C 131 10.55 21.47 -14.99
N GLU C 132 9.57 22.15 -15.63
CA GLU C 132 8.22 22.04 -15.16
C GLU C 132 7.74 20.64 -15.37
N GLY C 133 8.09 20.03 -16.52
CA GLY C 133 7.61 18.73 -16.83
C GLY C 133 8.12 17.76 -15.81
N LEU C 134 9.38 17.90 -15.41
CA LEU C 134 9.96 17.02 -14.44
C LEU C 134 9.22 17.22 -13.16
N LEU C 135 8.89 18.49 -12.87
CA LEU C 135 8.21 18.85 -11.67
C LEU C 135 6.88 18.17 -11.72
N GLN C 136 6.27 18.10 -12.93
CA GLN C 136 4.98 17.50 -13.07
C GLN C 136 5.07 16.06 -12.65
N LYS C 137 6.16 15.37 -13.03
CA LYS C 137 6.28 13.98 -12.70
C LYS C 137 6.26 13.85 -11.21
N ASN C 138 7.01 14.72 -10.50
CA ASN C 138 7.06 14.65 -9.08
C ASN C 138 5.70 14.92 -8.55
N ALA C 139 5.00 15.89 -9.15
CA ALA C 139 3.68 16.23 -8.70
C ALA C 139 2.84 15.01 -8.84
N ASN C 140 3.02 14.27 -9.94
CA ASN C 140 2.24 13.09 -10.14
C ASN C 140 2.56 12.07 -9.10
N GLU C 141 3.86 11.95 -8.73
CA GLU C 141 4.25 10.91 -7.81
C GLU C 141 3.57 11.08 -6.50
N THR C 142 3.04 9.96 -5.96
CA THR C 142 2.37 9.91 -4.70
C THR C 142 3.33 10.09 -3.56
N LYS C 143 4.51 9.44 -3.65
CA LYS C 143 5.45 9.44 -2.57
C LYS C 143 5.90 10.83 -2.27
N SER C 144 6.17 11.63 -3.32
CA SER C 144 6.70 12.94 -3.13
C SER C 144 5.78 13.76 -2.29
N GLY C 145 4.48 13.80 -2.61
CA GLY C 145 3.59 14.61 -1.85
C GLY C 145 3.54 15.96 -2.49
N ALA C 146 4.33 16.12 -3.57
CA ALA C 146 4.43 17.32 -4.36
C ALA C 146 3.11 17.56 -5.03
N GLY C 147 2.37 16.45 -5.25
CA GLY C 147 1.15 16.35 -5.99
C GLY C 147 0.13 17.31 -5.46
N GLN C 148 0.28 17.76 -4.20
CA GLN C 148 -0.69 18.65 -3.64
C GLN C 148 -0.82 19.81 -4.57
N TYR C 149 0.32 20.32 -5.06
CA TYR C 149 0.31 21.43 -5.97
C TYR C 149 -0.30 21.02 -7.29
N PHE C 150 -0.03 19.78 -7.74
CA PHE C 150 -0.38 19.24 -9.03
C PHE C 150 -1.81 19.46 -9.43
N THR C 151 -2.00 19.82 -10.73
CA THR C 151 -3.29 20.02 -11.30
C THR C 151 -3.24 19.47 -12.70
N PRO C 152 -4.34 18.98 -13.22
CA PRO C 152 -4.32 18.45 -14.54
C PRO C 152 -4.10 19.53 -15.55
N ARG C 153 -3.25 19.26 -16.57
CA ARG C 153 -2.93 20.25 -17.56
C ARG C 153 -4.15 20.60 -18.36
N PRO C 154 -4.91 19.64 -18.80
CA PRO C 154 -6.07 19.93 -19.59
C PRO C 154 -7.07 20.67 -18.77
N LEU C 155 -7.07 20.45 -17.46
CA LEU C 155 -8.02 21.09 -16.61
C LEU C 155 -7.75 22.56 -16.62
N ILE C 156 -6.47 22.94 -16.51
CA ILE C 156 -6.10 24.32 -16.48
C ILE C 156 -6.45 24.94 -17.79
N LYS C 157 -6.16 24.25 -18.90
CA LYS C 157 -6.40 24.80 -20.20
C LYS C 157 -7.85 25.15 -20.31
N THR C 158 -8.72 24.22 -19.89
CA THR C 158 -10.13 24.42 -20.03
C THR C 158 -10.58 25.57 -19.20
N ILE C 159 -10.05 25.68 -17.97
CA ILE C 159 -10.51 26.70 -17.08
C ILE C 159 -10.24 28.06 -17.66
N ILE C 160 -9.00 28.29 -18.14
CA ILE C 160 -8.67 29.55 -18.70
C ILE C 160 -9.50 29.77 -19.91
N HIS C 161 -9.72 28.71 -20.70
CA HIS C 161 -10.45 28.83 -21.93
C HIS C 161 -11.81 29.39 -21.64
N LEU C 162 -12.51 28.83 -20.65
CA LEU C 162 -13.84 29.29 -20.35
C LEU C 162 -13.79 30.70 -19.86
N LEU C 163 -12.80 31.03 -19.01
CA LEU C 163 -12.72 32.34 -18.43
C LEU C 163 -12.51 33.36 -19.51
N LYS C 164 -11.62 33.06 -20.49
CA LYS C 164 -11.33 33.96 -21.56
C LYS C 164 -10.81 35.27 -21.06
N PRO C 165 -9.75 35.24 -20.30
CA PRO C 165 -9.14 36.44 -19.77
C PRO C 165 -8.81 37.36 -20.88
N GLN C 166 -8.99 38.68 -20.67
CA GLN C 166 -8.71 39.66 -21.67
C GLN C 166 -7.57 40.48 -21.15
N PRO C 167 -7.06 41.32 -22.00
CA PRO C 167 -5.96 42.17 -21.61
C PRO C 167 -6.46 43.25 -20.71
N ARG C 168 -5.54 43.87 -19.93
CA ARG C 168 -5.87 44.91 -19.01
C ARG C 168 -6.63 44.32 -17.87
N GLU C 169 -6.95 43.01 -17.93
CA GLU C 169 -7.64 42.45 -16.82
C GLU C 169 -6.61 41.92 -15.89
N VAL C 170 -6.92 41.92 -14.58
CA VAL C 170 -5.96 41.43 -13.63
C VAL C 170 -6.36 40.05 -13.25
N VAL C 171 -5.42 39.10 -13.36
CA VAL C 171 -5.72 37.75 -13.00
C VAL C 171 -4.99 37.47 -11.74
N GLN C 172 -5.66 36.80 -10.77
CA GLN C 172 -5.01 36.55 -9.51
C GLN C 172 -5.05 35.08 -9.22
N ASP C 173 -4.07 34.61 -8.43
CA ASP C 173 -4.03 33.24 -8.04
C ASP C 173 -3.60 33.20 -6.61
N PRO C 174 -4.51 33.05 -5.69
CA PRO C 174 -4.17 33.03 -4.30
C PRO C 174 -3.25 31.90 -4.01
N ALA C 175 -3.49 30.72 -4.60
CA ALA C 175 -2.55 29.66 -4.41
C ALA C 175 -1.87 29.53 -5.72
N ALA C 176 -0.82 30.36 -5.93
CA ALA C 176 -0.13 30.37 -7.18
C ALA C 176 0.58 29.07 -7.39
N GLY C 177 1.30 28.59 -6.35
CA GLY C 177 2.08 27.40 -6.52
C GLY C 177 3.12 27.71 -7.55
N THR C 178 3.21 26.86 -8.60
CA THR C 178 4.14 27.00 -9.68
C THR C 178 3.68 28.08 -10.60
N ALA C 179 2.46 28.61 -10.39
CA ALA C 179 1.91 29.59 -11.28
C ALA C 179 1.51 28.95 -12.57
N GLY C 180 0.89 27.76 -12.47
CA GLY C 180 0.40 27.08 -13.64
C GLY C 180 -0.69 27.87 -14.30
N PHE C 181 -1.68 28.37 -13.52
CA PHE C 181 -2.80 29.07 -14.09
C PHE C 181 -2.35 30.35 -14.71
N LEU C 182 -1.46 31.10 -14.02
CA LEU C 182 -1.06 32.39 -14.52
C LEU C 182 -0.40 32.25 -15.84
N ILE C 183 0.51 31.27 -15.99
CA ILE C 183 1.17 31.11 -17.25
C ILE C 183 0.17 30.79 -18.31
N GLU C 184 -0.80 29.91 -18.01
CA GLU C 184 -1.76 29.55 -19.02
C GLU C 184 -2.55 30.76 -19.41
N ALA C 185 -2.93 31.59 -18.42
CA ALA C 185 -3.74 32.75 -18.71
C ALA C 185 -2.97 33.65 -19.63
N ASP C 186 -1.67 33.83 -19.35
CA ASP C 186 -0.84 34.72 -20.12
C ASP C 186 -0.80 34.20 -21.52
N ARG C 187 -0.68 32.87 -21.67
CA ARG C 187 -0.57 32.27 -22.96
C ARG C 187 -1.81 32.56 -23.74
N TYR C 188 -2.97 32.47 -23.06
CA TYR C 188 -4.23 32.67 -23.71
C TYR C 188 -4.30 34.06 -24.24
N VAL C 189 -3.89 35.05 -23.43
CA VAL C 189 -3.98 36.41 -23.84
C VAL C 189 -3.12 36.64 -25.05
N LYS C 190 -1.88 36.12 -25.01
CA LYS C 190 -0.96 36.36 -26.09
C LYS C 190 -1.48 35.75 -27.35
N SER C 191 -2.10 34.56 -27.25
CA SER C 191 -2.53 33.89 -28.45
C SER C 191 -3.50 34.79 -29.16
N GLN C 192 -4.33 35.54 -28.41
CA GLN C 192 -5.29 36.42 -29.00
C GLN C 192 -4.64 37.63 -29.61
N THR C 193 -3.67 38.21 -28.87
CA THR C 193 -2.97 39.45 -29.12
C THR C 193 -1.88 39.40 -30.16
N ASN C 194 -1.47 38.21 -30.65
CA ASN C 194 -0.33 38.18 -31.53
C ASN C 194 0.85 38.54 -30.69
N ASP C 195 0.92 37.90 -29.51
CA ASP C 195 1.98 38.09 -28.58
C ASP C 195 2.06 39.52 -28.17
N LEU C 196 0.87 40.12 -27.92
CA LEU C 196 0.81 41.46 -27.39
C LEU C 196 1.22 42.43 -28.46
N ASP C 197 1.53 41.92 -29.66
CA ASP C 197 1.94 42.82 -30.71
C ASP C 197 0.79 43.70 -31.05
N ASP C 198 -0.43 43.13 -30.99
CA ASP C 198 -1.61 43.85 -31.35
C ASP C 198 -1.78 45.01 -30.41
N LEU C 199 -1.40 44.81 -29.13
CA LEU C 199 -1.60 45.80 -28.11
C LEU C 199 -0.57 46.87 -28.20
N ASP C 200 -0.89 48.05 -27.62
CA ASP C 200 0.03 49.15 -27.60
C ASP C 200 1.05 48.86 -26.55
N GLY C 201 2.14 49.65 -26.53
CA GLY C 201 3.24 49.42 -25.63
C GLY C 201 2.78 49.55 -24.22
N ASP C 202 1.93 50.54 -23.92
CA ASP C 202 1.51 50.74 -22.57
C ASP C 202 0.80 49.52 -22.09
N THR C 203 -0.12 48.99 -22.91
CA THR C 203 -0.88 47.84 -22.53
C THR C 203 0.05 46.70 -22.38
N GLN C 204 1.06 46.62 -23.27
CA GLN C 204 1.98 45.53 -23.25
C GLN C 204 2.70 45.53 -21.93
N ASP C 205 3.11 46.71 -21.45
CA ASP C 205 3.81 46.76 -20.19
C ASP C 205 2.89 46.28 -19.12
N PHE C 206 1.59 46.64 -19.23
CA PHE C 206 0.63 46.30 -18.24
C PHE C 206 0.59 44.81 -18.13
N GLN C 207 0.50 44.12 -19.28
CA GLN C 207 0.38 42.70 -19.25
C GLN C 207 1.61 42.11 -18.65
N ILE C 208 2.79 42.63 -19.02
CA ILE C 208 3.97 42.00 -18.53
C ILE C 208 4.07 42.15 -17.05
N HIS C 209 4.03 43.39 -16.54
CA HIS C 209 4.21 43.58 -15.13
C HIS C 209 2.97 43.35 -14.29
N ARG C 210 1.90 44.11 -14.59
CA ARG C 210 0.67 44.20 -13.83
C ARG C 210 -0.35 43.12 -14.05
N ALA C 211 -0.45 42.56 -15.26
CA ALA C 211 -1.56 41.72 -15.61
C ALA C 211 -1.72 40.54 -14.70
N PHE C 212 -0.64 39.82 -14.34
CA PHE C 212 -0.87 38.65 -13.56
C PHE C 212 -0.23 38.80 -12.21
N ILE C 213 -0.86 38.22 -11.17
CA ILE C 213 -0.31 38.28 -9.84
C ILE C 213 -0.56 36.95 -9.18
N GLY C 214 0.30 36.57 -8.21
CA GLY C 214 0.12 35.32 -7.53
C GLY C 214 0.73 35.42 -6.18
N LEU C 215 0.36 34.48 -5.27
CA LEU C 215 0.92 34.51 -3.95
C LEU C 215 1.27 33.10 -3.57
N GLU C 216 2.46 32.89 -2.97
CA GLU C 216 2.83 31.56 -2.57
C GLU C 216 3.38 31.59 -1.17
N LEU C 217 2.87 30.70 -0.30
CA LEU C 217 3.31 30.60 1.06
C LEU C 217 4.70 30.07 1.12
N VAL C 218 4.98 28.94 0.43
CA VAL C 218 6.28 28.34 0.55
C VAL C 218 7.22 29.10 -0.30
N PRO C 219 8.33 29.43 0.30
CA PRO C 219 9.36 30.15 -0.39
C PRO C 219 9.95 29.28 -1.45
N GLY C 220 10.04 27.97 -1.18
CA GLY C 220 10.65 27.08 -2.11
C GLY C 220 9.82 27.05 -3.34
N THR C 221 8.48 26.94 -3.16
CA THR C 221 7.59 26.85 -4.28
C THR C 221 7.64 28.13 -5.04
N ARG C 222 7.72 29.27 -4.32
CA ARG C 222 7.68 30.55 -4.94
C ARG C 222 8.83 30.68 -5.89
N ARG C 223 10.00 30.15 -5.51
CA ARG C 223 11.17 30.27 -6.32
C ARG C 223 10.89 29.61 -7.64
N LEU C 224 10.31 28.41 -7.61
CA LEU C 224 10.04 27.66 -8.80
C LEU C 224 9.11 28.44 -9.66
N ALA C 225 8.06 29.02 -9.05
CA ALA C 225 7.09 29.74 -9.81
C ALA C 225 7.73 30.92 -10.45
N LEU C 226 8.63 31.60 -9.71
CA LEU C 226 9.25 32.79 -10.23
C LEU C 226 10.03 32.45 -11.46
N MET C 227 10.79 31.34 -11.39
CA MET C 227 11.60 30.96 -12.50
C MET C 227 10.71 30.65 -13.65
N ASN C 228 9.56 30.00 -13.37
CA ASN C 228 8.66 29.60 -14.41
C ASN C 228 8.23 30.83 -15.17
N CYS C 229 7.79 31.87 -14.45
CA CYS C 229 7.30 33.06 -15.07
C CYS C 229 8.41 33.72 -15.82
N LEU C 230 9.64 33.68 -15.25
CA LEU C 230 10.74 34.38 -15.83
C LEU C 230 10.98 33.86 -17.21
N LEU C 231 11.01 32.53 -17.38
CA LEU C 231 11.25 31.97 -18.68
C LEU C 231 10.09 32.33 -19.56
N HIS C 232 8.90 32.41 -18.96
CA HIS C 232 7.67 32.74 -19.62
C HIS C 232 7.62 34.20 -19.98
N ASP C 233 8.59 35.00 -19.49
CA ASP C 233 8.64 36.41 -19.78
C ASP C 233 7.58 37.13 -19.01
N ILE C 234 7.25 36.63 -17.80
CA ILE C 234 6.32 37.35 -16.99
C ILE C 234 7.12 37.98 -15.87
N GLU C 235 7.49 39.26 -16.04
CA GLU C 235 8.31 39.95 -15.08
C GLU C 235 7.59 40.27 -13.81
N GLY C 236 6.39 40.88 -13.91
CA GLY C 236 5.67 41.21 -12.71
C GLY C 236 6.27 42.42 -12.07
N ASN C 237 6.11 42.54 -10.72
CA ASN C 237 6.57 43.67 -9.99
C ASN C 237 7.89 43.37 -9.36
N LEU C 238 8.89 44.23 -9.64
CA LEU C 238 10.23 44.07 -9.14
C LEU C 238 10.25 44.22 -7.66
N ASP C 239 9.42 45.13 -7.11
CA ASP C 239 9.47 45.36 -5.69
C ASP C 239 9.19 44.08 -4.99
N HIS C 240 8.15 43.37 -5.44
CA HIS C 240 7.74 42.12 -4.88
C HIS C 240 8.70 41.04 -5.28
N GLY C 241 9.48 41.26 -6.35
CA GLY C 241 10.42 40.26 -6.78
C GLY C 241 9.93 39.76 -8.08
N GLY C 242 8.61 39.86 -8.33
CA GLY C 242 8.15 39.42 -9.60
C GLY C 242 6.67 39.23 -9.53
N ALA C 243 6.16 38.35 -10.42
CA ALA C 243 4.76 38.08 -10.51
C ALA C 243 4.28 37.42 -9.27
N ILE C 244 5.00 36.40 -8.78
CA ILE C 244 4.51 35.68 -7.63
C ILE C 244 5.09 36.30 -6.40
N ARG C 245 4.20 36.70 -5.46
CA ARG C 245 4.63 37.29 -4.24
C ARG C 245 4.76 36.21 -3.23
N LEU C 246 5.57 36.46 -2.17
CA LEU C 246 5.74 35.48 -1.15
C LEU C 246 4.95 35.94 0.02
N GLY C 247 4.00 35.10 0.51
CA GLY C 247 3.22 35.53 1.63
C GLY C 247 2.12 34.55 1.88
N ASN C 248 1.32 34.81 2.94
CA ASN C 248 0.25 33.95 3.32
C ASN C 248 -1.02 34.58 2.85
N THR C 249 -1.86 33.81 2.13
CA THR C 249 -3.11 34.30 1.65
C THR C 249 -4.01 34.53 2.83
N LEU C 250 -4.04 33.56 3.75
CA LEU C 250 -4.89 33.57 4.91
C LEU C 250 -4.46 34.65 5.86
N GLY C 251 -3.21 35.12 5.76
CA GLY C 251 -2.72 36.12 6.66
C GLY C 251 -2.94 37.50 6.10
N SER C 252 -2.13 38.47 6.61
CA SER C 252 -2.20 39.85 6.26
C SER C 252 -1.88 40.02 4.81
N ASP C 253 -0.99 39.17 4.27
CA ASP C 253 -0.57 39.32 2.91
C ASP C 253 -1.79 39.20 2.04
N GLY C 254 -2.66 38.23 2.36
CA GLY C 254 -3.79 37.96 1.50
C GLY C 254 -4.64 39.19 1.37
N GLU C 255 -4.94 39.88 2.49
CA GLU C 255 -5.79 41.03 2.42
C GLU C 255 -5.09 42.12 1.70
N ASN C 256 -3.76 42.23 1.88
CA ASN C 256 -2.99 43.28 1.27
C ASN C 256 -3.06 43.12 -0.22
N LEU C 257 -3.24 41.87 -0.70
CA LEU C 257 -3.22 41.59 -2.10
C LEU C 257 -4.27 42.42 -2.77
N PRO C 258 -3.98 42.78 -4.00
CA PRO C 258 -4.85 43.62 -4.78
C PRO C 258 -6.06 42.91 -5.26
N LYS C 259 -7.11 43.68 -5.64
CA LYS C 259 -8.34 43.15 -6.13
C LYS C 259 -8.10 42.66 -7.53
N ALA C 260 -8.91 41.70 -8.01
CA ALA C 260 -8.67 41.21 -9.34
C ALA C 260 -9.96 41.01 -10.06
N HIS C 261 -9.91 41.19 -11.39
CA HIS C 261 -11.03 40.99 -12.25
C HIS C 261 -11.33 39.52 -12.37
N ILE C 262 -10.29 38.70 -12.52
CA ILE C 262 -10.51 37.29 -12.75
C ILE C 262 -9.70 36.51 -11.77
N VAL C 263 -10.23 35.35 -11.32
CA VAL C 263 -9.47 34.54 -10.41
C VAL C 263 -9.58 33.11 -10.83
N ALA C 264 -8.43 32.42 -10.97
CA ALA C 264 -8.46 31.02 -11.28
C ALA C 264 -7.47 30.39 -10.36
N THR C 265 -7.92 29.44 -9.52
CA THR C 265 -6.97 28.86 -8.62
C THR C 265 -7.42 27.52 -8.16
N ASN C 266 -6.46 26.70 -7.72
CA ASN C 266 -6.73 25.42 -7.14
C ASN C 266 -6.10 25.49 -5.79
N PRO C 267 -6.89 25.69 -4.77
CA PRO C 267 -6.34 25.79 -3.45
C PRO C 267 -5.99 24.44 -2.94
N PRO C 268 -5.19 24.39 -1.91
CA PRO C 268 -4.78 23.13 -1.36
C PRO C 268 -5.91 22.48 -0.64
N PHE C 269 -5.94 21.14 -0.67
CA PHE C 269 -6.94 20.33 -0.05
C PHE C 269 -6.39 19.92 1.29
N GLY C 270 -7.27 19.48 2.20
CA GLY C 270 -6.80 19.01 3.47
C GLY C 270 -6.58 20.19 4.35
N SER C 271 -5.88 19.95 5.48
CA SER C 271 -5.63 20.98 6.44
C SER C 271 -4.75 22.01 5.81
N ALA C 272 -3.89 21.58 4.86
CA ALA C 272 -2.99 22.46 4.15
C ALA C 272 -1.70 22.54 4.89
N ALA C 273 -0.73 23.28 4.31
CA ALA C 273 0.57 23.47 4.87
C ALA C 273 0.43 24.43 6.00
N GLY C 274 1.53 24.68 6.73
CA GLY C 274 1.46 25.58 7.85
C GLY C 274 1.00 26.90 7.37
N THR C 275 -0.32 27.17 7.53
CA THR C 275 -0.87 28.44 7.18
C THR C 275 -1.85 28.78 8.26
N ASN C 276 -1.48 29.72 9.13
CA ASN C 276 -2.35 30.13 10.19
C ASN C 276 -3.33 31.11 9.63
N ILE C 277 -4.59 31.04 10.09
CA ILE C 277 -5.60 31.91 9.56
C ILE C 277 -5.69 33.09 10.48
N THR C 278 -4.75 34.03 10.30
CA THR C 278 -4.69 35.24 11.07
C THR C 278 -5.76 36.19 10.65
N ARG C 279 -6.35 35.97 9.46
CA ARG C 279 -7.27 36.94 8.97
C ARG C 279 -8.68 36.58 9.31
N THR C 280 -9.51 37.62 9.55
CA THR C 280 -10.88 37.46 9.90
C THR C 280 -11.66 37.34 8.63
N PHE C 281 -12.82 36.66 8.69
CA PHE C 281 -13.64 36.50 7.52
C PHE C 281 -15.06 36.72 7.93
N VAL C 282 -15.97 36.75 6.93
CA VAL C 282 -17.35 36.97 7.21
C VAL C 282 -17.79 35.85 8.09
N HIS C 283 -17.43 34.61 7.73
CA HIS C 283 -17.76 33.50 8.57
C HIS C 283 -16.46 32.82 8.88
N PRO C 284 -16.02 32.96 10.10
CA PRO C 284 -14.77 32.36 10.46
C PRO C 284 -14.91 30.89 10.43
N THR C 285 -13.90 30.17 9.89
CA THR C 285 -14.02 28.75 9.84
C THR C 285 -12.65 28.16 9.90
N SER C 286 -12.57 26.93 10.43
CA SER C 286 -11.33 26.21 10.50
C SER C 286 -11.00 25.71 9.13
N ASN C 287 -12.03 25.56 8.27
CA ASN C 287 -11.85 25.00 6.96
C ASN C 287 -10.97 25.91 6.17
N LYS C 288 -9.79 25.39 5.76
CA LYS C 288 -8.84 26.16 5.01
C LYS C 288 -9.43 26.47 3.67
N GLN C 289 -10.05 25.46 3.03
CA GLN C 289 -10.59 25.62 1.71
C GLN C 289 -11.69 26.62 1.75
N LEU C 290 -12.54 26.56 2.79
CA LEU C 290 -13.64 27.48 2.87
C LEU C 290 -13.08 28.86 3.01
N CYS C 291 -11.96 29.00 3.74
CA CYS C 291 -11.37 30.29 3.95
C CYS C 291 -10.98 30.88 2.64
N PHE C 292 -10.39 30.06 1.74
CA PHE C 292 -9.97 30.57 0.47
C PHE C 292 -11.15 31.11 -0.28
N MET C 293 -12.28 30.39 -0.21
CA MET C 293 -13.43 30.79 -0.97
C MET C 293 -13.85 32.16 -0.56
N GLN C 294 -13.84 32.45 0.76
CA GLN C 294 -14.26 33.75 1.20
C GLN C 294 -13.32 34.78 0.66
N HIS C 295 -12.02 34.46 0.62
CA HIS C 295 -11.03 35.38 0.12
C HIS C 295 -11.32 35.71 -1.30
N ILE C 296 -11.63 34.68 -2.12
CA ILE C 296 -11.83 34.89 -3.51
C ILE C 296 -12.97 35.82 -3.72
N ILE C 297 -14.04 35.63 -2.94
CA ILE C 297 -15.21 36.45 -3.10
C ILE C 297 -14.83 37.87 -2.82
N GLU C 298 -14.02 38.09 -1.77
CA GLU C 298 -13.66 39.42 -1.37
C GLU C 298 -12.85 40.14 -2.41
N THR C 299 -11.80 39.50 -2.94
CA THR C 299 -10.89 40.16 -3.85
C THR C 299 -11.58 40.54 -5.12
N LEU C 300 -12.53 39.72 -5.59
CA LEU C 300 -13.12 39.98 -6.87
C LEU C 300 -13.79 41.32 -6.88
N HIS C 301 -13.64 42.02 -8.02
CA HIS C 301 -14.28 43.28 -8.23
C HIS C 301 -15.70 42.97 -8.54
N PRO C 302 -16.56 43.95 -8.46
CA PRO C 302 -17.95 43.75 -8.71
C PRO C 302 -18.06 43.28 -10.12
N GLY C 303 -18.87 42.23 -10.37
CA GLY C 303 -19.03 41.74 -11.70
C GLY C 303 -17.82 40.95 -12.09
N GLY C 304 -17.01 40.54 -11.09
CA GLY C 304 -15.82 39.79 -11.42
C GLY C 304 -16.24 38.37 -11.64
N ARG C 305 -15.29 37.52 -12.08
CA ARG C 305 -15.63 36.14 -12.33
C ARG C 305 -14.49 35.29 -11.88
N ALA C 306 -14.75 33.99 -11.61
CA ALA C 306 -13.68 33.14 -11.21
C ALA C 306 -14.10 31.71 -11.29
N ALA C 307 -13.12 30.80 -11.35
CA ALA C 307 -13.39 29.39 -11.34
C ALA C 307 -12.51 28.83 -10.26
N VAL C 308 -13.06 27.92 -9.44
CA VAL C 308 -12.22 27.42 -8.39
C VAL C 308 -12.35 25.94 -8.32
N VAL C 309 -11.21 25.24 -8.14
CA VAL C 309 -11.25 23.82 -7.99
C VAL C 309 -11.47 23.58 -6.54
N VAL C 310 -12.42 22.69 -6.20
CA VAL C 310 -12.67 22.46 -4.80
C VAL C 310 -13.02 21.02 -4.61
N PRO C 311 -12.83 20.56 -3.41
CA PRO C 311 -13.18 19.21 -3.07
C PRO C 311 -14.65 19.14 -2.85
N ASP C 312 -15.21 17.92 -2.81
CA ASP C 312 -16.60 17.71 -2.59
C ASP C 312 -16.94 18.20 -1.22
N ASN C 313 -15.92 18.28 -0.34
CA ASN C 313 -16.09 18.60 1.05
C ASN C 313 -16.88 19.86 1.14
N VAL C 314 -16.51 20.86 0.33
CA VAL C 314 -17.10 22.17 0.39
C VAL C 314 -18.56 22.08 0.09
N LEU C 315 -18.95 21.25 -0.89
CA LEU C 315 -20.32 21.26 -1.33
C LEU C 315 -21.27 20.90 -0.21
N PHE C 316 -21.10 19.72 0.39
CA PHE C 316 -22.00 19.21 1.40
C PHE C 316 -21.80 19.74 2.79
N GLU C 317 -20.54 20.01 3.21
CA GLU C 317 -20.23 20.28 4.58
C GLU C 317 -21.16 21.27 5.21
N GLY C 318 -21.65 20.90 6.41
CA GLY C 318 -22.61 21.67 7.14
C GLY C 318 -21.89 22.57 8.09
N GLY C 319 -22.62 23.03 9.13
CA GLY C 319 -22.02 23.91 10.09
C GLY C 319 -21.82 25.22 9.41
N LYS C 320 -20.60 25.78 9.55
CA LYS C 320 -20.28 27.04 8.95
C LYS C 320 -20.34 26.88 7.47
N GLY C 321 -20.05 25.66 6.97
CA GLY C 321 -20.00 25.44 5.56
C GLY C 321 -21.31 25.83 4.96
N THR C 322 -22.43 25.53 5.64
CA THR C 322 -23.70 25.88 5.09
C THR C 322 -23.80 27.37 5.01
N ASP C 323 -23.33 28.09 6.05
CA ASP C 323 -23.45 29.51 6.10
C ASP C 323 -22.67 30.11 4.96
N ILE C 324 -21.43 29.64 4.78
CA ILE C 324 -20.57 30.19 3.76
C ILE C 324 -21.18 29.90 2.43
N ARG C 325 -21.72 28.68 2.25
CA ARG C 325 -22.27 28.29 1.00
C ARG C 325 -23.40 29.22 0.67
N ARG C 326 -24.24 29.53 1.66
CA ARG C 326 -25.36 30.40 1.45
C ARG C 326 -24.84 31.75 1.08
N ASP C 327 -23.76 32.17 1.76
CA ASP C 327 -23.20 33.47 1.55
C ASP C 327 -22.76 33.57 0.12
N LEU C 328 -22.18 32.48 -0.41
CA LEU C 328 -21.67 32.48 -1.75
C LEU C 328 -22.79 32.72 -2.72
N MET C 329 -23.90 32.00 -2.55
CA MET C 329 -24.98 32.13 -3.49
C MET C 329 -25.54 33.52 -3.40
N ASP C 330 -25.63 34.08 -2.17
CA ASP C 330 -26.17 35.41 -2.07
C ASP C 330 -25.30 36.40 -2.77
N LYS C 331 -24.02 36.48 -2.39
CA LYS C 331 -23.14 37.47 -2.93
C LYS C 331 -22.81 37.20 -4.35
N CYS C 332 -22.59 35.92 -4.71
CA CYS C 332 -22.16 35.64 -6.05
C CYS C 332 -23.24 34.92 -6.78
N HIS C 333 -23.10 34.88 -8.12
CA HIS C 333 -24.04 34.18 -8.95
C HIS C 333 -23.36 32.93 -9.38
N LEU C 334 -23.66 31.80 -8.70
CA LEU C 334 -23.03 30.57 -9.04
C LEU C 334 -23.85 29.89 -10.08
N HIS C 335 -23.41 30.01 -11.35
CA HIS C 335 -24.06 29.38 -12.47
C HIS C 335 -23.72 27.94 -12.70
N THR C 336 -22.43 27.55 -12.64
CA THR C 336 -22.13 26.21 -13.09
C THR C 336 -21.26 25.48 -12.12
N ILE C 337 -21.39 24.13 -12.10
CA ILE C 337 -20.58 23.29 -11.27
C ILE C 337 -20.13 22.14 -12.11
N LEU C 338 -18.84 21.77 -12.02
CA LEU C 338 -18.37 20.67 -12.82
C LEU C 338 -17.90 19.59 -11.89
N ARG C 339 -18.40 18.35 -12.11
CA ARG C 339 -17.96 17.29 -11.25
C ARG C 339 -16.91 16.54 -12.00
N LEU C 340 -15.69 16.54 -11.43
CA LEU C 340 -14.56 15.90 -12.05
C LEU C 340 -14.58 14.45 -11.73
N PRO C 341 -13.97 13.71 -12.61
CA PRO C 341 -13.78 12.30 -12.47
C PRO C 341 -12.66 12.07 -11.50
N THR C 342 -12.37 10.80 -11.16
CA THR C 342 -11.33 10.54 -10.20
C THR C 342 -10.16 9.91 -10.88
N GLY C 343 -8.98 9.97 -10.21
CA GLY C 343 -7.78 9.35 -10.71
C GLY C 343 -6.98 10.37 -11.47
N ILE C 344 -7.57 11.55 -11.73
CA ILE C 344 -6.92 12.59 -12.46
C ILE C 344 -5.81 13.21 -11.67
N PHE C 345 -6.03 13.46 -10.35
CA PHE C 345 -5.06 14.11 -9.51
C PHE C 345 -4.04 13.15 -9.02
N TYR C 346 -2.96 13.68 -8.40
CA TYR C 346 -1.90 12.85 -7.94
C TYR C 346 -2.48 11.97 -6.87
N ALA C 347 -3.36 12.55 -6.00
CA ALA C 347 -4.01 11.78 -4.96
C ALA C 347 -5.17 11.05 -5.57
N GLN C 348 -5.35 9.76 -5.20
CA GLN C 348 -6.37 8.91 -5.76
C GLN C 348 -7.76 9.15 -5.23
N GLY C 349 -7.91 9.21 -3.89
CA GLY C 349 -9.19 9.23 -3.22
C GLY C 349 -9.99 10.47 -3.48
N VAL C 350 -9.31 11.63 -3.59
CA VAL C 350 -9.95 12.91 -3.61
C VAL C 350 -10.98 13.07 -4.69
N LYS C 351 -12.10 13.73 -4.33
CA LYS C 351 -13.16 14.04 -5.24
C LYS C 351 -13.12 15.53 -5.43
N THR C 352 -13.14 15.98 -6.70
CA THR C 352 -12.99 17.39 -6.91
C THR C 352 -14.09 17.91 -7.81
N ASN C 353 -14.28 19.24 -7.79
CA ASN C 353 -15.30 19.88 -8.57
C ASN C 353 -14.76 21.20 -9.01
N VAL C 354 -15.45 21.87 -9.96
CA VAL C 354 -15.01 23.17 -10.38
C VAL C 354 -16.20 24.08 -10.30
N LEU C 355 -16.07 25.20 -9.56
CA LEU C 355 -17.19 26.08 -9.41
C LEU C 355 -17.03 27.22 -10.36
N PHE C 356 -18.16 27.69 -10.93
CA PHE C 356 -18.10 28.82 -11.81
C PHE C 356 -19.11 29.80 -11.31
N PHE C 357 -18.70 31.05 -11.07
CA PHE C 357 -19.65 32.01 -10.58
C PHE C 357 -19.16 33.39 -10.85
N THR C 358 -20.03 34.40 -10.64
CA THR C 358 -19.66 35.76 -10.90
C THR C 358 -19.89 36.55 -9.65
N LYS C 359 -19.15 37.67 -9.53
CA LYS C 359 -19.31 38.50 -8.37
C LYS C 359 -20.54 39.29 -8.59
N GLY C 360 -21.58 39.04 -7.78
CA GLY C 360 -22.81 39.74 -7.96
C GLY C 360 -23.39 39.28 -9.26
N THR C 361 -24.02 40.20 -10.01
CA THR C 361 -24.62 39.81 -11.26
C THR C 361 -24.17 40.77 -12.31
N VAL C 362 -24.30 40.34 -13.59
CA VAL C 362 -23.91 41.17 -14.69
C VAL C 362 -24.79 42.38 -14.68
N ALA C 363 -26.12 42.17 -14.53
CA ALA C 363 -27.02 43.27 -14.53
C ALA C 363 -26.70 44.14 -13.36
N ASN C 364 -26.53 43.52 -12.17
CA ASN C 364 -26.24 44.31 -11.02
C ASN C 364 -24.96 43.77 -10.44
N PRO C 365 -23.88 44.43 -10.74
CA PRO C 365 -22.61 43.98 -10.26
C PRO C 365 -22.52 44.13 -8.78
N ASN C 366 -23.31 45.05 -8.19
CA ASN C 366 -23.21 45.22 -6.77
C ASN C 366 -24.47 44.66 -6.19
N GLN C 367 -24.76 43.37 -6.44
CA GLN C 367 -25.95 42.83 -5.86
C GLN C 367 -25.54 41.98 -4.72
N ASP C 368 -25.97 42.36 -3.50
CA ASP C 368 -25.62 41.64 -2.32
C ASP C 368 -26.26 40.29 -2.22
N LYS C 369 -27.57 40.16 -2.52
CA LYS C 369 -28.15 38.87 -2.27
C LYS C 369 -28.99 38.40 -3.41
N ASN C 370 -29.38 37.11 -3.33
CA ASN C 370 -30.24 36.44 -4.27
C ASN C 370 -29.61 36.47 -5.62
N CYS C 371 -28.27 36.43 -5.68
CA CYS C 371 -27.59 36.44 -6.94
C CYS C 371 -27.81 35.15 -7.69
N THR C 372 -27.67 33.98 -7.02
CA THR C 372 -27.70 32.71 -7.71
C THR C 372 -29.10 32.16 -7.84
N ASP C 373 -29.71 32.27 -9.04
CA ASP C 373 -31.00 31.69 -9.33
C ASP C 373 -30.97 30.22 -9.68
N ASP C 374 -30.19 29.84 -10.72
CA ASP C 374 -30.20 28.48 -11.20
C ASP C 374 -28.80 27.99 -11.24
N VAL C 375 -28.63 26.66 -11.07
CA VAL C 375 -27.31 26.14 -11.14
C VAL C 375 -27.30 24.99 -12.11
N TRP C 376 -26.25 24.90 -12.93
CA TRP C 376 -26.15 23.82 -13.87
C TRP C 376 -25.09 22.91 -13.37
N VAL C 377 -25.24 21.59 -13.59
CA VAL C 377 -24.25 20.68 -13.11
C VAL C 377 -23.90 19.74 -14.22
N TYR C 378 -22.62 19.32 -14.27
CA TYR C 378 -22.19 18.41 -15.28
C TYR C 378 -21.56 17.26 -14.57
N ASP C 379 -22.03 16.02 -14.85
CA ASP C 379 -21.52 14.88 -14.17
C ASP C 379 -20.50 14.23 -15.04
N LEU C 380 -19.24 14.67 -14.91
CA LEU C 380 -18.15 14.09 -15.65
C LEU C 380 -17.67 12.85 -14.91
N ARG C 381 -17.94 12.76 -13.59
CA ARG C 381 -17.41 11.70 -12.75
C ARG C 381 -17.96 10.31 -12.95
N THR C 382 -19.29 10.11 -12.90
CA THR C 382 -19.75 8.75 -12.83
C THR C 382 -19.63 8.09 -14.15
N ASN C 383 -19.56 6.74 -14.11
CA ASN C 383 -19.50 5.90 -15.26
C ASN C 383 -18.45 6.40 -16.19
N MET C 384 -17.20 6.51 -15.69
CA MET C 384 -16.14 6.98 -16.51
C MET C 384 -15.01 6.00 -16.48
N PRO C 385 -14.26 6.02 -17.55
CA PRO C 385 -13.12 5.16 -17.72
C PRO C 385 -12.16 5.43 -16.61
N SER C 386 -11.55 4.38 -16.05
CA SER C 386 -10.62 4.64 -14.99
C SER C 386 -9.42 5.26 -15.62
N PHE C 387 -8.99 6.41 -15.06
CA PHE C 387 -7.85 7.09 -15.59
C PHE C 387 -6.65 6.59 -14.87
N GLY C 388 -5.47 6.79 -15.47
CA GLY C 388 -4.24 6.36 -14.91
C GLY C 388 -3.20 6.57 -15.94
N LYS C 389 -1.99 6.04 -15.71
CA LYS C 389 -0.94 6.21 -16.65
C LYS C 389 -1.42 5.59 -17.91
N ARG C 390 -2.04 4.38 -17.80
CA ARG C 390 -2.51 3.68 -18.95
C ARG C 390 -3.61 4.46 -19.59
N THR C 391 -4.56 4.99 -18.79
CA THR C 391 -5.66 5.71 -19.37
C THR C 391 -5.48 7.15 -19.01
N PRO C 392 -4.95 7.92 -19.92
CA PRO C 392 -4.71 9.30 -19.61
C PRO C 392 -5.94 10.12 -19.66
N PHE C 393 -5.93 11.27 -18.96
CA PHE C 393 -7.03 12.18 -18.96
C PHE C 393 -6.64 13.24 -19.93
N THR C 394 -7.50 13.48 -20.95
CA THR C 394 -7.09 14.40 -21.97
C THR C 394 -8.13 15.47 -22.15
N ASP C 395 -7.83 16.39 -23.07
CA ASP C 395 -8.62 17.54 -23.39
C ASP C 395 -9.93 17.07 -23.96
N GLU C 396 -9.91 15.96 -24.72
CA GLU C 396 -11.09 15.49 -25.37
C GLU C 396 -12.17 15.22 -24.37
N HIS C 397 -11.81 14.71 -23.18
CA HIS C 397 -12.81 14.37 -22.23
C HIS C 397 -13.61 15.61 -21.89
N LEU C 398 -12.91 16.74 -21.73
CA LEU C 398 -13.46 18.01 -21.33
C LEU C 398 -14.32 18.66 -22.39
N GLN C 399 -14.07 18.37 -23.68
CA GLN C 399 -14.68 19.11 -24.75
C GLN C 399 -16.18 19.12 -24.68
N PRO C 400 -16.85 18.04 -24.37
CA PRO C 400 -18.29 18.09 -24.36
C PRO C 400 -18.82 19.04 -23.35
N PHE C 401 -18.16 19.15 -22.18
CA PHE C 401 -18.59 20.01 -21.11
C PHE C 401 -18.51 21.44 -21.55
N GLU C 402 -17.38 21.80 -22.20
CA GLU C 402 -17.18 23.17 -22.59
C GLU C 402 -18.23 23.54 -23.59
N ARG C 403 -18.62 22.62 -24.47
CA ARG C 403 -19.57 22.95 -25.49
C ARG C 403 -20.87 23.38 -24.87
N VAL C 404 -21.39 22.57 -23.92
CA VAL C 404 -22.65 22.87 -23.29
C VAL C 404 -22.50 24.11 -22.48
N TYR C 405 -21.28 24.36 -21.96
CA TYR C 405 -21.02 25.46 -21.08
C TYR C 405 -21.43 26.73 -21.75
N GLY C 406 -21.05 26.93 -23.02
CA GLY C 406 -21.43 28.15 -23.66
C GLY C 406 -20.22 29.02 -23.75
N GLU C 407 -20.18 29.86 -24.79
CA GLU C 407 -19.07 30.73 -25.05
C GLU C 407 -18.99 31.81 -24.02
N ASP C 408 -20.14 32.32 -23.56
CA ASP C 408 -20.14 33.41 -22.62
C ASP C 408 -19.39 32.99 -21.39
N PRO C 409 -18.44 33.81 -21.01
CA PRO C 409 -17.63 33.60 -19.84
C PRO C 409 -18.47 33.68 -18.61
N HIS C 410 -19.49 34.55 -18.60
CA HIS C 410 -20.35 34.69 -17.47
C HIS C 410 -21.20 33.47 -17.36
N GLY C 411 -21.41 32.75 -18.47
CA GLY C 411 -22.19 31.54 -18.38
C GLY C 411 -23.59 31.88 -18.72
N LEU C 412 -23.78 33.10 -19.25
CA LEU C 412 -25.05 33.64 -19.62
C LEU C 412 -25.62 32.95 -20.83
N SER C 413 -24.76 32.40 -21.71
CA SER C 413 -25.18 31.81 -22.96
C SER C 413 -26.34 30.89 -22.73
N PRO C 414 -27.05 30.63 -23.80
CA PRO C 414 -28.22 29.81 -23.73
C PRO C 414 -27.85 28.42 -23.35
N ARG C 415 -28.73 27.73 -22.59
CA ARG C 415 -28.37 26.41 -22.18
C ARG C 415 -29.60 25.57 -22.14
N THR C 416 -29.43 24.28 -22.45
CA THR C 416 -30.50 23.34 -22.36
C THR C 416 -29.90 22.08 -21.81
N GLU C 417 -30.73 21.28 -21.12
CA GLU C 417 -30.26 20.06 -20.55
C GLU C 417 -30.15 19.08 -21.68
N GLY C 418 -29.67 17.85 -21.43
CA GLY C 418 -29.59 16.94 -22.55
C GLY C 418 -28.18 16.72 -23.06
N GLU C 419 -27.32 16.07 -22.25
CA GLU C 419 -26.01 15.67 -22.65
C GLU C 419 -25.85 14.22 -22.32
N TRP C 420 -25.53 13.37 -23.32
CA TRP C 420 -25.36 11.97 -23.03
C TRP C 420 -24.04 11.50 -23.57
N SER C 421 -22.92 11.99 -23.00
CA SER C 421 -21.66 11.52 -23.50
C SER C 421 -21.17 10.44 -22.60
N PHE C 422 -20.07 9.79 -23.01
CA PHE C 422 -19.43 8.76 -22.23
C PHE C 422 -20.42 7.73 -21.83
N ASN C 423 -21.24 7.26 -22.79
CA ASN C 423 -22.19 6.21 -22.53
C ASN C 423 -23.08 6.63 -21.40
N ALA C 424 -23.61 7.86 -21.47
CA ALA C 424 -24.48 8.37 -20.46
C ALA C 424 -25.73 7.53 -20.43
N GLU C 425 -26.25 7.17 -21.62
CA GLU C 425 -27.49 6.46 -21.70
C GLU C 425 -27.36 5.16 -20.98
N GLU C 426 -26.22 4.48 -21.17
CA GLU C 426 -26.01 3.18 -20.61
C GLU C 426 -25.93 3.25 -19.12
N THR C 427 -25.47 4.39 -18.57
CA THR C 427 -25.27 4.51 -17.15
C THR C 427 -26.55 4.24 -16.42
N GLU C 428 -26.43 3.76 -15.17
CA GLU C 428 -27.58 3.40 -14.40
C GLU C 428 -28.12 4.62 -13.74
N VAL C 429 -29.46 4.78 -13.72
CA VAL C 429 -30.08 5.89 -13.08
C VAL C 429 -30.48 5.45 -11.71
N ALA C 430 -30.38 6.37 -10.73
CA ALA C 430 -30.65 6.06 -9.35
C ALA C 430 -31.92 6.77 -8.97
N ASP C 431 -32.52 6.40 -7.81
CA ASP C 431 -33.82 6.90 -7.42
C ASP C 431 -33.73 7.91 -6.31
N SER C 432 -34.10 9.19 -6.57
CA SER C 432 -34.06 10.19 -5.55
C SER C 432 -34.79 11.42 -6.00
N GLU C 433 -34.68 12.50 -5.19
CA GLU C 433 -35.32 13.76 -5.46
C GLU C 433 -34.84 14.34 -6.74
N GLU C 434 -33.53 14.28 -7.03
CA GLU C 434 -33.10 14.90 -8.24
C GLU C 434 -33.75 14.26 -9.43
N ASN C 435 -33.85 12.91 -9.48
CA ASN C 435 -34.52 12.38 -10.63
C ASN C 435 -35.96 12.22 -10.29
N LYS C 436 -36.51 13.10 -9.44
CA LYS C 436 -37.89 12.90 -9.12
C LYS C 436 -38.67 13.57 -10.19
N ASN C 437 -39.78 12.93 -10.63
CA ASN C 437 -40.59 13.51 -11.65
C ASN C 437 -39.73 13.80 -12.83
N THR C 438 -38.77 12.91 -13.15
CA THR C 438 -37.91 13.16 -14.26
C THR C 438 -38.17 12.09 -15.27
N ASP C 439 -38.10 12.46 -16.56
CA ASP C 439 -38.34 11.50 -17.61
C ASP C 439 -37.13 10.64 -17.76
N GLN C 440 -37.29 9.52 -18.49
CA GLN C 440 -36.26 8.53 -18.63
C GLN C 440 -35.07 9.11 -19.31
N HIS C 441 -35.29 9.84 -20.42
CA HIS C 441 -34.19 10.33 -21.19
C HIS C 441 -33.41 11.34 -20.41
N LEU C 442 -34.13 12.24 -19.71
CA LEU C 442 -33.49 13.31 -18.99
C LEU C 442 -32.66 12.77 -17.87
N ALA C 443 -33.13 11.71 -17.20
CA ALA C 443 -32.48 11.19 -16.03
C ALA C 443 -31.07 10.78 -16.39
N THR C 444 -30.87 10.21 -17.59
CA THR C 444 -29.60 9.74 -18.03
C THR C 444 -28.63 10.85 -18.30
N SER C 445 -29.12 12.05 -18.69
CA SER C 445 -28.27 13.15 -19.09
C SER C 445 -27.34 13.58 -18.00
N ARG C 446 -26.08 13.85 -18.38
CA ARG C 446 -25.03 14.35 -17.53
C ARG C 446 -25.27 15.80 -17.25
N TRP C 447 -25.87 16.53 -18.21
CA TRP C 447 -26.05 17.95 -18.09
C TRP C 447 -27.46 18.22 -17.63
N ARG C 448 -27.59 18.83 -16.43
CA ARG C 448 -28.89 19.10 -15.89
C ARG C 448 -28.80 20.37 -15.10
N LYS C 449 -29.95 20.99 -14.82
CA LYS C 449 -29.97 22.23 -14.09
C LYS C 449 -30.83 22.06 -12.89
N PHE C 450 -30.60 22.90 -11.84
CA PHE C 450 -31.39 22.79 -10.66
C PHE C 450 -31.73 24.17 -10.20
N SER C 451 -32.91 24.33 -9.55
CA SER C 451 -33.33 25.62 -9.10
C SER C 451 -32.75 25.88 -7.75
N ARG C 452 -32.67 27.18 -7.38
CA ARG C 452 -32.15 27.60 -6.12
C ARG C 452 -33.07 27.14 -5.03
N GLU C 453 -34.38 27.27 -5.27
CA GLU C 453 -35.36 26.95 -4.26
C GLU C 453 -35.28 25.47 -4.01
N TRP C 454 -35.09 24.68 -5.08
CA TRP C 454 -35.01 23.25 -4.98
C TRP C 454 -33.83 22.90 -4.13
N ILE C 455 -32.67 23.53 -4.40
CA ILE C 455 -31.49 23.21 -3.66
C ILE C 455 -31.78 23.53 -2.23
N ARG C 456 -32.42 24.68 -2.00
CA ARG C 456 -32.69 25.06 -0.66
C ARG C 456 -33.58 24.05 -0.01
N THR C 457 -34.72 23.72 -0.64
CA THR C 457 -35.63 22.81 -0.01
C THR C 457 -35.13 21.41 0.05
N ALA C 458 -34.96 20.76 -1.13
CA ALA C 458 -34.61 19.37 -1.14
C ALA C 458 -33.22 19.16 -0.62
N LYS C 459 -32.27 19.89 -1.20
CA LYS C 459 -30.88 19.77 -0.85
C LYS C 459 -30.64 20.39 0.48
N SER C 460 -31.50 21.35 0.88
CA SER C 460 -31.23 22.02 2.12
C SER C 460 -29.90 22.69 1.97
N ASP C 461 -29.75 23.44 0.86
CA ASP C 461 -28.58 24.21 0.56
C ASP C 461 -27.37 23.34 0.55
N SER C 462 -27.44 22.17 -0.13
CA SER C 462 -26.27 21.37 -0.25
C SER C 462 -25.96 21.28 -1.71
N LEU C 463 -24.70 21.61 -2.07
CA LEU C 463 -24.26 21.59 -3.44
C LEU C 463 -24.09 20.20 -3.96
N ASP C 464 -23.89 19.20 -3.09
CA ASP C 464 -23.68 17.84 -3.51
C ASP C 464 -24.94 17.36 -4.19
N ILE C 465 -25.07 17.61 -5.51
CA ILE C 465 -26.21 17.18 -6.28
C ILE C 465 -25.76 16.06 -7.15
N SER C 466 -26.51 14.93 -7.17
CA SER C 466 -26.09 13.84 -8.01
C SER C 466 -27.26 12.96 -8.38
N TRP C 467 -27.50 12.75 -9.68
CA TRP C 467 -28.51 11.89 -10.23
C TRP C 467 -28.17 10.46 -10.55
N LEU C 468 -26.89 10.06 -10.73
CA LEU C 468 -26.64 8.78 -11.35
C LEU C 468 -25.98 7.75 -10.46
N LYS C 469 -26.03 6.46 -10.91
CA LYS C 469 -25.39 5.39 -10.20
C LYS C 469 -24.26 4.83 -11.00
N ASP C 470 -23.40 4.32 -10.19
CA ASP C 470 -22.32 3.67 -10.86
C ASP C 470 -22.59 2.19 -10.74
N LYS C 471 -22.72 1.49 -11.89
CA LYS C 471 -23.02 0.08 -11.87
C LYS C 471 -22.52 -0.46 -13.19
N ASP C 472 -23.20 -1.50 -13.69
CA ASP C 472 -23.01 -2.15 -14.95
C ASP C 472 -23.96 -3.31 -14.95
N SER C 473 -25.09 -3.21 -15.65
CA SER C 473 -26.02 -4.30 -15.65
C SER C 473 -26.73 -4.30 -16.97
N ILE C 474 -27.38 -5.44 -17.31
CA ILE C 474 -28.10 -5.52 -18.55
C ILE C 474 -29.50 -5.97 -18.26
N ASP C 475 -30.49 -5.26 -18.84
CA ASP C 475 -31.87 -5.65 -18.68
C ASP C 475 -32.57 -5.19 -19.92
N ALA C 476 -33.62 -5.92 -20.35
CA ALA C 476 -34.35 -5.50 -21.52
C ALA C 476 -34.95 -4.18 -21.20
N ASP C 477 -35.07 -3.30 -22.22
CA ASP C 477 -35.58 -1.99 -21.95
C ASP C 477 -36.91 -1.79 -22.60
N SER C 478 -37.99 -2.31 -21.99
CA SER C 478 -39.30 -2.04 -22.52
C SER C 478 -40.08 -1.48 -21.37
N LEU C 479 -40.39 -0.17 -21.39
CA LEU C 479 -41.10 0.40 -20.29
C LEU C 479 -41.97 1.51 -20.78
N PRO C 480 -42.97 1.80 -19.99
CA PRO C 480 -43.83 2.90 -20.29
C PRO C 480 -43.13 4.17 -19.94
N GLU C 481 -43.55 5.31 -20.53
CA GLU C 481 -42.90 6.57 -20.28
C GLU C 481 -43.10 6.95 -18.84
N PRO C 482 -44.27 6.79 -18.31
CA PRO C 482 -44.44 7.17 -16.93
C PRO C 482 -43.65 6.30 -16.01
N ASP C 483 -43.42 5.03 -16.39
CA ASP C 483 -42.71 4.12 -15.55
C ASP C 483 -41.29 4.60 -15.41
N VAL C 484 -40.68 4.97 -16.55
CA VAL C 484 -39.30 5.41 -16.58
C VAL C 484 -39.20 6.69 -15.82
N LEU C 485 -40.26 7.51 -15.87
CA LEU C 485 -40.21 8.79 -15.23
C LEU C 485 -39.94 8.57 -13.78
N ALA C 486 -40.65 7.60 -13.15
CA ALA C 486 -40.40 7.41 -11.75
C ALA C 486 -39.38 6.32 -11.61
N ALA C 487 -38.22 6.67 -11.03
CA ALA C 487 -37.17 5.70 -10.85
C ALA C 487 -37.63 4.66 -9.88
N GLU C 488 -38.29 5.11 -8.79
CA GLU C 488 -38.75 4.24 -7.74
C GLU C 488 -39.79 3.31 -8.28
N ALA C 489 -40.63 3.84 -9.19
CA ALA C 489 -41.76 3.13 -9.74
C ALA C 489 -41.29 1.90 -10.46
N MET C 490 -40.08 1.95 -11.03
CA MET C 490 -39.61 0.91 -11.89
C MET C 490 -39.66 -0.41 -11.20
N GLY C 491 -39.28 -0.48 -9.92
CA GLY C 491 -39.25 -1.77 -9.28
C GLY C 491 -40.62 -2.38 -9.30
N GLU C 492 -41.67 -1.59 -8.97
CA GLU C 492 -42.99 -2.13 -8.89
C GLU C 492 -43.47 -2.56 -10.24
N LEU C 493 -43.27 -1.73 -11.27
CA LEU C 493 -43.79 -2.05 -12.57
C LEU C 493 -43.13 -3.28 -13.08
N VAL C 494 -41.82 -3.43 -12.84
CA VAL C 494 -41.06 -4.53 -13.36
C VAL C 494 -41.63 -5.82 -12.87
N GLN C 495 -42.10 -5.85 -11.62
CA GLN C 495 -42.58 -7.07 -11.03
C GLN C 495 -43.71 -7.59 -11.86
N ALA C 496 -44.58 -6.70 -12.38
CA ALA C 496 -45.72 -7.09 -13.14
C ALA C 496 -45.28 -7.82 -14.37
N LEU C 497 -44.17 -7.38 -14.99
CA LEU C 497 -43.71 -7.96 -16.22
C LEU C 497 -43.39 -9.41 -16.05
N SER C 498 -42.82 -9.80 -14.90
CA SER C 498 -42.37 -11.16 -14.74
C SER C 498 -43.50 -12.11 -14.96
N GLU C 499 -44.69 -11.83 -14.39
CA GLU C 499 -45.80 -12.73 -14.49
C GLU C 499 -46.26 -12.80 -15.92
N LEU C 500 -46.22 -11.67 -16.63
CA LEU C 500 -46.74 -11.58 -17.98
C LEU C 500 -46.02 -12.55 -18.86
N ASP C 501 -44.69 -12.71 -18.65
CA ASP C 501 -43.91 -13.55 -19.52
C ASP C 501 -44.43 -14.96 -19.44
N ALA C 502 -44.79 -15.44 -18.25
CA ALA C 502 -45.22 -16.81 -18.10
C ALA C 502 -46.46 -17.05 -18.91
N LEU C 503 -47.42 -16.10 -18.87
CA LEU C 503 -48.67 -16.27 -19.56
C LEU C 503 -48.42 -16.33 -21.03
N MET C 504 -47.47 -15.51 -21.52
CA MET C 504 -47.21 -15.42 -22.93
C MET C 504 -46.76 -16.75 -23.44
N ARG C 505 -45.96 -17.48 -22.65
CA ARG C 505 -45.42 -18.73 -23.12
C ARG C 505 -46.54 -19.66 -23.44
N GLU C 506 -47.56 -19.73 -22.57
CA GLU C 506 -48.65 -20.64 -22.82
C GLU C 506 -49.35 -20.24 -24.08
N LEU C 507 -49.57 -18.93 -24.26
CA LEU C 507 -50.28 -18.45 -25.41
C LEU C 507 -49.49 -18.80 -26.63
N GLY C 508 -48.16 -18.65 -26.57
CA GLY C 508 -47.37 -18.96 -27.73
C GLY C 508 -47.38 -17.76 -28.63
N ALA C 509 -47.57 -16.57 -28.05
CA ALA C 509 -47.58 -15.37 -28.84
C ALA C 509 -46.22 -15.22 -29.42
N SER C 510 -46.15 -14.61 -30.62
CA SER C 510 -44.89 -14.43 -31.29
C SER C 510 -44.17 -13.29 -30.64
N ASP C 511 -42.87 -13.16 -30.94
CA ASP C 511 -42.09 -12.10 -30.35
C ASP C 511 -42.18 -10.89 -31.23
N GLU C 512 -43.12 -9.99 -30.90
CA GLU C 512 -43.25 -8.78 -31.68
C GLU C 512 -43.55 -7.66 -30.73
N ALA C 513 -43.16 -6.44 -31.12
CA ALA C 513 -43.35 -5.26 -30.30
C ALA C 513 -44.81 -4.99 -30.14
N ASP C 514 -45.60 -5.15 -31.22
CA ASP C 514 -47.00 -4.83 -31.17
C ASP C 514 -47.67 -5.70 -30.16
N LEU C 515 -47.29 -7.00 -30.12
CA LEU C 515 -47.92 -7.91 -29.21
C LEU C 515 -47.64 -7.45 -27.82
N GLN C 516 -46.40 -7.00 -27.54
CA GLN C 516 -46.02 -6.62 -26.22
C GLN C 516 -46.86 -5.44 -25.80
N ARG C 517 -47.07 -4.48 -26.73
CA ARG C 517 -47.81 -3.29 -26.40
C ARG C 517 -49.22 -3.64 -26.05
N GLN C 518 -49.83 -4.57 -26.80
CA GLN C 518 -51.22 -4.89 -26.56
C GLN C 518 -51.38 -5.43 -25.19
N LEU C 519 -50.48 -6.35 -24.78
CA LEU C 519 -50.57 -6.97 -23.48
C LEU C 519 -50.37 -5.93 -22.42
N LEU C 520 -49.40 -5.03 -22.65
CA LEU C 520 -49.05 -4.03 -21.69
C LEU C 520 -50.21 -3.13 -21.44
N GLU C 521 -51.03 -2.88 -22.48
CA GLU C 521 -52.12 -1.95 -22.32
C GLU C 521 -53.00 -2.41 -21.19
N GLU C 522 -53.41 -3.70 -21.20
CA GLU C 522 -54.27 -4.18 -20.17
C GLU C 522 -53.54 -4.33 -18.86
N ALA C 523 -52.35 -4.95 -18.89
CA ALA C 523 -51.60 -5.26 -17.69
C ALA C 523 -51.19 -4.01 -16.99
N PHE C 524 -50.72 -3.01 -17.75
CA PHE C 524 -50.21 -1.79 -17.21
C PHE C 524 -51.29 -1.07 -16.46
N GLY C 525 -52.50 -1.01 -17.06
CA GLY C 525 -53.58 -0.29 -16.46
C GLY C 525 -53.94 -0.89 -15.15
N GLY C 526 -53.88 -2.22 -15.04
CA GLY C 526 -54.29 -2.89 -13.84
C GLY C 526 -53.47 -2.42 -12.69
N VAL C 527 -52.15 -2.25 -12.89
CA VAL C 527 -51.29 -1.86 -11.81
C VAL C 527 -51.71 -0.52 -11.31
N LYS C 528 -52.09 0.39 -12.23
CA LYS C 528 -52.45 1.72 -11.84
C LYS C 528 -53.59 1.64 -10.89
N GLU C 529 -54.58 0.77 -11.17
CA GLU C 529 -55.72 0.67 -10.31
C GLU C 529 -55.26 0.38 -8.89
#